data_4W9L
#
_entry.id   4W9L
#
_cell.length_a   93.825
_cell.length_b   93.825
_cell.length_c   362.612
_cell.angle_alpha   90.000
_cell.angle_beta   90.000
_cell.angle_gamma   90.000
#
_symmetry.space_group_name_H-M   'P 41 2 2'
#
loop_
_entity.id
_entity.type
_entity.pdbx_description
1 polymer 'Transcription elongation factor B polypeptide 2'
2 polymer 'Transcription elongation factor B polypeptide 1'
3 polymer 'Von Hippel-Lindau disease tumor suppressor'
4 non-polymer N-acetyl-3-methyl-L-valyl-3-methyl-L-valyl-(4R)-4-hydroxy-N-[4-(4-methyl-1,3-thiazol-5-yl)benzyl]-L-prolinamide
5 water water
#
loop_
_entity_poly.entity_id
_entity_poly.type
_entity_poly.pdbx_seq_one_letter_code
_entity_poly.pdbx_strand_id
1 'polypeptide(L)'
;MDVFLMIRRHKTTIFTDAKESSTVFELKRIVEGILKRPPDEQRLYKDDQLLDDGKTLGE(CAS)GFTSQTARPQAPATVG
LAFRADDTFEAL(CAS)IEPFSSPPELPDVMK
;
A,D,G,J
2 'polypeptide(L)'
;MMYVKLISSDGHEFIVKREHALTSGTIKAMLSGPGQFAENETNEVNFREIPSHVLSKVCMYFTYKVRYTNSSTEIPEFPI
APEIALELLMAANFLDC
;
B,E,H,K
3 'polypeptide(L)'
;GSMEAGRPRPVLRSVNSREPSQVIF(CAS)NRSPRVVLPVWLNFDGEPQPYPTLPPGTGRRIHSYRGHLWLFRDAGTHDG
LLVNQTELFVPSLNVDGQPIFANITLPVYTLKERCLQVVRSLVKPENYRRLDIVRSLYEDLEDHPNVQKDLERLTQERIA
HQRMGD
;
C,F,I,L
#
loop_
_chem_comp.id
_chem_comp.type
_chem_comp.name
_chem_comp.formula
3JJ non-polymer N-acetyl-3-methyl-L-valyl-3-methyl-L-valyl-(4R)-4-hydroxy-N-[4-(4-methyl-1,3-thiazol-5-yl)benzyl]-L-prolinamide 'C30 H43 N5 O5 S'
#
# COMPACT_ATOMS: atom_id res chain seq x y z
N MET A 1 26.92 -16.55 -28.02
CA MET A 1 26.70 -15.40 -27.10
C MET A 1 28.00 -15.04 -26.40
N ASP A 2 28.24 -13.74 -26.29
CA ASP A 2 29.43 -13.21 -25.63
C ASP A 2 29.29 -13.32 -24.10
N VAL A 3 30.37 -13.70 -23.44
CA VAL A 3 30.47 -13.60 -22.00
C VAL A 3 31.56 -12.59 -21.68
N PHE A 4 31.38 -11.79 -20.64
CA PHE A 4 32.35 -10.74 -20.31
C PHE A 4 33.04 -11.09 -19.00
N LEU A 5 34.37 -11.05 -19.04
CA LEU A 5 35.22 -11.67 -18.04
C LEU A 5 36.25 -10.67 -17.50
N MET A 6 36.64 -10.89 -16.26
CA MET A 6 37.82 -10.32 -15.64
C MET A 6 38.76 -11.48 -15.30
N ILE A 7 39.92 -11.56 -15.94
CA ILE A 7 40.87 -12.63 -15.66
C ILE A 7 41.89 -12.04 -14.72
N ARG A 8 42.06 -12.63 -13.54
CA ARG A 8 42.78 -11.99 -12.47
C ARG A 8 43.90 -12.82 -11.84
N ARG A 9 45.05 -12.19 -11.65
CA ARG A 9 46.19 -12.79 -10.97
C ARG A 9 46.95 -11.71 -10.23
N HIS A 10 47.19 -11.92 -8.93
CA HIS A 10 47.94 -10.99 -8.08
C HIS A 10 47.28 -9.60 -8.23
N LYS A 11 48.01 -8.59 -8.72
CA LYS A 11 47.42 -7.27 -8.96
C LYS A 11 47.14 -6.97 -10.44
N THR A 12 47.03 -8.01 -11.26
CA THR A 12 46.74 -7.90 -12.69
C THR A 12 45.28 -8.32 -12.95
N THR A 13 44.56 -7.54 -13.73
CA THR A 13 43.18 -7.86 -14.11
C THR A 13 43.01 -7.58 -15.62
N ILE A 14 42.63 -8.59 -16.39
CA ILE A 14 42.34 -8.42 -17.82
C ILE A 14 40.85 -8.38 -18.07
N PHE A 15 40.38 -7.34 -18.77
CA PHE A 15 38.99 -7.27 -19.20
C PHE A 15 38.91 -7.75 -20.64
N THR A 16 38.13 -8.81 -20.85
CA THR A 16 37.97 -9.33 -22.21
C THR A 16 36.62 -10.03 -22.33
N ASP A 17 36.17 -10.25 -23.56
CA ASP A 17 35.00 -11.08 -23.80
C ASP A 17 35.40 -12.34 -24.58
N ALA A 18 34.54 -13.36 -24.52
CA ALA A 18 34.71 -14.59 -25.31
C ALA A 18 33.34 -15.15 -25.58
N LYS A 19 33.27 -16.17 -26.44
CA LYS A 19 32.01 -16.87 -26.69
C LYS A 19 31.72 -17.87 -25.59
N GLU A 20 30.44 -18.08 -25.29
CA GLU A 20 30.03 -19.12 -24.37
C GLU A 20 30.55 -20.47 -24.86
N SER A 21 30.52 -20.67 -26.17
CA SER A 21 30.96 -21.92 -26.77
C SER A 21 32.50 -22.08 -26.93
N SER A 22 33.28 -21.04 -26.61
CA SER A 22 34.73 -21.16 -26.71
C SER A 22 35.25 -21.95 -25.50
N THR A 23 36.46 -22.48 -25.62
CA THR A 23 37.01 -23.36 -24.59
C THR A 23 37.93 -22.61 -23.63
N VAL A 24 38.20 -23.28 -22.50
CA VAL A 24 39.17 -22.83 -21.53
C VAL A 24 40.54 -22.64 -22.18
N PHE A 25 40.95 -23.61 -23.00
CA PHE A 25 42.22 -23.51 -23.70
C PHE A 25 42.31 -22.29 -24.60
N GLU A 26 41.23 -22.02 -25.32
CA GLU A 26 41.18 -20.83 -26.17
C GLU A 26 41.32 -19.56 -25.32
N LEU A 27 40.77 -19.57 -24.12
CA LEU A 27 40.94 -18.42 -23.21
C LEU A 27 42.40 -18.25 -22.80
N LYS A 28 43.12 -19.36 -22.66
CA LYS A 28 44.56 -19.32 -22.35
C LYS A 28 45.34 -18.72 -23.52
N ARG A 29 44.94 -19.03 -24.75
CA ARG A 29 45.54 -18.39 -25.91
C ARG A 29 45.33 -16.87 -25.90
N ILE A 30 44.21 -16.41 -25.37
CA ILE A 30 43.96 -14.96 -25.27
C ILE A 30 44.90 -14.37 -24.22
N VAL A 31 45.00 -15.02 -23.07
CA VAL A 31 45.97 -14.58 -22.06
C VAL A 31 47.38 -14.59 -22.65
N GLU A 32 47.73 -15.63 -23.41
CA GLU A 32 49.08 -15.71 -23.99
C GLU A 32 49.43 -14.51 -24.88
N GLY A 33 48.48 -14.07 -25.69
CA GLY A 33 48.66 -12.87 -26.51
C GLY A 33 48.94 -11.60 -25.69
N ILE A 34 48.39 -11.53 -24.49
CA ILE A 34 48.44 -10.32 -23.65
C ILE A 34 49.62 -10.36 -22.68
N LEU A 35 49.77 -11.46 -21.95
CA LEU A 35 50.82 -11.55 -20.93
C LEU A 35 52.06 -12.35 -21.36
N LYS A 36 52.07 -12.85 -22.59
CA LYS A 36 53.24 -13.55 -23.17
C LYS A 36 53.67 -14.77 -22.36
N ARG A 37 52.70 -15.57 -21.93
CA ARG A 37 52.99 -16.83 -21.24
C ARG A 37 52.16 -17.92 -21.89
N PRO A 38 52.80 -19.02 -22.33
CA PRO A 38 52.05 -20.04 -23.07
C PRO A 38 51.01 -20.77 -22.20
N PRO A 39 50.02 -21.41 -22.84
CA PRO A 39 48.95 -22.13 -22.15
C PRO A 39 49.43 -23.15 -21.10
N ASP A 40 50.50 -23.88 -21.40
CA ASP A 40 51.00 -24.89 -20.45
C ASP A 40 51.62 -24.28 -19.17
N GLU A 41 51.81 -22.97 -19.14
CA GLU A 41 52.29 -22.32 -17.93
C GLU A 41 51.18 -21.55 -17.22
N GLN A 42 49.93 -21.87 -17.57
CA GLN A 42 48.76 -21.21 -17.02
C GLN A 42 47.77 -22.20 -16.40
N ARG A 43 47.17 -21.83 -15.27
CA ARG A 43 45.98 -22.51 -14.75
C ARG A 43 44.89 -21.49 -14.58
N LEU A 44 43.70 -21.82 -15.08
CA LEU A 44 42.55 -20.97 -14.92
C LEU A 44 41.57 -21.60 -13.92
N TYR A 45 40.94 -20.72 -13.12
CA TYR A 45 40.07 -21.15 -12.03
C TYR A 45 38.72 -20.44 -12.02
N LYS A 46 37.68 -21.17 -11.65
CA LYS A 46 36.44 -20.55 -11.23
C LYS A 46 36.38 -20.75 -9.73
N ASP A 47 36.49 -19.66 -8.99
CA ASP A 47 36.71 -19.68 -7.56
C ASP A 47 37.93 -20.54 -7.29
N ASP A 48 37.80 -21.62 -6.55
CA ASP A 48 38.95 -22.47 -6.26
C ASP A 48 38.97 -23.72 -7.14
N GLN A 49 38.11 -23.77 -8.16
CA GLN A 49 38.07 -24.93 -9.04
C GLN A 49 38.98 -24.73 -10.25
N LEU A 50 39.92 -25.63 -10.45
CA LEU A 50 40.77 -25.66 -11.65
C LEU A 50 39.94 -26.04 -12.86
N LEU A 51 40.03 -25.24 -13.92
CA LEU A 51 39.27 -25.51 -15.13
C LEU A 51 40.04 -26.41 -16.11
N ASP A 52 39.32 -27.35 -16.73
CA ASP A 52 39.86 -28.26 -17.74
C ASP A 52 39.91 -27.61 -19.11
N ASP A 53 41.04 -27.75 -19.80
CA ASP A 53 41.28 -27.13 -21.13
C ASP A 53 40.18 -27.30 -22.17
N GLY A 54 39.65 -28.51 -22.28
CA GLY A 54 38.67 -28.84 -23.32
C GLY A 54 37.25 -28.40 -23.06
N LYS A 55 36.96 -27.88 -21.86
CA LYS A 55 35.59 -27.46 -21.53
C LYS A 55 35.25 -26.10 -22.08
N THR A 56 33.98 -25.91 -22.42
CA THR A 56 33.49 -24.63 -22.86
C THR A 56 33.26 -23.74 -21.66
N LEU A 57 33.30 -22.43 -21.89
CA LEU A 57 33.07 -21.46 -20.84
C LEU A 57 31.66 -21.61 -20.27
N GLY A 58 30.68 -21.85 -21.13
CA GLY A 58 29.31 -22.19 -20.71
C GLY A 58 29.21 -23.39 -19.78
N GLU A 59 29.87 -24.50 -20.12
CA GLU A 59 29.94 -25.66 -19.22
C GLU A 59 30.54 -25.34 -17.85
N CAS A 60 31.50 -24.43 -17.83
CA CAS A 60 32.14 -24.00 -16.60
CB CAS A 60 33.54 -23.48 -16.93
C CAS A 60 31.35 -22.93 -15.88
O CAS A 60 31.85 -22.38 -14.91
SG CAS A 60 34.64 -24.77 -17.44
AS CAS A 60 34.44 -26.42 -15.85
CE1 CAS A 60 33.16 -27.73 -16.64
CE2 CAS A 60 36.04 -27.48 -15.34
N GLY A 61 30.13 -22.63 -16.31
CA GLY A 61 29.30 -21.66 -15.62
C GLY A 61 29.47 -20.17 -15.99
N PHE A 62 30.12 -19.89 -17.12
CA PHE A 62 30.22 -18.50 -17.61
C PHE A 62 29.21 -18.34 -18.71
N THR A 63 28.07 -17.76 -18.36
CA THR A 63 26.93 -17.63 -19.26
C THR A 63 26.68 -16.16 -19.54
N SER A 64 25.97 -15.91 -20.65
CA SER A 64 25.86 -14.55 -21.14
C SER A 64 25.03 -13.72 -20.20
N GLN A 65 24.17 -14.36 -19.41
CA GLN A 65 23.32 -13.61 -18.50
C GLN A 65 23.91 -13.40 -17.13
N THR A 66 25.01 -14.07 -16.78
CA THR A 66 25.70 -13.84 -15.51
C THR A 66 27.04 -13.12 -15.68
N ALA A 67 27.63 -13.23 -16.84
CA ALA A 67 28.92 -12.62 -17.13
C ALA A 67 28.68 -11.45 -18.10
N ARG A 68 28.28 -10.33 -17.54
CA ARG A 68 27.73 -9.21 -18.25
C ARG A 68 28.75 -8.08 -18.40
N PRO A 69 28.58 -7.20 -19.39
CA PRO A 69 29.54 -6.12 -19.60
C PRO A 69 29.78 -5.27 -18.36
N GLN A 70 28.69 -4.89 -17.69
CA GLN A 70 28.75 -4.04 -16.51
C GLN A 70 29.02 -4.77 -15.22
N ALA A 71 29.15 -6.10 -15.27
CA ALA A 71 29.42 -6.92 -14.07
C ALA A 71 30.01 -8.25 -14.55
N PRO A 72 31.28 -8.21 -14.95
CA PRO A 72 31.89 -9.35 -15.60
C PRO A 72 32.21 -10.41 -14.57
N ALA A 73 32.29 -11.65 -15.02
CA ALA A 73 32.64 -12.77 -14.10
C ALA A 73 34.14 -12.91 -14.01
N THR A 74 34.61 -13.34 -12.85
CA THR A 74 36.01 -13.46 -12.55
C THR A 74 36.55 -14.85 -12.85
N VAL A 75 37.67 -14.89 -13.57
CA VAL A 75 38.43 -16.11 -13.79
C VAL A 75 39.79 -15.91 -13.13
N GLY A 76 40.18 -16.82 -12.25
CA GLY A 76 41.47 -16.73 -11.57
C GLY A 76 42.55 -17.32 -12.47
N LEU A 77 43.77 -16.82 -12.34
CA LEU A 77 44.87 -17.22 -13.18
C LEU A 77 46.08 -17.46 -12.31
N ALA A 78 46.76 -18.57 -12.54
CA ALA A 78 48.02 -18.85 -11.86
C ALA A 78 49.06 -19.27 -12.90
N PHE A 79 50.30 -18.82 -12.70
CA PHE A 79 51.43 -19.17 -13.57
C PHE A 79 52.34 -20.24 -12.98
N ARG A 80 52.94 -21.02 -13.88
CA ARG A 80 53.99 -21.95 -13.53
C ARG A 80 55.32 -21.22 -13.65
N ALA A 81 55.95 -20.94 -12.52
CA ALA A 81 57.34 -20.50 -12.51
C ALA A 81 58.21 -21.74 -12.67
N ASP A 82 58.85 -21.86 -13.83
CA ASP A 82 59.78 -22.96 -14.14
C ASP A 82 59.15 -24.37 -14.00
N ASP A 83 59.20 -24.97 -12.81
CA ASP A 83 58.84 -26.37 -12.60
C ASP A 83 57.45 -26.58 -11.98
N THR A 84 57.07 -25.73 -11.02
CA THR A 84 55.82 -25.90 -10.26
C THR A 84 54.87 -24.69 -10.38
N PHE A 85 53.57 -24.97 -10.24
CA PHE A 85 52.56 -23.91 -10.27
C PHE A 85 52.49 -23.17 -8.94
N GLU A 86 52.46 -21.84 -9.03
CA GLU A 86 52.21 -20.98 -7.88
C GLU A 86 50.76 -21.20 -7.46
N ALA A 87 50.45 -20.92 -6.21
CA ALA A 87 49.09 -21.03 -5.70
C ALA A 87 48.25 -19.87 -6.23
N LEU A 88 46.98 -20.12 -6.50
CA LEU A 88 46.09 -19.05 -6.95
C LEU A 88 46.10 -17.95 -5.89
N CAS A 89 46.33 -16.72 -6.34
CA CAS A 89 46.38 -15.55 -5.47
CB CAS A 89 47.82 -15.32 -5.00
C CAS A 89 45.86 -14.37 -6.22
O CAS A 89 46.39 -14.02 -7.27
SG CAS A 89 48.07 -13.71 -4.29
AS CAS A 89 46.88 -13.82 -2.39
CE1 CAS A 89 46.25 -15.67 -1.95
CE2 CAS A 89 48.03 -13.14 -0.90
N ILE A 90 44.80 -13.76 -5.70
CA ILE A 90 44.16 -12.60 -6.32
C ILE A 90 44.10 -11.50 -5.27
N GLU A 91 44.83 -10.42 -5.48
CA GLU A 91 44.82 -9.32 -4.52
C GLU A 91 43.47 -8.63 -4.60
N PRO A 92 42.81 -8.41 -3.44
CA PRO A 92 41.53 -7.73 -3.55
C PRO A 92 41.72 -6.26 -3.95
N PHE A 93 40.66 -5.65 -4.50
CA PHE A 93 40.68 -4.22 -4.75
C PHE A 93 40.65 -3.47 -3.42
N SER A 94 41.03 -2.19 -3.44
CA SER A 94 40.95 -1.32 -2.27
C SER A 94 39.51 -1.20 -1.74
N SER A 95 39.41 -0.81 -0.47
CA SER A 95 38.13 -0.64 0.22
C SER A 95 37.64 0.79 0.09
N PRO A 96 36.35 0.98 -0.20
CA PRO A 96 35.83 2.34 -0.24
C PRO A 96 35.73 2.91 1.15
N PRO A 97 35.73 4.24 1.24
CA PRO A 97 35.61 4.88 2.55
C PRO A 97 34.22 4.69 3.15
N GLU A 98 34.08 5.08 4.40
CA GLU A 98 32.77 5.20 5.04
C GLU A 98 31.92 6.18 4.26
N LEU A 99 30.63 5.86 4.09
CA LEU A 99 29.66 6.83 3.59
C LEU A 99 29.71 8.10 4.45
N PRO A 100 29.82 9.28 3.83
CA PRO A 100 29.69 10.51 4.61
C PRO A 100 28.31 10.60 5.28
N ASP A 101 28.16 11.53 6.23
CA ASP A 101 26.91 11.65 6.98
C ASP A 101 25.74 11.92 6.05
N VAL A 102 25.96 12.85 5.10
CA VAL A 102 24.92 13.25 4.17
C VAL A 102 24.47 12.18 3.13
N MET A 103 25.13 11.02 3.07
CA MET A 103 24.78 9.96 2.10
C MET A 103 24.19 8.69 2.73
N MET B 2 44.71 -5.27 -29.60
CA MET B 2 45.51 -4.16 -29.01
C MET B 2 44.93 -3.70 -27.67
N TYR B 3 45.73 -3.91 -26.64
CA TYR B 3 45.35 -3.63 -25.27
C TYR B 3 46.22 -2.51 -24.70
N VAL B 4 45.69 -1.79 -23.72
CA VAL B 4 46.48 -0.84 -22.94
C VAL B 4 46.38 -1.22 -21.48
N LYS B 5 47.35 -0.77 -20.70
CA LYS B 5 47.37 -0.99 -19.27
C LYS B 5 47.07 0.31 -18.52
N LEU B 6 46.09 0.25 -17.62
CA LEU B 6 45.72 1.36 -16.74
C LEU B 6 46.02 0.98 -15.29
N ILE B 7 46.79 1.80 -14.59
CA ILE B 7 47.28 1.41 -13.27
C ILE B 7 46.70 2.29 -12.18
N SER B 8 46.08 1.67 -11.17
CA SER B 8 45.44 2.42 -10.10
C SER B 8 46.49 3.01 -9.13
N SER B 9 46.04 3.87 -8.24
CA SER B 9 46.92 4.51 -7.29
C SER B 9 47.54 3.51 -6.31
N ASP B 10 46.84 2.40 -6.05
CA ASP B 10 47.35 1.32 -5.19
C ASP B 10 48.05 0.22 -6.00
N GLY B 11 48.34 0.46 -7.27
CA GLY B 11 49.16 -0.47 -8.07
C GLY B 11 48.43 -1.60 -8.78
N HIS B 12 47.09 -1.62 -8.77
CA HIS B 12 46.36 -2.62 -9.56
C HIS B 12 46.46 -2.27 -11.03
N GLU B 13 46.75 -3.25 -11.86
CA GLU B 13 46.99 -3.04 -13.28
C GLU B 13 45.83 -3.61 -14.06
N PHE B 14 45.08 -2.76 -14.75
CA PHE B 14 43.92 -3.19 -15.50
C PHE B 14 44.24 -3.15 -16.97
N ILE B 15 44.12 -4.31 -17.61
CA ILE B 15 44.40 -4.47 -19.03
C ILE B 15 43.09 -4.49 -19.80
N VAL B 16 42.86 -3.45 -20.61
CA VAL B 16 41.63 -3.31 -21.42
C VAL B 16 41.95 -2.98 -22.86
N LYS B 17 41.02 -3.28 -23.75
CA LYS B 17 41.19 -3.00 -25.17
C LYS B 17 41.37 -1.51 -25.37
N ARG B 18 42.30 -1.14 -26.25
CA ARG B 18 42.64 0.26 -26.49
C ARG B 18 41.40 1.07 -26.88
N GLU B 19 40.59 0.54 -27.79
CA GLU B 19 39.41 1.27 -28.24
C GLU B 19 38.42 1.51 -27.10
N HIS B 20 38.30 0.57 -26.15
CA HIS B 20 37.43 0.77 -25.00
C HIS B 20 37.94 1.94 -24.13
N ALA B 21 39.24 1.96 -23.89
CA ALA B 21 39.86 3.01 -23.08
C ALA B 21 39.72 4.39 -23.74
N LEU B 22 39.73 4.43 -25.07
CA LEU B 22 39.55 5.70 -25.79
C LEU B 22 38.14 6.30 -25.66
N THR B 23 37.22 5.56 -25.07
CA THR B 23 36.01 6.19 -24.52
C THR B 23 36.35 7.49 -23.76
N SER B 24 37.45 7.49 -23.01
CA SER B 24 37.94 8.68 -22.30
C SER B 24 38.92 9.52 -23.13
N GLY B 25 38.54 10.77 -23.40
CA GLY B 25 39.41 11.72 -24.12
C GLY B 25 40.64 12.06 -23.29
N THR B 26 40.49 12.02 -21.97
CA THR B 26 41.60 12.21 -21.09
C THR B 26 42.65 11.10 -21.26
N ILE B 27 42.19 9.86 -21.33
CA ILE B 27 43.09 8.72 -21.49
C ILE B 27 43.76 8.75 -22.85
N LYS B 28 43.01 9.15 -23.87
CA LYS B 28 43.56 9.34 -25.19
C LYS B 28 44.76 10.28 -25.19
N ALA B 29 44.64 11.41 -24.46
CA ALA B 29 45.73 12.39 -24.37
C ALA B 29 46.94 11.82 -23.64
N MET B 30 46.69 11.11 -22.55
CA MET B 30 47.76 10.45 -21.80
C MET B 30 48.50 9.34 -22.58
N LEU B 31 47.87 8.78 -23.60
CA LEU B 31 48.54 7.81 -24.46
C LEU B 31 49.21 8.50 -25.65
N SER B 32 48.40 9.26 -26.40
CA SER B 32 48.85 10.00 -27.56
C SER B 32 49.42 11.35 -27.12
N ASN B 43 52.16 2.87 -23.98
CA ASN B 43 50.77 2.44 -23.82
C ASN B 43 50.44 1.86 -22.43
N GLU B 44 50.97 2.50 -21.40
CA GLU B 44 50.51 2.31 -20.03
C GLU B 44 50.18 3.69 -19.48
N VAL B 45 49.19 3.77 -18.60
CA VAL B 45 48.88 5.02 -17.89
C VAL B 45 48.76 4.74 -16.39
N ASN B 46 49.43 5.56 -15.59
CA ASN B 46 49.26 5.57 -14.14
C ASN B 46 48.27 6.64 -13.69
N PHE B 47 47.38 6.27 -12.77
CA PHE B 47 46.42 7.20 -12.16
C PHE B 47 46.71 7.32 -10.69
N ARG B 48 47.31 8.44 -10.29
CA ARG B 48 47.71 8.61 -8.88
C ARG B 48 46.56 8.89 -7.93
N GLU B 49 45.42 9.31 -8.47
CA GLU B 49 44.26 9.66 -7.63
C GLU B 49 43.12 8.66 -7.75
N ILE B 50 43.23 7.68 -8.64
CA ILE B 50 42.12 6.74 -8.81
C ILE B 50 42.49 5.38 -8.22
N PRO B 51 41.85 5.02 -7.10
CA PRO B 51 42.05 3.70 -6.51
C PRO B 51 41.39 2.54 -7.29
N SER B 52 41.81 1.31 -6.97
CA SER B 52 41.42 0.14 -7.73
C SER B 52 39.91 -0.13 -7.69
N HIS B 53 39.25 0.11 -6.55
CA HIS B 53 37.80 -0.10 -6.45
C HIS B 53 37.01 0.90 -7.29
N VAL B 54 37.66 2.00 -7.69
CA VAL B 54 37.05 2.93 -8.61
C VAL B 54 37.44 2.59 -10.04
N LEU B 55 38.73 2.38 -10.27
CA LEU B 55 39.18 2.15 -11.65
C LEU B 55 38.63 0.85 -12.24
N SER B 56 38.40 -0.16 -11.41
CA SER B 56 37.73 -1.38 -11.90
C SER B 56 36.35 -1.05 -12.43
N LYS B 57 35.60 -0.23 -11.71
CA LYS B 57 34.28 0.19 -12.19
C LYS B 57 34.31 1.00 -13.48
N VAL B 58 35.32 1.85 -13.64
CA VAL B 58 35.48 2.63 -14.88
C VAL B 58 35.69 1.70 -16.08
N CYS B 59 36.53 0.68 -15.89
CA CYS B 59 36.74 -0.33 -16.94
C CYS B 59 35.45 -1.08 -17.34
N MET B 60 34.62 -1.41 -16.35
CA MET B 60 33.35 -2.04 -16.59
C MET B 60 32.42 -1.08 -17.35
N TYR B 61 32.50 0.20 -17.02
CA TYR B 61 31.76 1.21 -17.78
C TYR B 61 32.19 1.22 -19.25
N PHE B 62 33.50 1.19 -19.52
CA PHE B 62 33.97 1.16 -20.91
C PHE B 62 33.34 -0.01 -21.67
N THR B 63 33.36 -1.20 -21.08
CA THR B 63 32.82 -2.38 -21.73
C THR B 63 31.32 -2.22 -22.00
N TYR B 64 30.61 -1.72 -20.98
CA TYR B 64 29.20 -1.43 -21.05
C TYR B 64 28.87 -0.42 -22.13
N LYS B 65 29.60 0.68 -22.18
CA LYS B 65 29.31 1.69 -23.18
C LYS B 65 29.49 1.15 -24.58
N VAL B 66 30.59 0.44 -24.81
CA VAL B 66 30.89 -0.05 -26.16
C VAL B 66 29.88 -1.14 -26.57
N ARG B 67 29.50 -1.99 -25.63
CA ARG B 67 28.50 -3.01 -25.91
C ARG B 67 27.12 -2.44 -26.24
N TYR B 68 26.69 -1.43 -25.50
CA TYR B 68 25.29 -0.97 -25.64
C TYR B 68 25.10 0.29 -26.48
N THR B 69 26.18 0.87 -26.97
CA THR B 69 26.07 2.03 -27.87
C THR B 69 25.64 1.57 -29.27
N ASN B 70 24.68 2.29 -29.85
CA ASN B 70 24.10 1.93 -31.17
C ASN B 70 23.61 0.47 -31.22
N SER B 71 22.99 0.02 -30.14
CA SER B 71 22.46 -1.33 -30.07
C SER B 71 20.93 -1.29 -30.03
N SER B 72 20.32 -2.37 -30.50
CA SER B 72 18.86 -2.50 -30.50
C SER B 72 18.33 -3.11 -29.20
N THR B 73 19.03 -4.13 -28.68
CA THR B 73 18.60 -4.87 -27.48
C THR B 73 18.52 -3.98 -26.24
N GLU B 74 17.54 -4.28 -25.39
CA GLU B 74 17.21 -3.47 -24.21
C GLU B 74 18.43 -3.17 -23.34
N ILE B 75 18.50 -1.94 -22.87
CA ILE B 75 19.65 -1.45 -22.11
C ILE B 75 19.38 -1.52 -20.59
N PRO B 76 20.21 -2.27 -19.86
CA PRO B 76 20.09 -2.31 -18.42
C PRO B 76 20.80 -1.13 -17.77
N GLU B 77 20.41 -0.83 -16.53
CA GLU B 77 20.96 0.25 -15.74
C GLU B 77 22.42 -0.04 -15.45
N PHE B 78 23.30 0.95 -15.55
CA PHE B 78 24.69 0.75 -15.12
C PHE B 78 24.73 0.89 -13.59
N PRO B 79 25.17 -0.17 -12.87
CA PRO B 79 24.94 -0.17 -11.42
C PRO B 79 26.09 0.48 -10.67
N ILE B 80 25.78 1.28 -9.67
CA ILE B 80 26.81 1.98 -8.89
C ILE B 80 26.45 1.91 -7.42
N ALA B 81 27.27 1.21 -6.63
CA ALA B 81 27.09 1.16 -5.18
C ALA B 81 27.20 2.54 -4.55
N PRO B 82 26.35 2.84 -3.57
CA PRO B 82 26.44 4.14 -2.91
C PRO B 82 27.83 4.47 -2.36
N GLU B 83 28.57 3.47 -1.89
CA GLU B 83 29.89 3.68 -1.26
C GLU B 83 30.94 4.25 -2.23
N ILE B 84 30.85 3.93 -3.52
CA ILE B 84 31.86 4.38 -4.49
C ILE B 84 31.43 5.58 -5.37
N ALA B 85 30.19 6.01 -5.22
CA ALA B 85 29.59 6.98 -6.13
C ALA B 85 30.36 8.29 -6.15
N LEU B 86 30.82 8.76 -4.99
CA LEU B 86 31.52 10.05 -4.92
C LEU B 86 32.86 10.00 -5.63
N GLU B 87 33.68 9.01 -5.29
CA GLU B 87 34.95 8.83 -5.96
C GLU B 87 34.75 8.54 -7.44
N LEU B 88 33.77 7.73 -7.78
CA LEU B 88 33.52 7.44 -9.17
C LEU B 88 33.11 8.71 -9.91
N LEU B 89 32.33 9.57 -9.25
CA LEU B 89 31.95 10.84 -9.84
C LEU B 89 33.17 11.69 -10.13
N MET B 90 34.11 11.74 -9.18
CA MET B 90 35.30 12.56 -9.38
C MET B 90 36.16 11.97 -10.51
N ALA B 91 36.23 10.65 -10.61
CA ALA B 91 37.01 10.02 -11.67
C ALA B 91 36.39 10.29 -13.05
N ALA B 92 35.07 10.19 -13.16
CA ALA B 92 34.37 10.44 -14.42
C ALA B 92 34.53 11.89 -14.86
N ASN B 93 34.51 12.81 -13.90
CA ASN B 93 34.75 14.20 -14.22
C ASN B 93 36.16 14.40 -14.80
N PHE B 94 37.16 13.75 -14.20
CA PHE B 94 38.54 13.89 -14.67
C PHE B 94 38.69 13.23 -16.04
N LEU B 95 38.10 12.04 -16.21
CA LEU B 95 38.27 11.26 -17.44
C LEU B 95 37.38 11.71 -18.60
N ASP B 96 36.38 12.54 -18.29
CA ASP B 96 35.41 13.01 -19.28
C ASP B 96 34.73 11.86 -20.03
N CYS B 97 34.21 10.89 -19.29
CA CYS B 97 33.42 9.83 -19.92
C CYS B 97 32.04 9.68 -19.28
N VAL C 11 8.53 26.84 -31.40
CA VAL C 11 8.97 25.94 -32.51
C VAL C 11 8.52 24.51 -32.27
N LEU C 12 8.99 23.91 -31.18
CA LEU C 12 8.61 22.55 -30.84
C LEU C 12 7.21 22.52 -30.23
N ARG C 13 6.23 22.29 -31.09
CA ARG C 13 4.84 22.19 -30.69
C ARG C 13 4.18 21.06 -31.45
N SER C 14 3.08 20.55 -30.91
CA SER C 14 2.29 19.61 -31.67
C SER C 14 1.58 20.39 -32.77
N VAL C 15 1.24 19.72 -33.87
CA VAL C 15 0.40 20.29 -34.91
C VAL C 15 -1.02 19.81 -34.66
N ASN C 16 -2.00 20.70 -34.80
CA ASN C 16 -3.40 20.33 -34.58
C ASN C 16 -4.03 19.69 -35.82
N SER C 17 -3.74 18.41 -36.04
CA SER C 17 -4.18 17.68 -37.26
C SER C 17 -5.58 17.08 -37.18
N ARG C 18 -5.98 16.63 -36.00
CA ARG C 18 -7.25 15.94 -35.81
C ARG C 18 -7.31 14.53 -36.41
N GLU C 19 -6.22 14.05 -37.00
CA GLU C 19 -6.17 12.71 -37.59
C GLU C 19 -5.71 11.70 -36.52
N PRO C 20 -6.62 10.84 -36.04
CA PRO C 20 -6.28 9.97 -34.92
C PRO C 20 -5.13 9.03 -35.22
N SER C 21 -4.41 8.64 -34.17
CA SER C 21 -3.33 7.69 -34.29
C SER C 21 -3.21 6.97 -32.96
N GLN C 22 -3.45 5.66 -32.96
CA GLN C 22 -3.29 4.85 -31.76
C GLN C 22 -1.84 4.45 -31.57
N VAL C 23 -1.40 4.52 -30.32
CA VAL C 23 -0.01 4.28 -29.96
C VAL C 23 0.04 3.35 -28.74
N ILE C 24 1.07 2.51 -28.69
CA ILE C 24 1.41 1.77 -27.49
C ILE C 24 2.63 2.44 -26.89
N PHE C 25 2.48 3.04 -25.71
CA PHE C 25 3.64 3.46 -24.93
C PHE C 25 4.12 2.19 -24.21
N CAS C 26 5.34 1.75 -24.49
CA CAS C 26 5.88 0.52 -23.90
CB CAS C 26 6.15 -0.41 -25.09
C CAS C 26 7.12 0.87 -23.13
O CAS C 26 8.12 1.29 -23.71
SG CAS C 26 6.98 -1.89 -24.59
AS CAS C 26 5.35 -3.04 -23.65
CE1 CAS C 26 5.73 -3.07 -21.71
CE2 CAS C 26 5.44 -4.93 -24.25
N ASN C 27 7.06 0.76 -21.80
CA ASN C 27 8.16 1.16 -20.94
C ASN C 27 9.13 -0.01 -20.74
N ARG C 28 10.14 -0.09 -21.61
CA ARG C 28 11.21 -1.08 -21.48
C ARG C 28 12.42 -0.51 -20.73
N SER C 29 12.16 0.26 -19.68
CA SER C 29 13.20 0.78 -18.84
C SER C 29 12.89 0.32 -17.42
N PRO C 30 13.88 0.40 -16.51
CA PRO C 30 13.59 0.11 -15.10
C PRO C 30 13.03 1.32 -14.33
N ARG C 31 12.77 2.43 -15.01
CA ARG C 31 12.29 3.63 -14.34
C ARG C 31 10.77 3.76 -14.48
N VAL C 32 10.16 4.44 -13.51
CA VAL C 32 8.81 4.97 -13.64
C VAL C 32 8.87 6.11 -14.67
N VAL C 33 8.02 6.04 -15.69
CA VAL C 33 8.13 6.96 -16.82
C VAL C 33 7.01 8.01 -16.82
N LEU C 34 7.39 9.25 -17.10
CA LEU C 34 6.44 10.36 -17.27
C LEU C 34 6.35 10.71 -18.75
N PRO C 35 5.22 10.43 -19.39
CA PRO C 35 5.07 10.89 -20.76
C PRO C 35 4.72 12.35 -20.74
N VAL C 36 5.30 13.11 -21.66
CA VAL C 36 5.08 14.56 -21.75
C VAL C 36 4.72 14.90 -23.19
N TRP C 37 3.54 15.50 -23.35
CA TRP C 37 3.01 15.95 -24.63
C TRP C 37 3.29 17.43 -24.77
N LEU C 38 3.85 17.84 -25.89
CA LEU C 38 4.05 19.25 -26.14
C LEU C 38 2.79 19.76 -26.82
N ASN C 39 2.11 20.69 -26.16
CA ASN C 39 0.84 21.17 -26.66
C ASN C 39 1.02 22.18 -27.80
N PHE C 40 -0.08 22.72 -28.28
CA PHE C 40 -0.06 23.53 -29.49
C PHE C 40 0.72 24.85 -29.33
N ASP C 41 0.89 25.29 -28.08
CA ASP C 41 1.72 26.43 -27.72
C ASP C 41 3.15 26.03 -27.31
N GLY C 42 3.44 24.73 -27.29
CA GLY C 42 4.76 24.24 -26.92
C GLY C 42 4.97 24.04 -25.42
N GLU C 43 3.90 24.16 -24.63
CA GLU C 43 3.97 23.92 -23.19
C GLU C 43 3.99 22.41 -22.92
N PRO C 44 4.92 21.95 -22.06
CA PRO C 44 4.88 20.55 -21.70
C PRO C 44 3.65 20.21 -20.84
N GLN C 45 2.90 19.21 -21.26
CA GLN C 45 1.80 18.71 -20.50
C GLN C 45 2.08 17.28 -20.03
N PRO C 46 2.19 17.08 -18.72
CA PRO C 46 2.44 15.74 -18.21
C PRO C 46 1.19 14.85 -18.28
N TYR C 47 1.41 13.55 -18.44
CA TYR C 47 0.34 12.57 -18.57
C TYR C 47 0.57 11.51 -17.50
N PRO C 48 -0.40 10.60 -17.28
CA PRO C 48 -0.20 9.59 -16.23
C PRO C 48 1.09 8.76 -16.44
N THR C 49 1.70 8.33 -15.34
CA THR C 49 2.97 7.63 -15.39
C THR C 49 2.80 6.15 -15.72
N LEU C 50 3.89 5.54 -16.18
CA LEU C 50 3.98 4.11 -16.49
C LEU C 50 4.99 3.46 -15.54
N PRO C 51 4.54 2.49 -14.72
CA PRO C 51 5.53 1.77 -13.91
C PRO C 51 6.49 0.96 -14.80
N PRO C 52 7.68 0.61 -14.28
CA PRO C 52 8.66 -0.19 -15.05
C PRO C 52 8.07 -1.43 -15.72
N GLY C 53 8.43 -1.66 -16.98
CA GLY C 53 7.99 -2.83 -17.71
C GLY C 53 6.54 -2.89 -18.20
N THR C 54 5.78 -1.80 -18.04
CA THR C 54 4.35 -1.80 -18.40
C THR C 54 4.07 -1.07 -19.71
N GLY C 55 2.91 -1.35 -20.30
CA GLY C 55 2.47 -0.69 -21.52
C GLY C 55 1.09 -0.06 -21.38
N ARG C 56 0.81 0.92 -22.22
CA ARG C 56 -0.52 1.54 -22.22
C ARG C 56 -0.91 1.79 -23.66
N ARG C 57 -2.14 1.44 -24.04
CA ARG C 57 -2.67 1.81 -25.35
C ARG C 57 -3.32 3.17 -25.24
N ILE C 58 -2.89 4.12 -26.06
CA ILE C 58 -3.34 5.49 -25.92
C ILE C 58 -3.73 6.08 -27.26
N HIS C 59 -4.59 7.10 -27.19
CA HIS C 59 -5.06 7.79 -28.37
C HIS C 59 -4.36 9.12 -28.46
N SER C 60 -3.63 9.31 -29.56
CA SER C 60 -2.98 10.57 -29.84
C SER C 60 -3.31 10.90 -31.29
N TYR C 61 -2.52 11.76 -31.90
CA TYR C 61 -2.84 12.27 -33.23
C TYR C 61 -1.58 12.43 -34.01
N ARG C 62 -1.71 12.36 -35.34
CA ARG C 62 -0.58 12.56 -36.23
C ARG C 62 -0.02 13.96 -36.04
N GLY C 63 1.30 14.05 -35.99
CA GLY C 63 1.97 15.33 -35.86
C GLY C 63 2.07 15.81 -34.43
N HIS C 64 1.58 15.03 -33.46
CA HIS C 64 1.75 15.40 -32.05
C HIS C 64 3.13 14.99 -31.55
N LEU C 65 3.71 15.80 -30.69
CA LEU C 65 5.06 15.56 -30.21
C LEU C 65 5.02 15.12 -28.77
N TRP C 66 5.76 14.05 -28.47
CA TRP C 66 5.90 13.53 -27.13
C TRP C 66 7.38 13.32 -26.75
N LEU C 67 7.69 13.45 -25.46
CA LEU C 67 8.98 12.99 -24.95
C LEU C 67 8.75 12.30 -23.62
N PHE C 68 9.77 11.63 -23.09
CA PHE C 68 9.62 10.74 -21.94
C PHE C 68 10.75 10.91 -20.93
N ARG C 69 10.39 10.93 -19.64
CA ARG C 69 11.30 11.18 -18.58
C ARG C 69 11.08 10.21 -17.44
N ASP C 70 12.10 10.02 -16.63
CA ASP C 70 11.95 9.40 -15.33
C ASP C 70 11.02 10.33 -14.52
N ALA C 71 9.93 9.79 -14.01
CA ALA C 71 8.93 10.60 -13.28
C ALA C 71 9.45 11.18 -11.98
N GLY C 72 10.39 10.51 -11.34
CA GLY C 72 10.91 10.95 -10.04
C GLY C 72 12.01 12.00 -10.14
N THR C 73 12.87 11.85 -11.13
CA THR C 73 14.10 12.64 -11.25
C THR C 73 14.14 13.52 -12.49
N HIS C 74 13.28 13.27 -13.47
CA HIS C 74 13.32 13.93 -14.79
C HIS C 74 14.51 13.60 -15.69
N ASP C 75 15.28 12.57 -15.34
CA ASP C 75 16.32 12.07 -16.22
C ASP C 75 15.73 11.75 -17.61
N GLY C 76 16.50 12.02 -18.66
CA GLY C 76 16.05 11.83 -20.04
C GLY C 76 15.96 10.36 -20.40
N LEU C 77 14.93 10.01 -21.17
CA LEU C 77 14.76 8.67 -21.70
C LEU C 77 14.68 8.77 -23.21
N LEU C 78 14.95 7.65 -23.90
CA LEU C 78 14.80 7.60 -25.34
C LEU C 78 13.47 6.94 -25.69
N VAL C 79 12.95 7.32 -26.85
CA VAL C 79 11.77 6.66 -27.39
C VAL C 79 12.10 6.29 -28.83
N ASN C 80 11.98 5.00 -29.15
CA ASN C 80 12.50 4.48 -30.41
C ASN C 80 13.88 5.05 -30.77
N GLN C 81 14.76 5.11 -29.77
CA GLN C 81 16.17 5.51 -29.93
C GLN C 81 16.44 6.99 -30.17
N THR C 82 15.42 7.85 -30.07
CA THR C 82 15.59 9.28 -30.27
C THR C 82 14.92 10.02 -29.12
N GLU C 83 15.00 11.35 -29.17
CA GLU C 83 14.49 12.19 -28.09
C GLU C 83 12.98 12.34 -28.13
N LEU C 84 12.45 12.53 -29.33
CA LEU C 84 11.07 12.91 -29.55
C LEU C 84 10.33 11.81 -30.28
N PHE C 85 9.03 11.71 -30.02
CA PHE C 85 8.19 10.75 -30.71
C PHE C 85 6.98 11.46 -31.30
N VAL C 86 6.72 11.20 -32.59
CA VAL C 86 5.59 11.75 -33.28
C VAL C 86 4.73 10.60 -33.83
N PRO C 87 3.48 10.49 -33.37
CA PRO C 87 2.63 9.45 -33.94
C PRO C 87 2.48 9.60 -35.45
N SER C 88 2.58 8.48 -36.16
CA SER C 88 2.48 8.45 -37.60
C SER C 88 1.17 7.74 -38.00
N LEU C 89 0.94 7.63 -39.30
CA LEU C 89 -0.24 6.97 -39.86
C LEU C 89 -0.27 5.48 -39.45
N ASN C 90 -1.39 5.03 -38.88
CA ASN C 90 -1.59 3.60 -38.62
C ASN C 90 -1.90 2.86 -39.93
N VAL C 91 -0.97 2.00 -40.37
CA VAL C 91 -1.11 1.22 -41.60
C VAL C 91 -1.74 -0.14 -41.32
N ASP C 92 -2.94 -0.37 -41.86
CA ASP C 92 -3.73 -1.59 -41.62
C ASP C 92 -4.23 -1.72 -40.17
N GLY C 93 -4.59 -0.59 -39.56
CA GLY C 93 -5.16 -0.56 -38.21
C GLY C 93 -4.24 -0.96 -37.07
N GLN C 94 -2.94 -1.09 -37.33
CA GLN C 94 -1.99 -1.49 -36.29
C GLN C 94 -1.52 -0.25 -35.49
N PRO C 95 -1.48 -0.36 -34.16
CA PRO C 95 -0.94 0.76 -33.37
C PRO C 95 0.56 0.93 -33.56
N ILE C 96 1.03 2.16 -33.43
CA ILE C 96 2.45 2.47 -33.52
C ILE C 96 3.06 2.15 -32.18
N PHE C 97 4.21 1.50 -32.21
CA PHE C 97 4.92 1.20 -30.98
C PHE C 97 5.90 2.33 -30.62
N ALA C 98 5.73 2.89 -29.41
CA ALA C 98 6.69 3.79 -28.82
C ALA C 98 7.46 3.05 -27.71
N ASN C 99 8.63 2.54 -28.07
CA ASN C 99 9.50 1.82 -27.14
C ASN C 99 10.40 2.76 -26.37
N ILE C 100 10.16 2.82 -25.07
CA ILE C 100 10.82 3.76 -24.20
C ILE C 100 11.95 3.00 -23.50
N THR C 101 13.18 3.50 -23.64
CA THR C 101 14.37 2.82 -23.11
C THR C 101 15.28 3.77 -22.39
N LEU C 102 16.14 3.23 -21.55
CA LEU C 102 17.26 4.00 -21.00
C LEU C 102 18.22 4.39 -22.13
N PRO C 103 18.75 5.61 -22.10
CA PRO C 103 19.93 5.78 -22.95
C PRO C 103 21.16 5.19 -22.27
N VAL C 104 22.25 5.06 -23.02
CA VAL C 104 23.55 4.87 -22.41
C VAL C 104 23.97 6.23 -21.86
N TYR C 105 23.75 6.45 -20.57
CA TYR C 105 24.22 7.68 -19.95
C TYR C 105 25.76 7.72 -19.91
N THR C 106 26.33 8.92 -19.92
CA THR C 106 27.76 9.07 -19.66
C THR C 106 27.97 8.64 -18.20
N LEU C 107 29.17 8.17 -17.89
CA LEU C 107 29.48 7.78 -16.52
C LEU C 107 29.29 8.94 -15.55
N LYS C 108 29.65 10.14 -15.97
CA LYS C 108 29.44 11.33 -15.14
C LYS C 108 27.96 11.54 -14.80
N GLU C 109 27.09 11.54 -15.81
CA GLU C 109 25.67 11.77 -15.55
C GLU C 109 25.07 10.68 -14.67
N ARG C 110 25.49 9.44 -14.90
CA ARG C 110 25.03 8.34 -14.08
C ARG C 110 25.46 8.51 -12.62
N CYS C 111 26.71 8.91 -12.39
CA CYS C 111 27.18 9.20 -11.02
C CYS C 111 26.38 10.33 -10.38
N LEU C 112 26.13 11.40 -11.13
CA LEU C 112 25.32 12.50 -10.62
C LEU C 112 23.94 11.99 -10.22
N GLN C 113 23.33 11.11 -11.03
CA GLN C 113 22.04 10.54 -10.69
C GLN C 113 22.07 9.84 -9.35
N VAL C 114 23.03 8.96 -9.16
CA VAL C 114 23.11 8.22 -7.92
C VAL C 114 23.36 9.14 -6.74
N VAL C 115 24.24 10.14 -6.90
CA VAL C 115 24.50 11.06 -5.80
C VAL C 115 23.26 11.87 -5.44
N ARG C 116 22.54 12.35 -6.45
CA ARG C 116 21.29 13.08 -6.21
C ARG C 116 20.24 12.20 -5.51
N SER C 117 20.21 10.92 -5.84
CA SER C 117 19.25 10.02 -5.20
C SER C 117 19.61 9.75 -3.72
N LEU C 118 20.83 10.08 -3.31
CA LEU C 118 21.28 9.84 -1.92
C LEU C 118 21.38 11.08 -1.03
N VAL C 119 21.61 12.24 -1.63
CA VAL C 119 21.86 13.47 -0.90
C VAL C 119 20.70 14.45 -1.12
N LYS C 120 20.17 14.96 -0.01
CA LYS C 120 19.14 15.99 -0.07
C LYS C 120 19.79 17.22 -0.67
N PRO C 121 19.08 17.92 -1.57
CA PRO C 121 19.68 19.08 -2.23
C PRO C 121 20.33 20.12 -1.31
N GLU C 122 19.80 20.30 -0.10
CA GLU C 122 20.38 21.32 0.82
CA GLU C 122 20.33 21.27 0.87
C GLU C 122 21.74 20.87 1.34
N ASN C 123 22.10 19.60 1.11
CA ASN C 123 23.40 19.08 1.53
C ASN C 123 24.47 18.97 0.42
N TYR C 124 24.13 19.35 -0.82
CA TYR C 124 25.12 19.26 -1.91
C TYR C 124 26.40 20.03 -1.59
N ARG C 125 26.26 21.15 -0.89
CA ARG C 125 27.38 21.99 -0.50
C ARG C 125 28.27 21.39 0.59
N ARG C 126 27.80 20.33 1.25
CA ARG C 126 28.59 19.67 2.31
C ARG C 126 29.52 18.59 1.76
N LEU C 127 29.36 18.25 0.49
CA LEU C 127 30.18 17.21 -0.13
C LEU C 127 31.53 17.79 -0.51
N ASP C 128 32.56 16.99 -0.31
CA ASP C 128 33.93 17.44 -0.57
C ASP C 128 34.30 17.19 -2.03
N ILE C 129 33.97 18.14 -2.88
CA ILE C 129 34.16 18.06 -4.32
C ILE C 129 34.40 19.46 -4.87
N VAL C 130 34.97 19.55 -6.06
CA VAL C 130 35.21 20.85 -6.66
C VAL C 130 33.91 21.60 -6.87
N ARG C 131 33.99 22.92 -6.84
CA ARG C 131 32.81 23.76 -6.97
C ARG C 131 31.98 23.39 -8.21
N SER C 132 32.65 22.98 -9.28
CA SER C 132 31.95 22.73 -10.53
C SER C 132 31.00 21.53 -10.44
N LEU C 133 31.30 20.59 -9.55
CA LEU C 133 30.48 19.41 -9.35
C LEU C 133 29.27 19.70 -8.45
N TYR C 134 29.41 20.68 -7.55
CA TYR C 134 28.26 21.23 -6.84
C TYR C 134 27.25 21.80 -7.85
N GLU C 135 27.73 22.64 -8.76
CA GLU C 135 26.86 23.22 -9.80
C GLU C 135 26.24 22.14 -10.70
N ASP C 136 26.99 21.07 -10.99
CA ASP C 136 26.45 19.95 -11.78
C ASP C 136 25.36 19.17 -11.04
N LEU C 137 25.53 18.93 -9.73
CA LEU C 137 24.45 18.32 -8.93
C LEU C 137 23.17 19.18 -8.89
N GLU C 138 23.33 20.48 -8.62
CA GLU C 138 22.22 21.44 -8.55
C GLU C 138 21.52 21.62 -9.89
N ASP C 139 22.28 21.56 -10.98
CA ASP C 139 21.73 21.73 -12.33
C ASP C 139 21.05 20.43 -12.80
N HIS C 140 19.98 20.05 -12.12
CA HIS C 140 19.37 18.74 -12.35
C HIS C 140 18.53 18.74 -13.63
N PRO C 141 18.26 17.54 -14.19
CA PRO C 141 17.51 17.45 -15.45
C PRO C 141 16.14 18.08 -15.34
N ASN C 142 15.66 18.64 -16.45
CA ASN C 142 14.44 19.44 -16.43
C ASN C 142 13.97 19.59 -17.89
N VAL C 143 12.68 19.39 -18.13
CA VAL C 143 12.14 19.38 -19.49
C VAL C 143 12.31 20.75 -20.16
N GLN C 144 12.09 21.82 -19.41
CA GLN C 144 12.18 23.16 -19.99
C GLN C 144 13.55 23.43 -20.59
N LYS C 145 14.59 23.02 -19.87
CA LYS C 145 15.97 23.20 -20.33
C LYS C 145 16.27 22.33 -21.56
N ASP C 146 15.73 21.11 -21.58
CA ASP C 146 15.89 20.26 -22.76
C ASP C 146 15.12 20.80 -23.97
N LEU C 147 14.00 21.49 -23.74
CA LEU C 147 13.29 22.15 -24.83
C LEU C 147 14.12 23.30 -25.39
N GLU C 148 14.74 24.06 -24.49
CA GLU C 148 15.65 25.13 -24.91
C GLU C 148 16.82 24.58 -25.72
N ARG C 149 17.41 23.47 -25.26
CA ARG C 149 18.52 22.83 -25.98
C ARG C 149 18.10 22.29 -27.36
N LEU C 150 17.02 21.51 -27.40
CA LEU C 150 16.54 20.92 -28.67
C LEU C 150 16.15 22.01 -29.68
N THR C 151 15.79 23.19 -29.17
CA THR C 151 15.53 24.38 -29.98
C THR C 151 16.83 25.11 -30.28
N MET D 1 15.08 -2.56 16.19
CA MET D 1 14.79 -1.64 17.33
C MET D 1 16.07 -1.28 18.06
N ASP D 2 16.32 0.02 18.22
CA ASP D 2 17.57 0.53 18.78
C ASP D 2 17.60 0.45 20.30
N VAL D 3 18.77 0.14 20.85
CA VAL D 3 19.03 0.27 22.28
C VAL D 3 20.18 1.24 22.48
N PHE D 4 20.10 2.06 23.52
CA PHE D 4 21.07 3.10 23.78
C PHE D 4 21.83 2.75 25.04
N LEU D 5 23.16 2.73 24.93
CA LEU D 5 24.02 2.14 25.95
C LEU D 5 25.07 3.10 26.45
N MET D 6 25.52 2.84 27.68
CA MET D 6 26.74 3.39 28.26
C MET D 6 27.64 2.18 28.52
N ILE D 7 28.74 2.06 27.78
CA ILE D 7 29.69 1.00 28.03
C ILE D 7 30.76 1.59 28.94
N ARG D 8 30.89 1.01 30.14
CA ARG D 8 31.63 1.65 31.23
C ARG D 8 32.74 0.76 31.81
N ARG D 9 33.95 1.32 31.87
CA ARG D 9 35.10 0.68 32.53
C ARG D 9 35.89 1.74 33.29
N HIS D 10 36.17 1.48 34.56
CA HIS D 10 36.96 2.40 35.38
C HIS D 10 36.32 3.80 35.29
N LYS D 11 37.03 4.79 34.76
CA LYS D 11 36.51 6.16 34.62
C LYS D 11 36.22 6.50 33.15
N THR D 12 36.04 5.44 32.34
CA THR D 12 35.76 5.57 30.92
C THR D 12 34.30 5.18 30.65
N THR D 13 33.59 6.02 29.91
CA THR D 13 32.19 5.77 29.53
C THR D 13 32.00 6.09 28.05
N ILE D 14 31.60 5.10 27.26
CA ILE D 14 31.28 5.27 25.84
C ILE D 14 29.76 5.34 25.63
N PHE D 15 29.29 6.38 24.96
CA PHE D 15 27.87 6.45 24.58
C PHE D 15 27.72 5.95 23.16
N THR D 16 26.87 4.96 22.97
CA THR D 16 26.65 4.39 21.66
C THR D 16 25.29 3.71 21.66
N ASP D 17 24.84 3.31 20.49
CA ASP D 17 23.59 2.58 20.36
C ASP D 17 23.82 1.35 19.52
N ALA D 18 22.86 0.44 19.52
CA ALA D 18 22.96 -0.79 18.74
C ALA D 18 21.57 -1.37 18.56
N LYS D 19 21.45 -2.46 17.83
CA LYS D 19 20.15 -3.09 17.62
C LYS D 19 19.90 -4.10 18.73
N GLU D 20 18.63 -4.30 19.05
CA GLU D 20 18.23 -5.32 20.01
C GLU D 20 18.71 -6.68 19.50
N SER D 21 18.60 -6.88 18.18
CA SER D 21 18.97 -8.16 17.55
C SER D 21 20.47 -8.30 17.26
N SER D 22 21.28 -7.29 17.58
CA SER D 22 22.73 -7.38 17.40
C SER D 22 23.35 -8.18 18.54
N THR D 23 24.54 -8.75 18.31
CA THR D 23 25.14 -9.66 19.28
C THR D 23 26.12 -8.96 20.20
N VAL D 24 26.46 -9.65 21.28
CA VAL D 24 27.47 -9.18 22.22
C VAL D 24 28.83 -9.02 21.54
N PHE D 25 29.15 -9.95 20.64
CA PHE D 25 30.39 -9.91 19.88
C PHE D 25 30.47 -8.72 18.94
N GLU D 26 29.36 -8.39 18.29
CA GLU D 26 29.28 -7.19 17.46
C GLU D 26 29.49 -5.92 18.28
N LEU D 27 29.01 -5.91 19.52
CA LEU D 27 29.26 -4.80 20.44
C LEU D 27 30.75 -4.69 20.80
N LYS D 28 31.44 -5.84 20.91
CA LYS D 28 32.87 -5.85 21.17
C LYS D 28 33.66 -5.24 20.01
N ARG D 29 33.24 -5.52 18.79
CA ARG D 29 33.80 -4.87 17.59
C ARG D 29 33.67 -3.34 17.67
N ILE D 30 32.54 -2.84 18.14
CA ILE D 30 32.34 -1.40 18.30
C ILE D 30 33.34 -0.80 19.32
N VAL D 31 33.51 -1.46 20.45
CA VAL D 31 34.50 -1.05 21.46
C VAL D 31 35.93 -1.13 20.90
N GLU D 32 36.18 -2.15 20.08
CA GLU D 32 37.49 -2.31 19.44
C GLU D 32 37.85 -1.06 18.64
N GLY D 33 36.92 -0.59 17.81
CA GLY D 33 37.11 0.63 17.01
C GLY D 33 37.45 1.86 17.84
N ILE D 34 36.88 1.94 19.05
CA ILE D 34 37.05 3.10 19.93
C ILE D 34 38.29 2.99 20.82
N LEU D 35 38.40 1.91 21.60
CA LEU D 35 39.47 1.78 22.59
C LEU D 35 40.66 0.90 22.17
N LYS D 36 40.63 0.42 20.93
CA LYS D 36 41.77 -0.29 20.33
C LYS D 36 42.17 -1.55 21.09
N ARG D 37 41.17 -2.34 21.50
CA ARG D 37 41.40 -3.63 22.13
C ARG D 37 40.53 -4.66 21.42
N PRO D 38 41.11 -5.80 21.01
CA PRO D 38 40.31 -6.79 20.27
C PRO D 38 39.26 -7.48 21.14
N PRO D 39 38.19 -8.01 20.51
CA PRO D 39 37.12 -8.66 21.25
C PRO D 39 37.59 -9.73 22.25
N ASP D 40 38.61 -10.54 21.91
CA ASP D 40 39.07 -11.58 22.82
C ASP D 40 39.81 -11.06 24.06
N GLU D 41 40.12 -9.76 24.09
CA GLU D 41 40.63 -9.11 25.30
C GLU D 41 39.53 -8.33 26.05
N GLN D 42 38.26 -8.54 25.70
CA GLN D 42 37.13 -7.88 26.35
C GLN D 42 36.16 -8.85 26.99
N ARG D 43 35.70 -8.51 28.19
CA ARG D 43 34.51 -9.15 28.77
C ARG D 43 33.47 -8.06 28.97
N LEU D 44 32.26 -8.30 28.51
CA LEU D 44 31.16 -7.37 28.78
C LEU D 44 30.22 -7.96 29.82
N TYR D 45 29.71 -7.10 30.69
CA TYR D 45 28.84 -7.52 31.78
C TYR D 45 27.52 -6.77 31.75
N LYS D 46 26.46 -7.45 32.21
CA LYS D 46 25.23 -6.77 32.63
C LYS D 46 25.13 -6.90 34.13
N ASP D 47 25.36 -5.80 34.84
CA ASP D 47 25.61 -5.85 36.28
C ASP D 47 26.78 -6.83 36.52
N ASP D 48 26.59 -7.87 37.34
CA ASP D 48 27.67 -8.80 37.62
C ASP D 48 27.62 -10.05 36.73
N GLN D 49 26.77 -10.03 35.70
CA GLN D 49 26.62 -11.20 34.82
C GLN D 49 27.44 -11.05 33.55
N LEU D 50 28.31 -12.01 33.30
CA LEU D 50 29.11 -12.05 32.07
C LEU D 50 28.24 -12.42 30.88
N LEU D 51 28.42 -11.71 29.76
CA LEU D 51 27.63 -11.93 28.55
C LEU D 51 28.41 -12.76 27.53
N ASP D 52 27.77 -13.79 26.96
CA ASP D 52 28.38 -14.62 25.91
C ASP D 52 28.36 -13.90 24.55
N ASP D 53 29.45 -14.06 23.80
CA ASP D 53 29.63 -13.46 22.47
C ASP D 53 28.46 -13.64 21.50
N GLY D 54 27.84 -14.82 21.52
CA GLY D 54 26.82 -15.18 20.53
C GLY D 54 25.41 -14.71 20.85
N LYS D 55 25.19 -14.22 22.07
CA LYS D 55 23.84 -13.83 22.50
C LYS D 55 23.48 -12.46 21.97
N THR D 56 22.19 -12.23 21.75
CA THR D 56 21.73 -10.92 21.31
C THR D 56 21.58 -10.00 22.52
N LEU D 57 21.62 -8.71 22.26
CA LEU D 57 21.42 -7.71 23.29
C LEU D 57 20.03 -7.86 23.91
N GLY D 58 19.03 -8.21 23.10
CA GLY D 58 17.64 -8.37 23.55
C GLY D 58 17.40 -9.51 24.54
N GLU D 59 17.97 -10.67 24.22
CA GLU D 59 18.03 -11.84 25.12
C GLU D 59 18.68 -11.55 26.46
N CAS D 60 19.68 -10.68 26.47
CA CAS D 60 20.35 -10.29 27.70
CB CAS D 60 21.79 -9.90 27.39
C CAS D 60 19.67 -9.14 28.39
O CAS D 60 20.24 -8.54 29.30
SG CAS D 60 22.79 -11.27 26.92
AS CAS D 60 22.46 -12.85 28.51
CE1 CAS D 60 21.58 -14.32 27.52
CE2 CAS D 60 24.16 -13.56 29.26
N GLY D 61 18.45 -8.81 28.00
CA GLY D 61 17.67 -7.81 28.73
C GLY D 61 17.92 -6.35 28.37
N PHE D 62 18.56 -6.09 27.23
CA PHE D 62 18.67 -4.73 26.69
C PHE D 62 17.59 -4.56 25.66
N THR D 63 16.57 -3.80 26.01
CA THR D 63 15.40 -3.59 25.15
C THR D 63 15.17 -2.11 24.93
N SER D 64 14.48 -1.78 23.84
CA SER D 64 14.36 -0.40 23.39
C SER D 64 13.65 0.44 24.42
N GLN D 65 12.72 -0.16 25.16
CA GLN D 65 11.97 0.59 26.16
C GLN D 65 12.69 0.74 27.50
N THR D 66 13.78 0.01 27.72
CA THR D 66 14.57 0.21 28.94
C THR D 66 15.92 0.88 28.67
N ALA D 67 16.53 0.58 27.55
CA ALA D 67 17.78 1.23 27.16
C ALA D 67 17.46 2.44 26.27
N ARG D 68 17.16 3.57 26.88
CA ARG D 68 16.58 4.73 26.18
C ARG D 68 17.65 5.82 25.93
N PRO D 69 17.46 6.65 24.88
CA PRO D 69 18.40 7.75 24.60
C PRO D 69 18.74 8.61 25.83
N GLN D 70 17.71 8.96 26.59
CA GLN D 70 17.81 9.86 27.72
C GLN D 70 18.09 9.18 29.05
N ALA D 71 18.17 7.84 29.05
CA ALA D 71 18.46 7.06 30.26
C ALA D 71 19.00 5.72 29.79
N PRO D 72 20.24 5.70 29.29
CA PRO D 72 20.77 4.50 28.64
C PRO D 72 21.09 3.36 29.62
N ALA D 73 21.09 2.14 29.11
CA ALA D 73 21.42 0.98 29.91
C ALA D 73 22.94 0.85 30.00
N THR D 74 23.43 0.44 31.17
CA THR D 74 24.86 0.30 31.42
C THR D 74 25.39 -1.11 31.10
N VAL D 75 26.48 -1.16 30.34
CA VAL D 75 27.20 -2.39 30.07
C VAL D 75 28.58 -2.25 30.68
N GLY D 76 28.96 -3.20 31.53
CA GLY D 76 30.27 -3.19 32.17
C GLY D 76 31.33 -3.73 31.23
N LEU D 77 32.54 -3.22 31.34
CA LEU D 77 33.66 -3.66 30.52
C LEU D 77 34.89 -3.93 31.40
N ALA D 78 35.60 -5.01 31.09
CA ALA D 78 36.84 -5.35 31.75
C ALA D 78 37.77 -5.83 30.65
N PHE D 79 39.04 -5.42 30.75
CA PHE D 79 40.07 -5.80 29.78
C PHE D 79 41.02 -6.86 30.34
N ARG D 80 41.64 -7.59 29.42
CA ARG D 80 42.72 -8.53 29.75
C ARG D 80 44.07 -7.82 29.53
N ALA D 81 44.89 -7.77 30.58
CA ALA D 81 46.22 -7.16 30.50
C ALA D 81 47.30 -8.22 30.31
N ASP D 83 47.41 -11.71 30.19
CA ASP D 83 47.23 -13.07 30.71
C ASP D 83 45.84 -13.27 31.32
N THR D 84 45.55 -12.58 32.43
CA THR D 84 44.26 -12.70 33.12
C THR D 84 43.40 -11.47 32.94
N PHE D 85 42.09 -11.64 33.12
CA PHE D 85 41.15 -10.51 33.08
C PHE D 85 41.12 -9.79 34.43
N GLU D 86 41.11 -8.46 34.37
CA GLU D 86 40.91 -7.62 35.56
C GLU D 86 39.48 -7.81 36.08
N ALA D 87 39.27 -7.48 37.36
CA ALA D 87 37.93 -7.53 37.96
C ALA D 87 37.11 -6.35 37.45
N LEU D 88 35.80 -6.54 37.38
CA LEU D 88 34.88 -5.49 36.93
C LEU D 88 34.87 -4.35 37.95
N CAS D 89 35.23 -3.16 37.48
CA CAS D 89 35.30 -1.98 38.34
CB CAS D 89 36.76 -1.78 38.77
C CAS D 89 34.78 -0.81 37.55
O CAS D 89 35.36 -0.41 36.56
SG CAS D 89 37.01 -0.22 39.56
AS CAS D 89 35.93 -0.41 41.51
CE1 CAS D 89 35.43 -2.30 41.94
CE2 CAS D 89 37.12 0.30 42.95
N ILE D 90 33.65 -0.26 38.00
CA ILE D 90 33.09 0.93 37.40
C ILE D 90 33.14 2.02 38.45
N GLU D 91 33.94 3.05 38.21
CA GLU D 91 34.06 4.17 39.13
C GLU D 91 32.75 4.93 39.09
N PRO D 92 32.14 5.18 40.27
CA PRO D 92 30.90 5.94 40.24
C PRO D 92 31.11 7.37 39.79
N PHE D 93 30.06 7.98 39.26
CA PHE D 93 30.10 9.40 38.98
C PHE D 93 30.14 10.15 40.32
N SER D 94 30.54 11.42 40.27
CA SER D 94 30.56 12.26 41.47
C SER D 94 29.15 12.42 42.04
N SER D 95 29.07 12.78 43.31
CA SER D 95 27.79 12.98 43.98
C SER D 95 27.37 14.42 43.78
N PRO D 96 26.06 14.65 43.62
CA PRO D 96 25.60 16.04 43.62
C PRO D 96 25.58 16.62 45.03
N PRO D 97 25.52 17.96 45.13
CA PRO D 97 25.44 18.58 46.44
C PRO D 97 24.06 18.41 47.05
N GLU D 98 23.90 18.87 48.28
CA GLU D 98 22.59 18.96 48.91
C GLU D 98 21.75 19.98 48.15
N LEU D 99 20.46 19.71 48.03
CA LEU D 99 19.53 20.72 47.53
C LEU D 99 19.68 21.97 48.38
N PRO D 100 19.69 23.16 47.74
CA PRO D 100 19.54 24.38 48.53
C PRO D 100 18.17 24.42 49.22
N ASP D 101 18.03 25.28 50.23
CA ASP D 101 16.78 25.37 51.00
C ASP D 101 15.61 25.79 50.12
N VAL D 102 15.85 26.77 49.25
CA VAL D 102 14.81 27.31 48.36
C VAL D 102 14.29 26.31 47.29
N MET D 103 14.94 25.14 47.18
CA MET D 103 14.46 24.04 46.33
C MET D 103 13.98 22.84 47.15
N MET E 2 34.97 11.51 14.26
CA MET E 2 34.05 10.34 14.46
C MET E 2 33.59 10.19 15.90
N TYR E 3 34.55 10.05 16.82
CA TYR E 3 34.27 10.06 18.25
C TYR E 3 35.15 11.09 18.95
N VAL E 4 34.59 11.83 19.90
CA VAL E 4 35.35 12.78 20.70
C VAL E 4 35.26 12.39 22.17
N LYS E 5 36.20 12.90 22.96
CA LYS E 5 36.28 12.58 24.37
C LYS E 5 36.01 13.84 25.18
N LEU E 6 35.03 13.77 26.08
CA LEU E 6 34.72 14.90 26.95
C LEU E 6 35.05 14.49 28.36
N ILE E 7 35.93 15.25 29.01
CA ILE E 7 36.45 14.90 30.33
C ILE E 7 35.96 15.89 31.37
N SER E 8 35.32 15.38 32.42
CA SER E 8 34.75 16.20 33.48
C SER E 8 35.84 16.68 34.43
N SER E 9 35.46 17.54 35.37
CA SER E 9 36.39 18.09 36.36
C SER E 9 37.07 17.01 37.23
N ASP E 10 36.32 15.97 37.58
CA ASP E 10 36.84 14.84 38.38
C ASP E 10 37.44 13.68 37.55
N GLY E 11 37.80 13.93 36.29
CA GLY E 11 38.57 12.97 35.50
C GLY E 11 37.82 11.88 34.74
N HIS E 12 36.48 11.93 34.74
CA HIS E 12 35.70 10.95 33.97
C HIS E 12 35.71 11.29 32.49
N GLU E 13 36.00 10.29 31.68
CA GLU E 13 36.11 10.43 30.24
C GLU E 13 34.84 9.88 29.56
N PHE E 14 34.12 10.77 28.88
CA PHE E 14 32.92 10.39 28.17
C PHE E 14 33.21 10.40 26.69
N ILE E 15 32.95 9.29 26.02
CA ILE E 15 33.28 9.16 24.62
C ILE E 15 31.97 9.16 23.85
N VAL E 16 31.78 10.20 23.05
CA VAL E 16 30.55 10.38 22.32
C VAL E 16 30.86 10.63 20.85
N LYS E 17 29.90 10.31 19.99
CA LYS E 17 29.99 10.62 18.57
C LYS E 17 30.23 12.12 18.38
N ARG E 18 31.15 12.45 17.47
CA ARG E 18 31.49 13.83 17.16
C ARG E 18 30.25 14.62 16.80
N GLU E 19 29.42 14.05 15.92
CA GLU E 19 28.17 14.66 15.49
C GLU E 19 27.35 15.13 16.69
N HIS E 20 27.18 14.24 17.67
CA HIS E 20 26.36 14.54 18.85
C HIS E 20 26.93 15.68 19.67
N ALA E 21 28.26 15.67 19.83
CA ALA E 21 28.95 16.71 20.59
C ALA E 21 28.90 18.09 19.93
N LEU E 22 28.82 18.13 18.60
CA LEU E 22 28.69 19.38 17.88
C LEU E 22 27.29 20.00 18.00
N THR E 23 26.37 19.32 18.69
CA THR E 23 25.16 19.98 19.22
C THR E 23 25.52 21.32 19.87
N SER E 24 26.66 21.35 20.57
CA SER E 24 27.15 22.54 21.27
C SER E 24 28.16 23.34 20.44
N GLY E 25 27.80 24.59 20.14
CA GLY E 25 28.71 25.53 19.51
C GLY E 25 29.96 25.77 20.34
N THR E 26 29.82 25.76 21.66
CA THR E 26 30.96 25.92 22.55
C THR E 26 31.99 24.78 22.43
N ILE E 27 31.50 23.54 22.41
CA ILE E 27 32.37 22.39 22.25
C ILE E 27 33.05 22.42 20.87
N LYS E 28 32.28 22.80 19.85
CA LYS E 28 32.81 22.95 18.50
C LYS E 28 34.01 23.89 18.46
N ALA E 29 33.95 25.00 19.20
CA ALA E 29 35.06 25.98 19.22
C ALA E 29 36.24 25.46 20.01
N MET E 30 35.99 24.63 21.01
CA MET E 30 37.05 23.99 21.79
C MET E 30 37.79 22.89 21.00
N LEU E 31 37.09 22.22 20.07
CA LEU E 31 37.68 21.18 19.22
C LEU E 31 38.49 21.77 18.06
N SER E 32 37.80 22.46 17.17
CA SER E 32 38.40 23.08 16.00
C SER E 32 38.69 24.55 16.32
N GLY E 33 39.80 24.78 17.01
CA GLY E 33 40.15 26.12 17.44
C GLY E 33 41.51 26.22 18.11
N THR E 42 43.94 15.84 21.08
CA THR E 42 43.65 16.37 19.76
C THR E 42 42.16 16.66 19.63
N ASN E 43 41.34 15.63 19.82
CA ASN E 43 39.87 15.79 19.85
C ASN E 43 39.33 15.33 21.20
N GLU E 44 39.92 15.89 22.25
CA GLU E 44 39.46 15.77 23.62
C GLU E 44 39.20 17.17 24.15
N VAL E 45 38.24 17.31 25.05
CA VAL E 45 38.01 18.60 25.70
C VAL E 45 37.86 18.35 27.20
N ASN E 46 38.63 19.11 28.00
CA ASN E 46 38.51 19.06 29.45
C ASN E 46 37.62 20.20 29.95
N PHE E 47 36.74 19.88 30.90
CA PHE E 47 35.85 20.85 31.53
C PHE E 47 36.18 20.93 33.01
N ARG E 48 36.77 22.04 33.43
CA ARG E 48 37.19 22.21 34.83
C ARG E 48 36.04 22.50 35.77
N GLU E 49 34.91 22.95 35.23
CA GLU E 49 33.78 23.34 36.07
C GLU E 49 32.64 22.35 36.03
N ILE E 50 32.70 21.37 35.14
CA ILE E 50 31.58 20.46 34.97
C ILE E 50 31.95 19.07 35.50
N PRO E 51 31.36 18.67 36.63
CA PRO E 51 31.63 17.34 37.19
C PRO E 51 30.86 16.21 36.49
N SER E 52 31.23 14.97 36.80
CA SER E 52 30.75 13.82 36.06
C SER E 52 29.25 13.61 36.15
N HIS E 53 28.63 13.96 37.28
CA HIS E 53 27.18 13.76 37.43
C HIS E 53 26.35 14.74 36.59
N VAL E 54 26.98 15.82 36.14
CA VAL E 54 26.36 16.78 35.22
C VAL E 54 26.72 16.43 33.78
N LEU E 55 27.99 16.11 33.52
CA LEU E 55 28.43 15.89 32.14
C LEU E 55 27.85 14.62 31.56
N SER E 56 27.63 13.62 32.41
CA SER E 56 26.96 12.40 31.97
C SER E 56 25.57 12.75 31.42
N LYS E 57 24.86 13.62 32.12
CA LYS E 57 23.52 14.05 31.69
C LYS E 57 23.54 14.85 30.39
N VAL E 58 24.58 15.64 30.19
CA VAL E 58 24.72 16.42 28.97
C VAL E 58 24.87 15.51 27.77
N CYS E 59 25.65 14.45 27.93
CA CYS E 59 25.84 13.46 26.89
C CYS E 59 24.53 12.71 26.59
N MET E 60 23.76 12.44 27.62
CA MET E 60 22.48 11.80 27.43
C MET E 60 21.56 12.77 26.68
N TYR E 61 21.65 14.06 26.99
CA TYR E 61 20.88 15.06 26.24
C TYR E 61 21.24 15.02 24.75
N PHE E 62 22.53 14.97 24.44
CA PHE E 62 22.95 14.94 23.04
C PHE E 62 22.28 13.77 22.33
N THR E 63 22.35 12.58 22.95
CA THR E 63 21.75 11.38 22.38
C THR E 63 20.25 11.59 22.15
N TYR E 64 19.57 12.10 23.18
CA TYR E 64 18.12 12.38 23.13
C TYR E 64 17.76 13.35 22.02
N LYS E 65 18.49 14.46 21.94
CA LYS E 65 18.23 15.45 20.91
C LYS E 65 18.36 14.87 19.49
N VAL E 66 19.44 14.15 19.24
CA VAL E 66 19.69 13.61 17.90
C VAL E 66 18.68 12.53 17.54
N ARG E 67 18.25 11.75 18.53
CA ARG E 67 17.23 10.75 18.31
C ARG E 67 15.84 11.33 18.05
N TYR E 68 15.44 12.33 18.82
CA TYR E 68 14.07 12.81 18.78
C TYR E 68 13.82 14.08 17.96
N THR E 69 14.87 14.73 17.48
CA THR E 69 14.72 15.94 16.64
C THR E 69 14.13 15.58 15.28
N ASN E 70 13.08 16.31 14.91
CA ASN E 70 12.32 16.09 13.67
C ASN E 70 11.78 14.67 13.56
N SER E 71 11.36 14.12 14.68
CA SER E 71 10.81 12.78 14.76
C SER E 71 9.29 12.81 14.61
N SER E 72 8.73 11.80 13.95
CA SER E 72 7.27 11.62 13.88
C SER E 72 6.74 10.97 15.16
N THR E 73 7.53 10.07 15.75
CA THR E 73 7.16 9.39 17.00
C THR E 73 6.89 10.34 18.18
N GLU E 74 6.23 9.82 19.21
CA GLU E 74 5.97 10.56 20.43
C GLU E 74 7.28 10.77 21.20
N ILE E 75 7.44 11.99 21.74
CA ILE E 75 8.67 12.39 22.38
C ILE E 75 8.51 12.34 23.90
N PRO E 76 9.38 11.60 24.59
CA PRO E 76 9.30 11.60 26.05
C PRO E 76 10.00 12.80 26.68
N GLU E 77 9.65 13.09 27.92
CA GLU E 77 10.21 14.20 28.67
C GLU E 77 11.68 13.90 28.92
N PHE E 78 12.56 14.90 28.78
CA PHE E 78 13.94 14.72 29.21
C PHE E 78 13.96 14.85 30.75
N PRO E 79 14.39 13.80 31.46
CA PRO E 79 14.26 13.88 32.90
C PRO E 79 15.44 14.62 33.51
N ILE E 80 15.19 15.44 34.53
CA ILE E 80 16.25 16.11 35.29
C ILE E 80 15.93 16.03 36.78
N ALA E 81 16.72 15.28 37.54
CA ALA E 81 16.60 15.24 39.00
C ALA E 81 16.84 16.63 39.60
N PRO E 82 16.00 17.02 40.58
CA PRO E 82 16.17 18.31 41.25
C PRO E 82 17.60 18.61 41.73
N GLU E 83 18.31 17.58 42.18
CA GLU E 83 19.64 17.75 42.76
C GLU E 83 20.73 18.21 41.77
N ILE E 84 20.53 17.95 40.48
CA ILE E 84 21.52 18.34 39.48
C ILE E 84 21.07 19.52 38.63
N ALA E 85 19.86 20.01 38.88
CA ALA E 85 19.21 20.94 37.98
C ALA E 85 19.94 22.26 37.87
N LEU E 86 20.47 22.75 38.98
CA LEU E 86 21.15 24.05 38.99
C LEU E 86 22.46 24.03 38.23
N GLU E 87 23.29 23.04 38.49
CA GLU E 87 24.55 22.88 37.79
C GLU E 87 24.32 22.57 36.31
N LEU E 88 23.31 21.76 36.01
CA LEU E 88 23.03 21.42 34.63
C LEU E 88 22.64 22.68 33.89
N LEU E 89 21.91 23.55 34.59
CA LEU E 89 21.50 24.83 34.02
C LEU E 89 22.71 25.65 33.64
N MET E 90 23.69 25.74 34.54
CA MET E 90 24.88 26.54 34.29
C MET E 90 25.70 25.92 33.18
N ALA E 91 25.83 24.59 33.18
CA ALA E 91 26.51 23.91 32.09
C ALA E 91 25.83 24.17 30.74
N ALA E 92 24.50 24.14 30.71
CA ALA E 92 23.80 24.31 29.45
C ALA E 92 23.98 25.71 28.93
N ASN E 93 24.02 26.67 29.85
CA ASN E 93 24.29 28.07 29.53
C ASN E 93 25.67 28.23 28.91
N PHE E 94 26.67 27.59 29.52
CA PHE E 94 28.04 27.62 29.01
C PHE E 94 28.15 26.97 27.64
N LEU E 95 27.51 25.82 27.47
CA LEU E 95 27.64 25.03 26.23
C LEU E 95 26.71 25.49 25.09
N ASP E 96 25.75 26.36 25.42
CA ASP E 96 24.76 26.86 24.48
C ASP E 96 24.00 25.75 23.79
N CYS E 97 23.43 24.85 24.58
CA CYS E 97 22.65 23.72 24.05
C CYS E 97 21.31 23.57 24.77
N VAL F 11 -1.28 40.19 12.08
CA VAL F 11 -1.08 39.21 10.97
C VAL F 11 -1.61 37.80 11.32
N LEU F 12 -1.36 37.36 12.54
CA LEU F 12 -1.80 36.03 12.99
C LEU F 12 -3.22 36.08 13.54
N ARG F 13 -4.18 35.78 12.66
CA ARG F 13 -5.59 35.82 12.98
C ARG F 13 -6.28 34.67 12.25
N SER F 14 -7.35 34.15 12.82
CA SER F 14 -8.18 33.20 12.11
C SER F 14 -8.93 33.95 11.01
N VAL F 15 -9.26 33.23 9.93
CA VAL F 15 -10.08 33.79 8.85
C VAL F 15 -11.49 33.23 9.01
N ASN F 16 -12.49 34.05 8.72
CA ASN F 16 -13.89 33.65 8.87
C ASN F 16 -14.42 32.90 7.64
N SER F 17 -13.95 31.67 7.45
CA SER F 17 -14.28 30.92 6.23
C SER F 17 -15.70 30.34 6.22
N ARG F 18 -16.24 30.04 7.41
CA ARG F 18 -17.53 29.36 7.53
C ARG F 18 -17.51 27.99 6.84
N GLU F 19 -16.35 27.36 6.82
CA GLU F 19 -16.15 26.08 6.15
C GLU F 19 -15.81 25.02 7.20
N PRO F 20 -16.79 24.21 7.65
CA PRO F 20 -16.53 23.27 8.76
C PRO F 20 -15.33 22.35 8.53
N SER F 21 -14.63 22.05 9.61
CA SER F 21 -13.49 21.14 9.59
C SER F 21 -13.44 20.45 10.94
N GLN F 22 -13.65 19.14 10.95
CA GLN F 22 -13.59 18.38 12.19
C GLN F 22 -12.15 17.93 12.44
N VAL F 23 -11.75 17.93 13.71
CA VAL F 23 -10.36 17.70 14.10
C VAL F 23 -10.30 16.84 15.36
N ILE F 24 -9.27 16.02 15.46
CA ILE F 24 -8.97 15.32 16.70
C ILE F 24 -7.77 15.99 17.35
N PHE F 25 -7.99 16.66 18.47
CA PHE F 25 -6.91 17.14 19.30
C PHE F 25 -6.42 15.94 20.10
N CAS F 26 -5.22 15.46 19.78
CA CAS F 26 -4.65 14.25 20.38
CB CAS F 26 -4.32 13.26 19.28
C CAS F 26 -3.42 14.63 21.16
O CAS F 26 -2.38 14.93 20.58
SG CAS F 26 -3.58 11.78 19.92
AS CAS F 26 -5.30 10.68 20.79
CE1 CAS F 26 -4.99 10.50 22.73
CE2 CAS F 26 -5.33 8.84 20.07
N ASN F 27 -3.53 14.61 22.48
CA ASN F 27 -2.45 14.98 23.37
C ASN F 27 -1.49 13.81 23.54
N ARG F 28 -0.45 13.77 22.71
CA ARG F 28 0.60 12.76 22.82
C ARG F 28 1.77 13.29 23.63
N SER F 29 1.48 13.94 24.75
CA SER F 29 2.50 14.55 25.57
C SER F 29 2.19 14.18 27.01
N PRO F 30 3.17 14.33 27.90
CA PRO F 30 2.89 14.07 29.30
C PRO F 30 2.30 15.27 30.05
N ARG F 31 2.08 16.39 29.38
CA ARG F 31 1.58 17.62 30.02
C ARG F 31 0.06 17.70 29.87
N VAL F 32 -0.56 18.46 30.78
CA VAL F 32 -1.94 18.94 30.60
C VAL F 32 -1.90 20.03 29.56
N VAL F 33 -2.69 19.89 28.50
CA VAL F 33 -2.61 20.81 27.36
C VAL F 33 -3.72 21.86 27.36
N LEU F 34 -3.34 23.11 27.10
CA LEU F 34 -4.26 24.21 26.90
C LEU F 34 -4.30 24.49 25.40
N PRO F 35 -5.43 24.18 24.72
CA PRO F 35 -5.57 24.60 23.35
C PRO F 35 -5.90 26.09 23.31
N VAL F 36 -5.29 26.82 22.39
CA VAL F 36 -5.54 28.25 22.23
C VAL F 36 -5.93 28.59 20.80
N TRP F 37 -7.09 29.23 20.63
CA TRP F 37 -7.57 29.64 19.30
C TRP F 37 -7.29 31.12 19.12
N LEU F 38 -6.70 31.50 18.00
CA LEU F 38 -6.55 32.91 17.69
C LEU F 38 -7.83 33.40 17.04
N ASN F 39 -8.47 34.38 17.66
CA ASN F 39 -9.77 34.83 17.17
C ASN F 39 -9.59 35.78 15.99
N PHE F 40 -10.68 36.31 15.48
CA PHE F 40 -10.62 37.09 14.24
C PHE F 40 -9.83 38.40 14.40
N ASP F 41 -9.72 38.88 15.65
CA ASP F 41 -8.84 40.03 16.01
C ASP F 41 -7.43 39.62 16.43
N GLY F 42 -7.12 38.33 16.39
CA GLY F 42 -5.79 37.88 16.81
C GLY F 42 -5.60 37.82 18.31
N GLU F 43 -6.69 37.85 19.08
CA GLU F 43 -6.61 37.67 20.55
C GLU F 43 -6.61 36.17 20.88
N PRO F 44 -5.67 35.72 21.75
CA PRO F 44 -5.71 34.30 22.12
C PRO F 44 -6.96 33.97 22.93
N GLN F 45 -7.66 32.92 22.53
CA GLN F 45 -8.78 32.43 23.32
C GLN F 45 -8.48 31.02 23.82
N PRO F 46 -8.38 30.85 25.16
CA PRO F 46 -8.16 29.53 25.73
C PRO F 46 -9.43 28.66 25.69
N TYR F 47 -9.23 27.37 25.45
CA TYR F 47 -10.31 26.40 25.34
C TYR F 47 -10.08 25.35 26.43
N PRO F 48 -11.03 24.40 26.61
CA PRO F 48 -10.86 23.43 27.71
C PRO F 48 -9.57 22.58 27.60
N THR F 49 -9.02 22.20 28.74
CA THR F 49 -7.73 21.52 28.76
C THR F 49 -7.90 20.05 28.42
N LEU F 50 -6.82 19.43 27.96
CA LEU F 50 -6.77 17.99 27.74
C LEU F 50 -5.74 17.36 28.66
N PRO F 51 -6.14 16.36 29.47
CA PRO F 51 -5.12 15.70 30.32
C PRO F 51 -4.16 14.86 29.47
N PRO F 52 -3.03 14.45 30.05
CA PRO F 52 -2.04 13.69 29.28
C PRO F 52 -2.64 12.46 28.65
N GLY F 53 -2.31 12.23 27.39
CA GLY F 53 -2.64 10.98 26.73
C GLY F 53 -4.06 10.86 26.23
N THR F 54 -4.84 11.94 26.31
CA THR F 54 -6.26 11.91 25.92
C THR F 54 -6.53 12.68 24.64
N GLY F 55 -7.71 12.41 24.06
CA GLY F 55 -8.16 13.04 22.83
C GLY F 55 -9.56 13.59 22.90
N ARG F 56 -9.85 14.53 22.00
CA ARG F 56 -11.17 15.15 21.89
C ARG F 56 -11.46 15.39 20.41
N ARG F 57 -12.69 15.09 20.00
CA ARG F 57 -13.17 15.44 18.69
C ARG F 57 -13.86 16.78 18.83
N ILE F 58 -13.41 17.74 18.02
CA ILE F 58 -13.86 19.13 18.14
C ILE F 58 -14.19 19.69 16.76
N HIS F 59 -15.10 20.66 16.73
CA HIS F 59 -15.51 21.35 15.50
C HIS F 59 -14.82 22.69 15.38
N SER F 60 -14.06 22.85 14.30
CA SER F 60 -13.43 24.12 14.00
C SER F 60 -13.70 24.43 12.54
N TYR F 61 -12.87 25.28 11.94
CA TYR F 61 -13.12 25.75 10.59
C TYR F 61 -11.83 25.92 9.83
N ARG F 62 -11.92 25.79 8.51
CA ARG F 62 -10.76 25.93 7.65
C ARG F 62 -10.22 27.35 7.83
N GLY F 63 -8.90 27.50 7.82
CA GLY F 63 -8.27 28.81 8.01
C GLY F 63 -8.27 29.38 9.42
N HIS F 64 -8.79 28.64 10.40
CA HIS F 64 -8.66 29.01 11.81
C HIS F 64 -7.28 28.61 12.35
N LEU F 65 -6.74 29.41 13.25
CA LEU F 65 -5.39 29.18 13.78
C LEU F 65 -5.42 28.73 15.23
N TRP F 66 -4.64 27.69 15.53
CA TRP F 66 -4.55 27.15 16.89
C TRP F 66 -3.11 26.96 17.35
N LEU F 67 -2.85 27.12 18.64
CA LEU F 67 -1.60 26.66 19.21
C LEU F 67 -1.83 25.97 20.53
N PHE F 68 -0.78 25.33 21.06
CA PHE F 68 -0.94 24.49 22.23
C PHE F 68 0.16 24.71 23.28
N ARG F 69 -0.25 24.77 24.54
CA ARG F 69 0.65 25.06 25.63
C ARG F 69 0.40 24.10 26.77
N ASP F 70 1.41 23.95 27.63
CA ASP F 70 1.23 23.32 28.92
C ASP F 70 0.32 24.25 29.70
N ALA F 71 -0.76 23.71 30.22
CA ALA F 71 -1.77 24.52 30.90
C ALA F 71 -1.28 25.17 32.20
N GLY F 72 -0.38 24.49 32.90
CA GLY F 72 0.14 24.98 34.18
C GLY F 72 1.23 26.04 34.04
N THR F 73 2.12 25.84 33.08
CA THR F 73 3.35 26.64 32.95
C THR F 73 3.42 27.51 31.68
N HIS F 74 2.57 27.21 30.69
CA HIS F 74 2.61 27.83 29.36
C HIS F 74 3.83 27.50 28.50
N ASP F 75 4.60 26.48 28.86
CA ASP F 75 5.65 25.98 27.96
C ASP F 75 5.04 25.68 26.58
N GLY F 76 5.81 25.95 25.53
CA GLY F 76 5.37 25.67 24.15
C GLY F 76 5.29 24.19 23.88
N LEU F 77 4.30 23.81 23.07
CA LEU F 77 4.16 22.45 22.55
C LEU F 77 4.08 22.46 21.04
N LEU F 78 4.37 21.33 20.41
CA LEU F 78 4.24 21.21 18.96
C LEU F 78 2.92 20.54 18.58
N VAL F 79 2.41 20.88 17.41
CA VAL F 79 1.25 20.23 16.83
C VAL F 79 1.61 19.86 15.38
N ASN F 80 1.54 18.57 15.08
CA ASN F 80 2.08 18.01 13.84
C ASN F 80 3.47 18.57 13.50
N GLN F 81 4.34 18.57 14.51
CA GLN F 81 5.74 18.96 14.35
C GLN F 81 5.99 20.44 14.13
N THR F 82 4.97 21.29 14.33
CA THR F 82 5.16 22.74 14.17
C THR F 82 4.43 23.51 15.27
N GLU F 83 4.53 24.84 15.20
CA GLU F 83 3.96 25.73 16.21
C GLU F 83 2.46 25.95 16.04
N LEU F 84 2.03 26.13 14.80
CA LEU F 84 0.65 26.52 14.53
C LEU F 84 -0.08 25.42 13.79
N PHE F 85 -1.36 25.26 14.11
CA PHE F 85 -2.21 24.31 13.45
C PHE F 85 -3.37 25.03 12.78
N VAL F 86 -3.57 24.71 11.51
CA VAL F 86 -4.65 25.22 10.72
C VAL F 86 -5.48 24.05 10.18
N PRO F 87 -6.74 23.92 10.60
CA PRO F 87 -7.57 22.84 10.08
C PRO F 87 -7.67 22.87 8.57
N SER F 88 -7.49 21.72 7.95
CA SER F 88 -7.53 21.59 6.49
C SER F 88 -8.76 20.79 6.06
N LEU F 89 -8.88 20.57 4.75
CA LEU F 89 -10.01 19.87 4.17
C LEU F 89 -10.20 18.44 4.73
N ASN F 90 -11.44 18.12 5.13
CA ASN F 90 -11.80 16.74 5.50
C ASN F 90 -12.12 15.90 4.26
N VAL F 91 -11.16 15.06 3.85
CA VAL F 91 -11.36 14.22 2.67
C VAL F 91 -12.16 12.98 3.06
N ASP F 92 -13.32 12.80 2.40
CA ASP F 92 -14.27 11.71 2.70
C ASP F 92 -14.70 11.69 4.17
N GLY F 93 -14.94 12.88 4.73
CA GLY F 93 -15.40 13.02 6.12
C GLY F 93 -14.45 12.54 7.22
N GLN F 94 -13.19 12.26 6.89
CA GLN F 94 -12.21 11.83 7.90
C GLN F 94 -11.70 13.07 8.64
N PRO F 95 -11.75 13.05 9.98
CA PRO F 95 -11.27 14.21 10.74
C PRO F 95 -9.77 14.40 10.61
N ILE F 96 -9.31 15.63 10.78
CA ILE F 96 -7.89 15.92 10.69
C ILE F 96 -7.27 15.63 12.05
N PHE F 97 -6.15 14.93 12.05
CA PHE F 97 -5.42 14.71 13.30
C PHE F 97 -4.45 15.86 13.63
N ALA F 98 -4.69 16.50 14.78
CA ALA F 98 -3.74 17.41 15.39
C ALA F 98 -3.01 16.66 16.50
N ASN F 99 -1.80 16.21 16.21
CA ASN F 99 -0.98 15.46 17.18
C ASN F 99 -0.11 16.41 17.98
N ILE F 100 -0.44 16.56 19.26
CA ILE F 100 0.21 17.48 20.13
C ILE F 100 1.31 16.73 20.89
N THR F 101 2.54 17.24 20.82
CA THR F 101 3.70 16.58 21.42
C THR F 101 4.59 17.61 22.09
N LEU F 102 5.48 17.11 22.96
CA LEU F 102 6.61 17.91 23.44
C LEU F 102 7.50 18.20 22.26
N PRO F 103 8.04 19.43 22.16
CA PRO F 103 9.19 19.57 21.28
C PRO F 103 10.43 19.00 21.98
N VAL F 104 11.54 18.92 21.27
CA VAL F 104 12.81 18.73 21.92
C VAL F 104 13.27 20.09 22.41
N TYR F 105 13.06 20.38 23.70
CA TYR F 105 13.52 21.64 24.26
C TYR F 105 15.02 21.67 24.24
N THR F 106 15.60 22.87 24.23
CA THR F 106 17.04 22.99 24.46
C THR F 106 17.27 22.58 25.90
N LEU F 107 18.47 22.07 26.19
CA LEU F 107 18.80 21.68 27.54
C LEU F 107 18.62 22.87 28.49
N LYS F 108 19.06 24.05 28.08
CA LYS F 108 18.87 25.25 28.90
C LYS F 108 17.40 25.47 29.24
N GLU F 109 16.52 25.43 28.24
CA GLU F 109 15.10 25.68 28.51
C GLU F 109 14.47 24.59 29.39
N ARG F 110 14.87 23.34 29.19
CA ARG F 110 14.41 22.27 30.06
C ARG F 110 14.89 22.48 31.47
N CYS F 111 16.15 22.88 31.66
CA CYS F 111 16.64 23.16 33.01
C CYS F 111 15.86 24.31 33.65
N LEU F 112 15.55 25.36 32.90
CA LEU F 112 14.77 26.47 33.44
C LEU F 112 13.41 25.96 33.92
N GLN F 113 12.76 25.13 33.11
CA GLN F 113 11.47 24.53 33.48
C GLN F 113 11.49 23.80 34.81
N VAL F 114 12.50 22.98 35.03
CA VAL F 114 12.59 22.23 36.27
C VAL F 114 12.87 23.15 37.45
N VAL F 115 13.80 24.08 37.29
CA VAL F 115 14.06 25.05 38.36
C VAL F 115 12.80 25.88 38.68
N ARG F 116 12.07 26.33 37.66
CA ARG F 116 10.80 27.04 37.89
C ARG F 116 9.75 26.19 38.63
N SER F 117 9.73 24.88 38.37
CA SER F 117 8.76 24.00 39.01
C SER F 117 9.07 23.78 40.49
N LEU F 118 10.33 23.97 40.88
CA LEU F 118 10.76 23.80 42.27
C LEU F 118 10.82 25.10 43.08
N VAL F 119 11.34 26.16 42.49
CA VAL F 119 11.57 27.41 43.21
C VAL F 119 10.45 28.40 42.98
N LYS F 120 9.87 28.90 44.07
CA LYS F 120 8.85 29.94 43.98
C LYS F 120 9.49 31.18 43.37
N PRO F 121 8.75 31.91 42.53
CA PRO F 121 9.30 33.15 41.96
C PRO F 121 9.92 34.10 43.00
N GLU F 122 9.31 34.18 44.18
CA GLU F 122 9.84 34.97 45.29
C GLU F 122 11.29 34.63 45.66
N ASN F 123 11.77 33.45 45.26
CA ASN F 123 13.11 33.00 45.62
C ASN F 123 14.13 32.84 44.47
N TYR F 124 13.78 33.21 43.23
CA TYR F 124 14.78 33.10 42.14
C TYR F 124 16.05 33.83 42.50
N ARG F 125 15.91 34.98 43.17
CA ARG F 125 17.05 35.82 43.53
C ARG F 125 17.98 35.20 44.58
N ARG F 126 17.48 34.22 45.32
CA ARG F 126 18.31 33.56 46.34
C ARG F 126 19.23 32.49 45.74
N LEU F 127 19.03 32.13 44.47
CA LEU F 127 19.83 31.10 43.82
C LEU F 127 21.20 31.64 43.45
N ASP F 128 22.23 30.81 43.66
CA ASP F 128 23.60 31.19 43.38
C ASP F 128 23.93 31.00 41.89
N ILE F 129 23.58 32.01 41.07
CA ILE F 129 23.74 31.96 39.62
C ILE F 129 23.91 33.36 39.05
N VAL F 130 24.38 33.43 37.81
CA VAL F 130 24.62 34.71 37.15
C VAL F 130 23.34 35.49 36.89
N ARG F 131 23.45 36.81 36.86
CA ARG F 131 22.29 37.71 36.73
C ARG F 131 21.45 37.38 35.49
N SER F 132 22.11 36.99 34.42
CA SER F 132 21.42 36.68 33.18
C SER F 132 20.48 35.49 33.36
N LEU F 133 20.82 34.57 34.25
CA LEU F 133 19.97 33.40 34.52
C LEU F 133 18.78 33.74 35.41
N TYR F 134 18.94 34.70 36.32
CA TYR F 134 17.78 35.24 37.07
C TYR F 134 16.78 35.74 36.07
N GLU F 135 17.24 36.54 35.10
CA GLU F 135 16.34 37.11 34.10
C GLU F 135 15.70 36.04 33.23
N ASP F 136 16.45 35.00 32.87
CA ASP F 136 15.91 33.92 32.06
C ASP F 136 14.82 33.13 32.82
N LEU F 137 15.06 32.84 34.09
CA LEU F 137 14.03 32.21 34.93
C LEU F 137 12.77 33.08 35.04
N GLU F 138 12.98 34.39 35.17
CA GLU F 138 11.87 35.35 35.30
C GLU F 138 11.13 35.55 34.00
N ASP F 139 11.79 35.37 32.86
CA ASP F 139 11.14 35.59 31.57
C ASP F 139 10.32 34.35 31.18
N HIS F 140 9.19 34.16 31.86
CA HIS F 140 8.34 32.97 31.69
C HIS F 140 7.86 32.80 30.26
N PRO F 141 7.70 31.54 29.80
CA PRO F 141 7.00 31.37 28.54
C PRO F 141 5.61 31.99 28.62
N ASN F 142 5.11 32.43 27.49
CA ASN F 142 3.95 33.29 27.45
C ASN F 142 3.51 33.35 25.99
N VAL F 143 2.21 33.23 25.77
CA VAL F 143 1.65 33.18 24.42
C VAL F 143 1.82 34.50 23.69
N GLN F 144 1.54 35.59 24.37
CA GLN F 144 1.70 36.92 23.78
C GLN F 144 3.10 37.12 23.18
N LYS F 145 4.14 36.75 23.93
CA LYS F 145 5.52 36.89 23.46
C LYS F 145 5.80 36.02 22.25
N ASP F 146 5.23 34.82 22.22
CA ASP F 146 5.38 33.95 21.06
C ASP F 146 4.63 34.47 19.83
N LEU F 147 3.49 35.11 20.04
CA LEU F 147 2.80 35.75 18.93
C LEU F 147 3.62 36.92 18.36
N GLU F 148 4.24 37.71 19.22
CA GLU F 148 5.15 38.77 18.77
C GLU F 148 6.38 38.19 18.05
N ARG F 149 6.92 37.10 18.55
CA ARG F 149 8.07 36.44 17.93
C ARG F 149 7.71 35.82 16.57
N LEU F 150 6.54 35.20 16.46
CA LEU F 150 6.08 34.63 15.19
C LEU F 150 5.83 35.71 14.15
N THR F 151 5.37 36.89 14.60
CA THR F 151 5.06 37.99 13.70
C THR F 151 6.34 38.66 13.20
N GLN F 152 7.22 39.07 14.12
CA GLN F 152 8.50 39.71 13.75
C GLN F 152 9.29 38.84 12.77
N GLU F 153 9.36 37.54 13.05
CA GLU F 153 9.87 36.57 12.09
C GLU F 153 8.79 36.30 11.03
N ARG F 154 8.63 37.27 10.12
CA ARG F 154 7.52 37.32 9.15
C ARG F 154 6.98 35.94 8.73
N MET G 1 -26.05 -20.04 9.72
CA MET G 1 -26.52 -19.16 10.84
C MET G 1 -25.34 -18.68 11.67
N ASP G 2 -25.20 -17.36 11.80
CA ASP G 2 -24.06 -16.77 12.48
C ASP G 2 -24.23 -16.77 14.00
N VAL G 3 -23.13 -16.96 14.71
CA VAL G 3 -23.07 -16.72 16.15
C VAL G 3 -21.96 -15.71 16.42
N PHE G 4 -22.10 -14.91 17.48
CA PHE G 4 -21.17 -13.83 17.76
C PHE G 4 -20.52 -13.99 19.14
N LEU G 5 -19.20 -13.86 19.16
CA LEU G 5 -18.40 -14.35 20.28
C LEU G 5 -17.43 -13.34 20.88
N MET G 6 -17.24 -13.45 22.19
CA MET G 6 -16.15 -12.83 22.91
C MET G 6 -15.26 -13.95 23.41
N ILE G 7 -14.06 -14.09 22.85
CA ILE G 7 -13.09 -15.07 23.33
C ILE G 7 -12.20 -14.37 24.34
N ARG G 8 -12.10 -14.92 25.54
CA ARG G 8 -11.53 -14.16 26.65
C ARG G 8 -10.49 -14.89 27.47
N ARG G 9 -9.34 -14.23 27.66
CA ARG G 9 -8.27 -14.72 28.51
C ARG G 9 -7.64 -13.56 29.25
N HIS G 10 -7.53 -13.71 30.58
CA HIS G 10 -6.93 -12.68 31.46
C HIS G 10 -7.57 -11.32 31.12
N LYS G 11 -6.78 -10.35 30.60
CA LYS G 11 -7.29 -9.04 30.20
C LYS G 11 -7.40 -8.87 28.67
N THR G 12 -7.47 -10.00 27.97
CA THR G 12 -7.58 -10.02 26.51
C THR G 12 -8.98 -10.53 26.14
N THR G 13 -9.65 -9.79 25.26
CA THR G 13 -10.98 -10.17 24.73
C THR G 13 -10.96 -10.03 23.21
N ILE G 14 -11.20 -11.11 22.49
CA ILE G 14 -11.34 -11.03 21.04
C ILE G 14 -12.81 -11.04 20.67
N PHE G 15 -13.24 -10.15 19.78
CA PHE G 15 -14.59 -10.18 19.18
C PHE G 15 -14.56 -10.79 17.78
N THR G 16 -15.34 -11.82 17.56
CA THR G 16 -15.42 -12.47 16.26
C THR G 16 -16.69 -13.29 16.16
N ASP G 17 -16.98 -13.73 14.94
CA ASP G 17 -18.17 -14.51 14.65
C ASP G 17 -17.80 -15.80 13.94
N ALA G 18 -18.76 -16.70 13.88
CA ALA G 18 -18.58 -18.01 13.26
C ALA G 18 -19.94 -18.60 12.93
N LYS G 19 -19.95 -19.73 12.24
CA LYS G 19 -21.19 -20.44 11.94
C LYS G 19 -21.56 -21.38 13.08
N GLU G 20 -22.85 -21.64 13.24
CA GLU G 20 -23.33 -22.66 14.16
C GLU G 20 -22.71 -24.03 13.85
N SER G 21 -22.51 -24.31 12.57
CA SER G 21 -22.01 -25.62 12.11
C SER G 21 -20.48 -25.77 12.17
N SER G 22 -19.75 -24.66 12.33
CA SER G 22 -18.28 -24.71 12.42
C SER G 22 -17.82 -25.26 13.77
N THR G 23 -16.61 -25.82 13.77
CA THR G 23 -16.09 -26.58 14.91
C THR G 23 -15.29 -25.74 15.89
N VAL G 24 -15.03 -26.33 17.05
CA VAL G 24 -14.17 -25.73 18.07
C VAL G 24 -12.75 -25.49 17.52
N PHE G 25 -12.27 -26.44 16.71
CA PHE G 25 -10.92 -26.37 16.12
C PHE G 25 -10.80 -25.23 15.12
N GLU G 26 -11.82 -25.07 14.28
CA GLU G 26 -11.85 -23.97 13.32
C GLU G 26 -11.80 -22.62 14.05
N LEU G 27 -12.37 -22.59 15.24
CA LEU G 27 -12.28 -21.42 16.13
C LEU G 27 -10.86 -21.24 16.70
N LYS G 28 -10.19 -22.35 17.02
CA LYS G 28 -8.79 -22.28 17.45
C LYS G 28 -7.87 -21.74 16.34
N ARG G 29 -8.14 -22.07 15.08
CA ARG G 29 -7.41 -21.51 13.94
C ARG G 29 -7.50 -19.98 13.90
N ILE G 30 -8.70 -19.45 14.13
CA ILE G 30 -8.92 -18.01 14.18
C ILE G 30 -8.11 -17.34 15.29
N VAL G 31 -8.12 -17.94 16.48
CA VAL G 31 -7.32 -17.45 17.62
C VAL G 31 -5.82 -17.40 17.27
N GLU G 32 -5.33 -18.44 16.60
CA GLU G 32 -3.92 -18.53 16.21
C GLU G 32 -3.53 -17.42 15.23
N GLY G 33 -4.41 -17.13 14.28
CA GLY G 33 -4.21 -16.03 13.35
C GLY G 33 -3.96 -14.72 14.07
N ILE G 34 -4.60 -14.55 15.23
CA ILE G 34 -4.53 -13.32 16.03
C ILE G 34 -3.41 -13.34 17.08
N LEU G 35 -3.43 -14.32 17.98
CA LEU G 35 -2.54 -14.37 19.14
C LEU G 35 -1.30 -15.24 18.93
N LYS G 36 -1.12 -15.78 17.72
CA LYS G 36 0.11 -16.47 17.31
C LYS G 36 0.45 -17.73 18.14
N ARG G 37 -0.58 -18.47 18.54
CA ARG G 37 -0.40 -19.71 19.29
C ARG G 37 -1.22 -20.81 18.63
N PRO G 38 -0.60 -21.96 18.32
CA PRO G 38 -1.31 -23.03 17.60
C PRO G 38 -2.48 -23.69 18.37
N PRO G 39 -3.40 -24.36 17.66
CA PRO G 39 -4.55 -25.05 18.28
C PRO G 39 -4.20 -26.01 19.44
N ASP G 40 -3.09 -26.75 19.32
CA ASP G 40 -2.71 -27.71 20.36
C ASP G 40 -2.20 -27.06 21.65
N GLU G 41 -1.89 -25.77 21.61
CA GLU G 41 -1.53 -24.99 22.82
C GLU G 41 -2.71 -24.18 23.41
N GLN G 42 -3.92 -24.35 22.86
CA GLN G 42 -5.12 -23.67 23.36
C GLN G 42 -6.16 -24.61 23.94
N ARG G 43 -6.76 -24.21 25.05
CA ARG G 43 -8.00 -24.83 25.51
C ARG G 43 -9.12 -23.79 25.45
N LEU G 44 -10.29 -24.21 24.96
CA LEU G 44 -11.47 -23.37 24.92
C LEU G 44 -12.58 -23.92 25.79
N TYR G 45 -13.26 -23.02 26.51
CA TYR G 45 -14.26 -23.41 27.49
C TYR G 45 -15.60 -22.69 27.26
N LYS G 46 -16.68 -23.42 27.49
CA LYS G 46 -17.97 -22.79 27.72
C LYS G 46 -18.22 -22.80 29.23
N ASP G 47 -18.03 -21.65 29.85
CA ASP G 47 -17.98 -21.54 31.31
C ASP G 47 -16.84 -22.46 31.84
N ASP G 48 -17.16 -23.49 32.64
CA ASP G 48 -16.12 -24.42 33.13
C ASP G 48 -15.98 -25.70 32.30
N GLN G 49 -16.79 -25.85 31.24
CA GLN G 49 -16.74 -27.06 30.41
C GLN G 49 -15.69 -26.95 29.30
N LEU G 50 -14.72 -27.85 29.32
CA LEU G 50 -13.72 -27.95 28.26
C LEU G 50 -14.40 -28.38 26.94
N LEU G 51 -14.09 -27.65 25.87
CA LEU G 51 -14.73 -27.89 24.57
C LEU G 51 -13.91 -28.79 23.66
N ASP G 52 -14.54 -29.87 23.19
CA ASP G 52 -13.91 -30.84 22.29
C ASP G 52 -13.72 -30.26 20.90
N ASP G 53 -12.55 -30.49 20.31
CA ASP G 53 -12.20 -29.97 18.98
C ASP G 53 -13.20 -30.32 17.87
N GLY G 54 -13.66 -31.56 17.82
CA GLY G 54 -14.51 -32.04 16.74
C GLY G 54 -15.96 -31.59 16.77
N LYS G 55 -16.41 -31.02 17.89
CA LYS G 55 -17.80 -30.61 18.06
C LYS G 55 -18.09 -29.25 17.44
N THR G 56 -19.30 -29.10 16.93
CA THR G 56 -19.75 -27.83 16.37
C THR G 56 -20.12 -26.87 17.51
N LEU G 57 -20.13 -25.58 17.19
CA LEU G 57 -20.49 -24.57 18.16
C LEU G 57 -21.97 -24.69 18.53
N GLY G 58 -22.81 -25.06 17.54
CA GLY G 58 -24.23 -25.31 17.75
C GLY G 58 -24.51 -26.43 18.76
N GLU G 59 -23.71 -27.48 18.73
CA GLU G 59 -23.85 -28.59 19.67
C GLU G 59 -23.45 -28.18 21.07
N CAS G 60 -22.43 -27.33 21.17
CA CAS G 60 -21.99 -26.80 22.45
CB CAS G 60 -20.55 -26.31 22.32
C CAS G 60 -22.87 -25.69 22.96
O CAS G 60 -22.50 -24.98 23.88
SG CAS G 60 -19.43 -27.63 21.98
AS CAS G 60 -19.82 -29.11 23.61
CE1 CAS G 60 -21.16 -30.43 22.93
CE2 CAS G 60 -18.19 -30.10 24.16
N GLY G 61 -24.05 -25.51 22.36
CA GLY G 61 -25.05 -24.57 22.88
C GLY G 61 -24.82 -23.12 22.52
N PHE G 62 -23.98 -22.86 21.52
CA PHE G 62 -23.85 -21.52 20.97
C PHE G 62 -24.84 -21.44 19.82
N THR G 63 -25.91 -20.66 20.00
CA THR G 63 -26.92 -20.48 18.97
C THR G 63 -27.11 -19.00 18.66
N SER G 64 -27.62 -18.74 17.46
CA SER G 64 -27.77 -17.38 16.97
C SER G 64 -28.66 -16.51 17.87
N GLN G 65 -29.58 -17.11 18.62
CA GLN G 65 -30.43 -16.31 19.50
C GLN G 65 -29.83 -16.04 20.89
N THR G 66 -28.77 -16.74 21.26
CA THR G 66 -28.05 -16.43 22.51
C THR G 66 -26.65 -15.91 22.29
N ALA G 67 -26.11 -16.07 21.08
CA ALA G 67 -24.82 -15.50 20.74
C ALA G 67 -25.04 -14.40 19.70
N ARG G 68 -25.53 -13.24 20.16
CA ARG G 68 -26.00 -12.17 19.27
C ARG G 68 -24.94 -11.07 19.12
N PRO G 69 -24.96 -10.35 17.98
CA PRO G 69 -23.97 -9.28 17.78
C PRO G 69 -23.93 -8.26 18.93
N GLN G 70 -25.08 -7.84 19.42
CA GLN G 70 -25.14 -6.84 20.50
C GLN G 70 -24.92 -7.41 21.89
N ALA G 71 -24.86 -8.73 22.04
CA ALA G 71 -24.59 -9.38 23.32
C ALA G 71 -23.94 -10.75 23.04
N PRO G 72 -22.66 -10.73 22.64
CA PRO G 72 -22.00 -11.95 22.19
C PRO G 72 -21.81 -12.92 23.35
N ALA G 73 -21.72 -14.20 23.03
CA ALA G 73 -21.50 -15.23 24.02
C ALA G 73 -20.00 -15.30 24.34
N THR G 74 -19.67 -15.59 25.59
CA THR G 74 -18.29 -15.69 26.06
C THR G 74 -17.71 -17.09 25.89
N VAL G 75 -16.59 -17.19 25.17
CA VAL G 75 -15.76 -18.40 25.16
C VAL G 75 -14.46 -18.13 25.91
N GLY G 76 -14.15 -19.00 26.89
CA GLY G 76 -12.94 -18.87 27.69
C GLY G 76 -11.74 -19.49 27.00
N LEU G 77 -10.56 -18.92 27.26
CA LEU G 77 -9.31 -19.35 26.63
C LEU G 77 -8.17 -19.49 27.62
N ALA G 78 -7.51 -20.64 27.58
CA ALA G 78 -6.30 -20.89 28.36
C ALA G 78 -5.18 -21.32 27.41
N PHE G 79 -3.95 -20.89 27.68
CA PHE G 79 -2.78 -21.30 26.89
C PHE G 79 -1.92 -22.35 27.62
N ARG G 80 -1.25 -23.20 26.84
CA ARG G 80 -0.22 -24.06 27.37
C ARG G 80 1.10 -23.32 27.30
N ALA G 81 1.71 -23.09 28.47
CA ALA G 81 3.01 -22.45 28.58
C ALA G 81 4.07 -23.51 28.91
N ASP G 82 5.10 -23.57 28.08
CA ASP G 82 6.10 -24.64 28.14
C ASP G 82 5.48 -26.07 28.12
N ASP G 83 5.27 -26.69 29.29
CA ASP G 83 4.81 -28.09 29.35
C ASP G 83 3.30 -28.27 29.63
N THR G 84 2.72 -27.42 30.49
CA THR G 84 1.36 -27.61 31.02
C THR G 84 0.44 -26.42 30.79
N PHE G 85 -0.86 -26.68 30.78
CA PHE G 85 -1.87 -25.64 30.55
C PHE G 85 -2.10 -24.78 31.81
N GLU G 86 -2.32 -23.49 31.60
CA GLU G 86 -2.71 -22.60 32.69
C GLU G 86 -4.18 -22.89 33.04
N ALA G 87 -4.59 -22.44 34.22
CA ALA G 87 -5.98 -22.54 34.64
C ALA G 87 -6.76 -21.38 34.01
N LEU G 88 -8.00 -21.64 33.62
CA LEU G 88 -8.86 -20.64 33.01
C LEU G 88 -8.97 -19.42 33.94
N CAS G 89 -8.57 -18.25 33.45
CA CAS G 89 -8.71 -16.99 34.20
CB CAS G 89 -7.38 -16.57 34.86
C CAS G 89 -9.20 -15.91 33.29
O CAS G 89 -8.61 -15.65 32.22
SG CAS G 89 -7.50 -14.91 35.47
AS CAS G 89 -8.11 -15.24 37.61
CE1 CAS G 89 -9.81 -16.29 37.69
CE2 CAS G 89 -8.32 -13.49 38.54
N ILE G 90 -10.28 -15.26 33.69
CA ILE G 90 -10.86 -14.15 32.95
C ILE G 90 -11.02 -12.96 33.91
N GLU G 91 -10.24 -11.91 33.70
CA GLU G 91 -10.35 -10.71 34.52
C GLU G 91 -11.69 -10.04 34.24
N PRO G 92 -12.46 -9.73 35.29
CA PRO G 92 -13.72 -9.04 35.04
C PRO G 92 -13.46 -7.61 34.55
N PHE G 93 -14.40 -7.08 33.79
CA PHE G 93 -14.34 -5.68 33.39
C PHE G 93 -14.54 -4.81 34.64
N SER G 94 -14.15 -3.54 34.55
CA SER G 94 -14.32 -2.60 35.66
C SER G 94 -15.78 -2.47 36.08
N SER G 95 -15.99 -2.17 37.36
CA SER G 95 -17.33 -1.95 37.88
C SER G 95 -17.78 -0.50 37.67
N PRO G 96 -19.03 -0.30 37.26
CA PRO G 96 -19.50 1.07 37.08
C PRO G 96 -19.73 1.78 38.41
N PRO G 97 -19.72 3.13 38.41
CA PRO G 97 -19.97 3.85 39.64
C PRO G 97 -21.45 3.78 40.01
N GLU G 98 -21.79 4.22 41.21
CA GLU G 98 -23.19 4.36 41.60
C GLU G 98 -23.89 5.31 40.63
N LEU G 99 -25.15 5.02 40.34
CA LEU G 99 -26.01 5.96 39.66
C LEU G 99 -26.00 7.28 40.43
N PRO G 100 -25.78 8.41 39.74
CA PRO G 100 -26.04 9.68 40.39
C PRO G 100 -27.49 9.77 40.90
N ASP G 101 -27.73 10.64 41.87
CA ASP G 101 -29.04 10.75 42.52
C ASP G 101 -30.16 10.97 41.50
N VAL G 102 -29.89 11.84 40.52
CA VAL G 102 -30.86 12.19 39.47
C VAL G 102 -31.30 11.00 38.60
N MET G 103 -30.45 9.98 38.48
CA MET G 103 -30.74 8.78 37.69
C MET G 103 -31.35 7.66 38.52
N MET H 2 -5.72 -6.86 9.86
CA MET H 2 -7.14 -7.31 9.74
C MET H 2 -7.87 -7.31 11.08
N TYR H 3 -7.13 -7.41 12.17
CA TYR H 3 -7.66 -7.14 13.50
C TYR H 3 -6.87 -5.99 14.11
N VAL H 4 -7.50 -5.30 15.03
CA VAL H 4 -6.86 -4.16 15.69
C VAL H 4 -7.11 -4.26 17.19
N LYS H 5 -6.28 -3.58 17.95
CA LYS H 5 -6.30 -3.72 19.40
C LYS H 5 -6.71 -2.40 20.02
N LEU H 6 -7.76 -2.44 20.84
CA LEU H 6 -8.26 -1.26 21.52
C LEU H 6 -8.08 -1.48 23.03
N ILE H 7 -7.28 -0.65 23.67
CA ILE H 7 -6.98 -0.84 25.08
C ILE H 7 -7.73 0.18 25.93
N SER H 8 -8.45 -0.31 26.94
CA SER H 8 -9.20 0.56 27.85
C SER H 8 -8.25 1.22 28.85
N SER H 9 -8.77 2.07 29.73
CA SER H 9 -7.97 2.81 30.71
C SER H 9 -7.48 1.93 31.86
N ASP H 10 -8.25 0.89 32.17
CA ASP H 10 -7.85 -0.12 33.16
C ASP H 10 -7.04 -1.27 32.51
N GLY H 11 -6.67 -1.11 31.24
CA GLY H 11 -5.74 -2.03 30.55
C GLY H 11 -6.33 -3.28 29.93
N HIS H 12 -7.65 -3.33 29.74
CA HIS H 12 -8.25 -4.42 28.99
C HIS H 12 -7.99 -4.26 27.50
N GLU H 13 -7.62 -5.36 26.85
CA GLU H 13 -7.26 -5.34 25.43
C GLU H 13 -8.38 -5.97 24.63
N PHE H 14 -9.00 -5.16 23.77
CA PHE H 14 -10.10 -5.63 22.93
C PHE H 14 -9.61 -5.76 21.50
N ILE H 15 -9.77 -6.94 20.93
CA ILE H 15 -9.31 -7.22 19.58
C ILE H 15 -10.54 -7.43 18.70
N VAL H 16 -10.73 -6.54 17.74
CA VAL H 16 -11.93 -6.55 16.86
C VAL H 16 -11.45 -6.48 15.43
N LYS H 17 -12.29 -6.85 14.47
CA LYS H 17 -11.92 -6.74 13.06
C LYS H 17 -11.66 -5.28 12.69
N ARG H 18 -10.70 -5.05 11.81
CA ARG H 18 -10.36 -3.70 11.36
C ARG H 18 -11.61 -3.02 10.80
N GLU H 19 -12.22 -3.65 9.80
CA GLU H 19 -13.45 -3.17 9.16
C GLU H 19 -14.53 -2.72 10.16
N HIS H 20 -14.70 -3.50 11.24
CA HIS H 20 -15.66 -3.16 12.28
C HIS H 20 -15.24 -1.90 13.05
N ALA H 21 -13.94 -1.79 13.31
CA ALA H 21 -13.41 -0.63 14.02
C ALA H 21 -13.52 0.64 13.17
N LEU H 22 -13.43 0.50 11.86
CA LEU H 22 -13.54 1.63 10.94
C LEU H 22 -14.94 2.26 10.92
N THR H 23 -15.90 1.61 11.56
CA THR H 23 -17.16 2.25 11.89
C THR H 23 -16.91 3.61 12.55
N SER H 24 -15.96 3.66 13.48
CA SER H 24 -15.58 4.92 14.12
C SER H 24 -14.67 5.74 13.21
N GLY H 25 -15.10 6.95 12.89
CA GLY H 25 -14.30 7.88 12.08
C GLY H 25 -13.05 8.30 12.80
N THR H 26 -13.19 8.54 14.11
CA THR H 26 -12.06 8.80 14.98
C THR H 26 -11.03 7.67 14.92
N ILE H 27 -11.48 6.42 15.05
CA ILE H 27 -10.54 5.27 14.99
C ILE H 27 -9.90 5.14 13.60
N LYS H 28 -10.67 5.39 12.54
CA LYS H 28 -10.12 5.32 11.19
C LYS H 28 -8.96 6.29 10.97
N ALA H 29 -9.04 7.45 11.63
CA ALA H 29 -7.93 8.41 11.60
C ALA H 29 -6.73 7.90 12.42
N MET H 30 -6.97 7.50 13.67
CA MET H 30 -5.91 6.98 14.55
C MET H 30 -5.04 5.91 13.89
N LEU H 31 -5.67 5.06 13.09
CA LEU H 31 -4.96 3.97 12.44
C LEU H 31 -4.19 4.43 11.21
N SER H 32 -4.77 5.37 10.47
CA SER H 32 -4.14 5.89 9.24
C SER H 32 -3.69 7.36 9.39
N GLY H 33 -2.64 7.57 10.18
CA GLY H 33 -2.10 8.91 10.41
C GLY H 33 -2.99 9.75 11.32
N THR H 42 2.17 -1.26 14.40
CA THR H 42 1.38 -1.24 15.63
C THR H 42 -0.06 -0.80 15.35
N ASN H 43 -0.97 -1.77 15.19
CA ASN H 43 -2.40 -1.50 14.97
C ASN H 43 -3.13 -1.46 16.31
N GLU H 44 -2.72 -0.53 17.16
CA GLU H 44 -3.20 -0.46 18.54
C GLU H 44 -3.69 0.95 18.88
N VAL H 45 -4.63 1.05 19.82
CA VAL H 45 -5.12 2.35 20.28
C VAL H 45 -5.38 2.34 21.78
N ASN H 46 -4.79 3.29 22.49
CA ASN H 46 -4.94 3.45 23.93
C ASN H 46 -5.97 4.52 24.24
N PHE H 47 -6.96 4.17 25.06
CA PHE H 47 -8.03 5.09 25.44
C PHE H 47 -7.99 5.34 26.94
N ARG H 48 -7.15 6.29 27.37
CA ARG H 48 -6.92 6.58 28.80
C ARG H 48 -8.15 7.02 29.61
N GLU H 49 -9.23 7.43 28.94
CA GLU H 49 -10.45 7.85 29.62
C GLU H 49 -11.65 6.92 29.37
N ILE H 50 -11.41 5.79 28.71
CA ILE H 50 -12.52 4.87 28.44
C ILE H 50 -12.24 3.54 29.15
N PRO H 51 -12.99 3.26 30.22
CA PRO H 51 -12.83 2.03 30.99
C PRO H 51 -13.43 0.82 30.27
N SER H 52 -13.00 -0.37 30.70
CA SER H 52 -13.36 -1.61 30.02
C SER H 52 -14.88 -1.85 29.95
N HIS H 53 -15.61 -1.47 30.98
CA HIS H 53 -17.07 -1.68 30.95
C HIS H 53 -17.79 -0.79 29.92
N VAL H 54 -17.17 0.33 29.57
CA VAL H 54 -17.65 1.15 28.45
C VAL H 54 -17.09 0.63 27.12
N LEU H 55 -15.78 0.42 27.04
CA LEU H 55 -15.15 0.05 25.77
C LEU H 55 -15.64 -1.29 25.22
N SER H 56 -15.97 -2.24 26.10
CA SER H 56 -16.50 -3.54 25.65
C SER H 56 -17.83 -3.34 24.91
N LYS H 57 -18.67 -2.45 25.45
CA LYS H 57 -19.96 -2.10 24.84
C LYS H 57 -19.81 -1.41 23.50
N VAL H 58 -18.77 -0.61 23.36
CA VAL H 58 -18.46 0.02 22.07
C VAL H 58 -18.14 -1.02 21.01
N CYS H 59 -17.34 -2.02 21.36
CA CYS H 59 -17.04 -3.11 20.42
C CYS H 59 -18.28 -3.89 20.02
N MET H 60 -19.20 -4.07 20.96
CA MET H 60 -20.40 -4.81 20.66
C MET H 60 -21.18 -3.96 19.65
N TYR H 61 -21.24 -2.66 19.89
CA TYR H 61 -21.92 -1.78 18.96
C TYR H 61 -21.38 -1.91 17.54
N PHE H 62 -20.06 -2.03 17.37
CA PHE H 62 -19.49 -2.20 16.03
C PHE H 62 -20.05 -3.44 15.37
N THR H 63 -20.08 -4.54 16.12
CA THR H 63 -20.64 -5.81 15.62
C THR H 63 -22.10 -5.63 15.17
N TYR H 64 -22.91 -5.10 16.08
CA TYR H 64 -24.31 -4.81 15.82
C TYR H 64 -24.47 -3.94 14.57
N LYS H 65 -23.76 -2.82 14.50
CA LYS H 65 -23.91 -1.89 13.36
C LYS H 65 -23.61 -2.56 12.01
N VAL H 66 -22.49 -3.26 11.91
CA VAL H 66 -22.12 -3.93 10.66
C VAL H 66 -23.15 -5.00 10.27
N ARG H 67 -23.58 -5.79 11.24
CA ARG H 67 -24.54 -6.86 10.96
C ARG H 67 -25.89 -6.31 10.44
N TYR H 68 -26.41 -5.27 11.07
CA TYR H 68 -27.78 -4.83 10.80
C TYR H 68 -27.93 -3.64 9.83
N THR H 69 -26.82 -2.98 9.48
CA THR H 69 -26.85 -1.95 8.44
C THR H 69 -27.16 -2.56 7.06
N ASN H 70 -28.17 -2.00 6.38
CA ASN H 70 -28.67 -2.54 5.11
C ASN H 70 -28.99 -4.02 5.23
N SER H 71 -30.06 -4.31 5.95
CA SER H 71 -30.41 -5.69 6.29
C SER H 71 -31.91 -5.95 6.17
N SER H 72 -32.26 -7.13 5.70
CA SER H 72 -33.66 -7.57 5.58
C SER H 72 -34.21 -7.98 6.96
N THR H 73 -33.37 -8.68 7.74
CA THR H 73 -33.74 -9.15 9.08
C THR H 73 -34.20 -8.00 9.97
N GLU H 74 -35.25 -8.24 10.76
CA GLU H 74 -35.77 -7.29 11.73
C GLU H 74 -34.67 -6.86 12.73
N ILE H 75 -34.61 -5.57 13.01
CA ILE H 75 -33.54 -5.01 13.81
C ILE H 75 -33.93 -4.95 15.29
N PRO H 76 -33.17 -5.63 16.17
CA PRO H 76 -33.43 -5.52 17.60
C PRO H 76 -32.80 -4.27 18.20
N GLU H 77 -33.20 -3.95 19.43
CA GLU H 77 -32.67 -2.81 20.17
C GLU H 77 -31.21 -3.09 20.54
N PHE H 78 -30.39 -2.04 20.57
CA PHE H 78 -29.05 -2.12 21.18
C PHE H 78 -29.17 -1.77 22.67
N PRO H 79 -28.85 -2.73 23.55
CA PRO H 79 -29.11 -2.54 24.97
C PRO H 79 -27.99 -1.79 25.69
N ILE H 80 -28.36 -0.95 26.66
CA ILE H 80 -27.40 -0.18 27.45
C ILE H 80 -27.88 -0.09 28.90
N ALA H 81 -27.11 -0.67 29.82
CA ALA H 81 -27.42 -0.63 31.24
C ALA H 81 -27.36 0.82 31.75
N PRO H 82 -28.36 1.25 32.53
CA PRO H 82 -28.37 2.59 33.10
C PRO H 82 -27.04 3.06 33.70
N GLU H 83 -26.27 2.16 34.32
CA GLU H 83 -25.05 2.57 35.04
C GLU H 83 -23.91 3.00 34.11
N ILE H 84 -23.94 2.59 32.85
CA ILE H 84 -22.86 2.88 31.90
C ILE H 84 -23.25 3.91 30.85
N ALA H 85 -24.51 4.35 30.87
CA ALA H 85 -25.06 5.21 29.84
C ALA H 85 -24.33 6.55 29.78
N LEU H 86 -24.08 7.16 30.94
CA LEU H 86 -23.37 8.44 30.99
C LEU H 86 -21.99 8.31 30.39
N GLU H 87 -21.25 7.31 30.83
CA GLU H 87 -19.90 7.10 30.35
C GLU H 87 -19.85 6.70 28.89
N LEU H 88 -20.80 5.87 28.46
CA LEU H 88 -20.82 5.44 27.06
C LEU H 88 -21.09 6.62 26.12
N LEU H 89 -21.93 7.56 26.55
CA LEU H 89 -22.23 8.77 25.79
C LEU H 89 -20.96 9.56 25.49
N MET H 90 -20.11 9.72 26.52
CA MET H 90 -18.83 10.43 26.37
C MET H 90 -17.90 9.68 25.41
N ALA H 91 -17.86 8.35 25.52
CA ALA H 91 -17.05 7.57 24.59
C ALA H 91 -17.53 7.74 23.15
N ALA H 92 -18.82 7.58 22.91
CA ALA H 92 -19.36 7.64 21.55
C ALA H 92 -19.10 9.00 20.91
N ASN H 93 -19.29 10.05 21.69
CA ASN H 93 -19.02 11.41 21.26
C ASN H 93 -17.61 11.61 20.71
N PHE H 94 -16.62 11.09 21.43
CA PHE H 94 -15.22 11.37 21.13
C PHE H 94 -14.91 11.14 19.64
N LEU H 95 -15.69 8.99 19.59
CA LEU H 95 -15.38 8.01 18.55
C LEU H 95 -16.07 8.30 17.21
N ASP H 96 -17.08 9.19 17.21
CA ASP H 96 -17.84 9.53 15.98
C ASP H 96 -18.47 8.28 15.36
N CYS H 97 -19.15 7.51 16.19
CA CYS H 97 -19.81 6.29 15.74
C CYS H 97 -21.25 6.19 16.25
N VAL I 11 -44.72 22.69 1.91
CA VAL I 11 -44.31 21.59 0.98
C VAL I 11 -44.77 20.19 1.47
N LEU I 12 -44.38 19.83 2.69
CA LEU I 12 -44.75 18.50 3.23
C LEU I 12 -46.16 18.51 3.84
N ARG I 13 -47.15 18.13 3.03
CA ARG I 13 -48.52 18.01 3.47
C ARG I 13 -49.20 16.90 2.69
N SER I 14 -50.35 16.44 3.17
CA SER I 14 -51.15 15.47 2.43
C SER I 14 -51.98 16.21 1.37
N VAL I 15 -52.27 15.50 0.28
CA VAL I 15 -53.12 16.00 -0.79
C VAL I 15 -54.48 15.34 -0.65
N ASN I 16 -55.55 16.09 -0.88
CA ASN I 16 -56.89 15.55 -0.74
C ASN I 16 -57.35 14.80 -2.00
N SER I 17 -56.73 13.65 -2.25
CA SER I 17 -56.99 12.87 -3.45
C SER I 17 -58.41 12.28 -3.49
N ARG I 18 -58.99 12.01 -2.32
CA ARG I 18 -60.23 11.23 -2.21
C ARG I 18 -60.11 9.85 -2.87
N GLU I 19 -58.91 9.28 -2.85
CA GLU I 19 -58.68 7.98 -3.46
C GLU I 19 -58.30 7.02 -2.38
N PRO I 20 -59.26 6.20 -1.92
CA PRO I 20 -58.96 5.26 -0.83
C PRO I 20 -57.79 4.33 -1.12
N SER I 21 -56.97 4.11 -0.11
CA SER I 21 -55.87 3.16 -0.13
C SER I 21 -55.90 2.43 1.21
N GLN I 22 -56.01 1.11 1.18
CA GLN I 22 -55.92 0.31 2.39
C GLN I 22 -54.47 -0.06 2.68
N VAL I 23 -54.09 0.08 3.95
CA VAL I 23 -52.70 -0.07 4.41
C VAL I 23 -52.62 -0.99 5.62
N ILE I 24 -51.59 -1.83 5.69
CA ILE I 24 -51.27 -2.54 6.93
C ILE I 24 -50.11 -1.79 7.61
N PHE I 25 -50.40 -1.18 8.74
CA PHE I 25 -49.36 -0.66 9.62
C PHE I 25 -48.86 -1.83 10.43
N CAS I 26 -47.61 -2.24 10.21
CA CAS I 26 -47.03 -3.47 10.79
CB CAS I 26 -46.64 -4.37 9.63
C CAS I 26 -45.82 -3.09 11.59
O CAS I 26 -44.81 -2.67 11.04
SG CAS I 26 -45.78 -5.84 10.12
AS CAS I 26 -47.34 -6.89 11.33
CE1 CAS I 26 -46.66 -7.24 13.16
CE2 CAS I 26 -47.77 -8.63 10.46
N ASN I 27 -45.94 -3.16 12.91
CA ASN I 27 -44.87 -2.70 13.80
C ASN I 27 -43.89 -3.85 14.04
N ARG I 28 -42.78 -3.82 13.30
CA ARG I 28 -41.70 -4.78 13.45
C ARG I 28 -40.53 -4.16 14.22
N SER I 29 -40.84 -3.41 15.27
CA SER I 29 -39.82 -2.81 16.12
C SER I 29 -40.20 -3.18 17.54
N PRO I 30 -39.30 -2.97 18.50
CA PRO I 30 -39.62 -3.25 19.91
C PRO I 30 -40.25 -2.05 20.64
N ARG I 31 -40.58 -0.99 19.91
CA ARG I 31 -41.15 0.23 20.49
C ARG I 31 -42.66 0.28 20.33
N VAL I 32 -43.32 1.01 21.22
CA VAL I 32 -44.71 1.39 21.03
C VAL I 32 -44.66 2.48 19.97
N VAL I 33 -45.35 2.28 18.86
CA VAL I 33 -45.28 3.21 17.74
C VAL I 33 -46.43 4.22 17.75
N LEU I 34 -46.09 5.47 17.42
CA LEU I 34 -47.06 6.53 17.17
C LEU I 34 -47.06 6.85 15.66
N PRO I 35 -48.14 6.48 14.95
CA PRO I 35 -48.32 6.90 13.58
C PRO I 35 -48.74 8.37 13.54
N VAL I 36 -48.08 9.14 12.69
CA VAL I 36 -48.35 10.57 12.55
C VAL I 36 -48.74 10.87 11.11
N TRP I 37 -49.91 11.46 10.94
CA TRP I 37 -50.41 11.82 9.61
C TRP I 37 -50.19 13.31 9.41
N LEU I 38 -49.61 13.70 8.29
CA LEU I 38 -49.50 15.11 7.99
C LEU I 38 -50.81 15.54 7.37
N ASN I 39 -51.48 16.54 7.95
CA ASN I 39 -52.80 16.96 7.45
C ASN I 39 -52.64 17.90 6.24
N PHE I 40 -53.73 18.48 5.77
CA PHE I 40 -53.69 19.24 4.52
C PHE I 40 -53.00 20.59 4.67
N ASP I 41 -52.79 21.03 5.92
CA ASP I 41 -51.97 22.21 6.22
C ASP I 41 -50.51 21.88 6.55
N GLY I 42 -50.14 20.59 6.52
CA GLY I 42 -48.78 20.19 6.87
C GLY I 42 -48.59 19.94 8.36
N GLU I 43 -49.67 19.96 9.12
CA GLU I 43 -49.62 19.84 10.57
C GLU I 43 -49.65 18.36 10.96
N PRO I 44 -48.73 17.90 11.84
CA PRO I 44 -48.75 16.51 12.26
C PRO I 44 -49.96 16.18 13.12
N GLN I 45 -50.68 15.12 12.75
CA GLN I 45 -51.82 14.60 13.53
C GLN I 45 -51.51 13.23 14.06
N PRO I 46 -51.47 13.06 15.38
CA PRO I 46 -51.21 11.75 15.96
C PRO I 46 -52.42 10.80 15.90
N TYR I 47 -52.14 9.51 15.74
CA TYR I 47 -53.17 8.49 15.62
C TYR I 47 -52.91 7.43 16.68
N PRO I 48 -53.81 6.45 16.85
CA PRO I 48 -53.61 5.50 17.95
C PRO I 48 -52.31 4.71 17.84
N THR I 49 -51.73 4.41 19.00
CA THR I 49 -50.44 3.75 19.03
C THR I 49 -50.55 2.27 18.73
N LEU I 50 -49.43 1.68 18.29
CA LEU I 50 -49.32 0.25 18.00
C LEU I 50 -48.32 -0.41 18.95
N PRO I 51 -48.77 -1.35 19.79
CA PRO I 51 -47.77 -2.05 20.60
C PRO I 51 -46.74 -2.78 19.74
N PRO I 52 -45.56 -3.10 20.30
CA PRO I 52 -44.53 -3.86 19.58
C PRO I 52 -45.08 -5.17 19.05
N GLY I 53 -44.72 -5.52 17.82
CA GLY I 53 -45.09 -6.82 17.25
C GLY I 53 -46.47 -6.94 16.64
N THR I 54 -47.24 -5.85 16.61
CA THR I 54 -48.63 -5.91 16.18
C THR I 54 -48.85 -5.21 14.83
N GLY I 55 -49.97 -5.50 14.19
CA GLY I 55 -50.33 -4.84 12.94
C GLY I 55 -51.80 -4.48 12.88
N ARG I 56 -52.12 -3.41 12.16
CA ARG I 56 -53.52 -3.04 11.92
C ARG I 56 -53.74 -2.71 10.46
N ARG I 57 -54.87 -3.17 9.95
CA ARG I 57 -55.33 -2.73 8.66
C ARG I 57 -56.07 -1.43 8.86
N ILE I 58 -55.61 -0.38 8.18
CA ILE I 58 -56.18 0.95 8.32
C ILE I 58 -56.55 1.56 6.97
N HIS I 59 -57.48 2.51 7.01
CA HIS I 59 -57.97 3.18 5.80
C HIS I 59 -57.34 4.54 5.67
N SER I 60 -56.65 4.76 4.56
CA SER I 60 -56.05 6.07 4.26
C SER I 60 -56.31 6.43 2.81
N TYR I 61 -55.48 7.28 2.22
CA TYR I 61 -55.76 7.83 0.87
C TYR I 61 -54.48 8.04 0.10
N ARG I 62 -54.56 7.95 -1.21
CA ARG I 62 -53.39 8.17 -2.06
C ARG I 62 -52.87 9.60 -1.83
N GLY I 63 -51.55 9.75 -1.78
CA GLY I 63 -50.94 11.06 -1.58
C GLY I 63 -51.01 11.59 -0.14
N HIS I 64 -51.43 10.77 0.81
CA HIS I 64 -51.37 11.18 2.21
C HIS I 64 -50.00 10.79 2.78
N LEU I 65 -49.45 11.65 3.62
CA LEU I 65 -48.12 11.44 4.16
C LEU I 65 -48.19 11.02 5.61
N TRP I 66 -47.42 9.99 5.93
CA TRP I 66 -47.30 9.47 7.26
C TRP I 66 -45.84 9.37 7.69
N LEU I 67 -45.61 9.48 9.00
CA LEU I 67 -44.35 9.02 9.55
C LEU I 67 -44.63 8.39 10.91
N PHE I 68 -43.59 7.79 11.48
CA PHE I 68 -43.75 6.93 12.65
C PHE I 68 -42.66 7.19 13.70
N ARG I 69 -43.10 7.41 14.93
CA ARG I 69 -42.21 7.69 16.06
C ARG I 69 -42.45 6.74 17.21
N ASP I 70 -41.49 6.68 18.12
CA ASP I 70 -41.70 6.07 19.42
C ASP I 70 -42.72 6.95 20.15
N ALA I 71 -43.78 6.34 20.66
CA ALA I 71 -44.88 7.10 21.26
C ALA I 71 -44.50 7.78 22.58
N GLY I 72 -43.53 7.23 23.28
CA GLY I 72 -43.08 7.82 24.55
C GLY I 72 -42.05 8.93 24.41
N THR I 73 -41.03 8.67 23.60
CA THR I 73 -39.84 9.51 23.48
C THR I 73 -39.76 10.33 22.20
N HIS I 74 -40.60 10.01 21.22
CA HIS I 74 -40.60 10.64 19.90
C HIS I 74 -39.37 10.35 19.03
N ASP I 75 -38.56 9.35 19.41
CA ASP I 75 -37.46 8.89 18.58
C ASP I 75 -38.02 8.50 17.20
N GLY I 76 -37.30 8.84 16.15
CA GLY I 76 -37.70 8.55 14.78
C GLY I 76 -37.54 7.09 14.44
N LEU I 77 -38.50 6.55 13.70
CA LEU I 77 -38.48 5.17 13.21
C LEU I 77 -38.53 5.17 11.69
N LEU I 78 -38.26 4.02 11.08
CA LEU I 78 -38.27 3.90 9.63
C LEU I 78 -39.54 3.18 9.22
N VAL I 79 -40.04 3.52 8.04
CA VAL I 79 -41.16 2.82 7.44
C VAL I 79 -40.79 2.47 6.02
N ASN I 80 -40.81 1.18 5.69
CA ASN I 80 -40.23 0.64 4.46
C ASN I 80 -38.84 1.20 4.16
N GLN I 81 -38.02 1.24 5.22
CA GLN I 81 -36.63 1.69 5.13
C GLN I 81 -36.44 3.18 4.86
N THR I 82 -37.50 3.98 4.96
CA THR I 82 -37.38 5.44 4.78
C THR I 82 -38.14 6.19 5.87
N GLU I 83 -38.11 7.51 5.78
CA GLU I 83 -38.73 8.41 6.75
C GLU I 83 -40.23 8.55 6.56
N LEU I 84 -40.65 8.72 5.31
CA LEU I 84 -42.04 9.02 4.97
C LEU I 84 -42.72 7.86 4.26
N PHE I 85 -44.00 7.65 4.56
CA PHE I 85 -44.81 6.67 3.87
C PHE I 85 -45.99 7.36 3.17
N VAL I 86 -46.16 7.05 1.89
CA VAL I 86 -47.27 7.55 1.09
C VAL I 86 -48.06 6.36 0.54
N PRO I 87 -49.31 6.17 0.99
CA PRO I 87 -50.07 5.06 0.43
C PRO I 87 -50.16 5.16 -1.08
N SER I 88 -50.04 4.03 -1.77
CA SER I 88 -50.13 3.96 -3.21
C SER I 88 -51.41 3.20 -3.60
N LEU I 89 -51.60 3.00 -4.90
CA LEU I 89 -52.78 2.30 -5.42
C LEU I 89 -52.83 0.82 -4.97
N ASN I 90 -54.00 0.36 -4.51
CA ASN I 90 -54.20 -1.05 -4.19
C ASN I 90 -54.50 -1.83 -5.46
N VAL I 91 -53.68 -2.82 -5.77
CA VAL I 91 -53.89 -3.62 -6.96
C VAL I 91 -54.49 -4.99 -6.58
N ASP I 92 -55.60 -5.33 -7.23
CA ASP I 92 -56.38 -6.55 -6.98
C ASP I 92 -56.66 -6.80 -5.49
N GLY I 93 -57.05 -5.74 -4.79
CA GLY I 93 -57.42 -5.83 -3.38
C GLY I 93 -56.31 -6.05 -2.37
N GLN I 94 -55.05 -6.00 -2.81
CA GLN I 94 -53.92 -6.09 -1.88
C GLN I 94 -53.72 -4.78 -1.12
N PRO I 95 -53.71 -4.84 0.22
CA PRO I 95 -53.35 -3.66 0.98
C PRO I 95 -51.86 -3.38 0.86
N ILE I 96 -51.46 -2.14 1.12
CA ILE I 96 -50.06 -1.77 1.06
C ILE I 96 -49.46 -1.99 2.44
N PHE I 97 -48.34 -2.68 2.51
CA PHE I 97 -47.66 -2.86 3.80
C PHE I 97 -46.81 -1.65 4.13
N ALA I 98 -46.98 -1.13 5.34
CA ALA I 98 -46.07 -0.14 5.90
C ALA I 98 -45.32 -0.81 7.04
N ASN I 99 -44.12 -1.29 6.76
CA ASN I 99 -43.33 -2.01 7.73
C ASN I 99 -42.50 -1.04 8.53
N ILE I 100 -42.83 -0.92 9.81
CA ILE I 100 -42.19 0.02 10.69
C ILE I 100 -41.10 -0.72 11.42
N THR I 101 -39.88 -0.18 11.36
CA THR I 101 -38.70 -0.83 11.94
C THR I 101 -37.87 0.16 12.74
N LEU I 102 -37.03 -0.35 13.64
CA LEU I 102 -35.97 0.47 14.24
C LEU I 102 -34.94 0.80 13.20
N PRO I 103 -34.43 2.05 13.17
CA PRO I 103 -33.22 2.29 12.40
C PRO I 103 -32.00 1.77 13.15
N VAL I 104 -30.87 1.68 12.47
CA VAL I 104 -29.62 1.48 13.16
C VAL I 104 -29.19 2.86 13.68
N TYR I 105 -29.53 3.17 14.92
CA TYR I 105 -29.12 4.43 15.51
C TYR I 105 -27.60 4.47 15.66
N THR I 106 -27.03 5.67 15.55
CA THR I 106 -25.63 5.81 15.93
C THR I 106 -25.57 5.53 17.42
N LEU I 107 -24.38 5.14 17.89
CA LEU I 107 -24.17 4.85 19.29
C LEU I 107 -24.48 6.07 20.15
N LYS I 108 -23.96 7.22 19.73
CA LYS I 108 -24.20 8.46 20.44
C LYS I 108 -25.70 8.71 20.62
N GLU I 109 -26.46 8.56 19.54
CA GLU I 109 -27.89 8.80 19.61
C GLU I 109 -28.59 7.80 20.54
N ARG I 110 -28.20 6.53 20.47
CA ARG I 110 -28.75 5.55 21.39
C ARG I 110 -28.42 5.89 22.86
N CYS I 111 -27.18 6.31 23.15
CA CYS I 111 -26.81 6.70 24.51
C CYS I 111 -27.67 7.90 24.96
N LEU I 112 -27.81 8.89 24.09
CA LEU I 112 -28.68 10.02 24.38
C LEU I 112 -30.09 9.58 24.78
N GLN I 113 -30.64 8.58 24.09
CA GLN I 113 -31.99 8.07 24.41
C GLN I 113 -32.11 7.51 25.81
N VAL I 114 -31.11 6.73 26.20
CA VAL I 114 -31.13 6.09 27.50
C VAL I 114 -31.03 7.12 28.62
N VAL I 115 -30.13 8.09 28.46
CA VAL I 115 -29.90 9.08 29.50
C VAL I 115 -31.17 9.92 29.69
N ARG I 116 -31.81 10.32 28.59
CA ARG I 116 -33.10 11.03 28.67
C ARG I 116 -34.19 10.24 29.42
N SER I 117 -34.19 8.92 29.26
CA SER I 117 -35.17 8.05 29.90
C SER I 117 -34.96 7.93 31.42
N LEU I 118 -33.76 8.26 31.90
CA LEU I 118 -33.42 8.17 33.32
C LEU I 118 -33.36 9.53 34.03
N VAL I 119 -33.16 10.61 33.27
CA VAL I 119 -32.95 11.95 33.83
C VAL I 119 -34.05 12.92 33.40
N LYS I 120 -34.61 13.65 34.36
CA LYS I 120 -35.60 14.68 34.06
C LYS I 120 -34.93 15.88 33.39
N PRO I 121 -35.66 16.60 32.50
CA PRO I 121 -35.08 17.78 31.86
C PRO I 121 -34.71 18.92 32.82
N GLU I 122 -35.26 18.92 34.03
CA GLU I 122 -34.87 19.85 35.08
C GLU I 122 -33.46 19.58 35.59
N ASN I 123 -33.00 18.33 35.46
CA ASN I 123 -31.74 17.88 36.07
C ASN I 123 -30.61 17.53 35.09
N TYR I 124 -30.78 17.82 33.79
CA TYR I 124 -29.70 17.55 32.82
C TYR I 124 -28.43 18.28 33.25
N ARG I 125 -28.59 19.53 33.68
CA ARG I 125 -27.44 20.40 33.99
C ARG I 125 -26.66 19.98 35.24
N ARG I 126 -27.23 19.08 36.03
CA ARG I 126 -26.52 18.48 37.17
C ARG I 126 -25.63 17.28 36.76
N LEU I 127 -25.66 16.85 35.49
CA LEU I 127 -24.81 15.75 35.01
C LEU I 127 -23.37 16.21 34.81
N ASP I 128 -22.43 15.27 34.90
CA ASP I 128 -21.00 15.59 34.77
C ASP I 128 -20.44 15.28 33.39
N ILE I 129 -20.76 16.16 32.42
CA ILE I 129 -20.33 15.97 31.03
C ILE I 129 -20.00 17.30 30.34
N VAL I 130 -19.25 17.22 29.25
CA VAL I 130 -18.87 18.42 28.46
C VAL I 130 -20.08 19.20 27.95
N ARG I 131 -19.90 20.52 27.80
CA ARG I 131 -20.98 21.45 27.47
C ARG I 131 -21.77 21.04 26.22
N SER I 132 -21.06 20.70 25.15
CA SER I 132 -21.68 20.30 23.89
C SER I 132 -22.73 19.19 24.06
N LEU I 133 -22.45 18.23 24.94
CA LEU I 133 -23.38 17.13 25.21
C LEU I 133 -24.65 17.57 25.95
N TYR I 134 -24.56 18.64 26.74
CA TYR I 134 -25.77 19.23 27.30
C TYR I 134 -26.71 19.70 26.20
N GLU I 135 -26.15 20.35 25.17
CA GLU I 135 -26.95 20.82 24.01
C GLU I 135 -27.60 19.65 23.27
N ASP I 136 -26.90 18.51 23.20
CA ASP I 136 -27.42 17.32 22.55
C ASP I 136 -28.62 16.71 23.30
N LEU I 137 -28.54 16.67 24.63
CA LEU I 137 -29.62 16.09 25.43
C LEU I 137 -30.91 16.91 25.35
N GLU I 138 -30.79 18.24 25.40
CA GLU I 138 -31.95 19.13 25.27
C GLU I 138 -32.58 19.09 23.90
N ASP I 139 -31.78 18.87 22.87
CA ASP I 139 -32.28 18.81 21.49
C ASP I 139 -33.11 17.53 21.24
N HIS I 140 -34.24 17.41 21.92
CA HIS I 140 -35.08 16.21 21.89
C HIS I 140 -35.50 15.84 20.47
N PRO I 141 -35.70 14.54 20.22
CA PRO I 141 -36.36 14.19 18.97
C PRO I 141 -37.71 14.90 18.90
N ASN I 142 -38.06 15.36 17.72
CA ASN I 142 -39.20 16.24 17.55
C ASN I 142 -39.63 16.13 16.10
N VAL I 143 -40.91 15.83 15.88
CA VAL I 143 -41.42 15.72 14.52
C VAL I 143 -41.30 17.04 13.75
N GLN I 144 -41.70 18.15 14.36
CA GLN I 144 -41.67 19.42 13.65
C GLN I 144 -40.25 19.73 13.19
N LYS I 145 -39.25 19.48 14.04
CA LYS I 145 -37.85 19.69 13.66
C LYS I 145 -37.42 18.78 12.51
N ASP I 146 -37.89 17.53 12.52
CA ASP I 146 -37.61 16.60 11.43
C ASP I 146 -38.27 17.01 10.12
N LEU I 147 -39.51 17.48 10.20
CA LEU I 147 -40.20 18.00 9.02
C LEU I 147 -39.39 19.15 8.40
N GLU I 148 -38.90 20.05 9.23
CA GLU I 148 -38.07 21.16 8.75
C GLU I 148 -36.85 20.60 7.99
N ARG I 149 -36.11 19.69 8.63
CA ARG I 149 -34.94 19.07 8.01
C ARG I 149 -35.25 18.42 6.66
N LEU I 150 -36.33 17.65 6.59
CA LEU I 150 -36.73 17.00 5.35
C LEU I 150 -37.08 18.02 4.27
N THR I 151 -37.67 19.13 4.65
CA THR I 151 -38.02 20.19 3.70
C THR I 151 -36.74 20.80 3.15
N GLN I 152 -35.92 21.42 4.01
CA GLN I 152 -34.63 21.96 3.59
C GLN I 152 -33.63 20.82 3.35
N GLU I 153 -33.84 20.07 2.28
CA GLU I 153 -33.04 18.87 1.96
C GLU I 153 -31.80 19.23 1.15
N MET J 1 -15.32 -33.61 -34.52
CA MET J 1 -15.72 -32.82 -33.31
C MET J 1 -14.48 -32.33 -32.57
N ASP J 2 -14.36 -31.02 -32.42
CA ASP J 2 -13.20 -30.43 -31.78
C ASP J 2 -13.31 -30.42 -30.26
N VAL J 3 -12.20 -30.74 -29.59
CA VAL J 3 -12.02 -30.51 -28.17
C VAL J 3 -10.91 -29.49 -27.93
N PHE J 4 -11.07 -28.67 -26.90
CA PHE J 4 -10.17 -27.55 -26.61
C PHE J 4 -9.53 -27.76 -25.26
N LEU J 5 -8.21 -27.63 -25.24
CA LEU J 5 -7.40 -28.12 -24.15
C LEU J 5 -6.43 -27.10 -23.64
N MET J 6 -6.04 -27.26 -22.37
CA MET J 6 -4.85 -26.61 -21.81
C MET J 6 -3.93 -27.73 -21.39
N ILE J 7 -2.73 -27.80 -21.96
CA ILE J 7 -1.76 -28.77 -21.51
C ILE J 7 -0.79 -28.08 -20.56
N ARG J 8 -0.76 -28.55 -19.32
CA ARG J 8 -0.14 -27.82 -18.25
C ARG J 8 0.96 -28.59 -17.52
N ARG J 9 2.08 -27.92 -17.31
CA ARG J 9 3.19 -28.44 -16.50
C ARG J 9 3.84 -27.29 -15.76
N HIS J 10 3.99 -27.44 -14.44
CA HIS J 10 4.66 -26.43 -13.62
C HIS J 10 4.03 -25.03 -13.93
N LYS J 11 4.79 -24.09 -14.47
CA LYS J 11 4.21 -22.77 -14.83
C LYS J 11 4.01 -22.58 -16.34
N THR J 12 3.93 -23.68 -17.08
CA THR J 12 3.72 -23.65 -18.51
C THR J 12 2.29 -24.13 -18.82
N THR J 13 1.58 -23.39 -19.67
CA THR J 13 0.24 -23.77 -20.12
C THR J 13 0.17 -23.64 -21.66
N ILE J 14 -0.11 -24.73 -22.37
CA ILE J 14 -0.28 -24.69 -23.82
C ILE J 14 -1.78 -24.76 -24.16
N PHE J 15 -2.25 -23.77 -24.92
CA PHE J 15 -3.61 -23.78 -25.45
C PHE J 15 -3.64 -24.42 -26.83
N THR J 16 -4.37 -25.52 -26.97
CA THR J 16 -4.52 -26.14 -28.27
C THR J 16 -5.84 -26.89 -28.39
N ASP J 17 -6.17 -27.26 -29.61
CA ASP J 17 -7.35 -28.04 -29.89
C ASP J 17 -6.98 -29.28 -30.67
N ALA J 18 -7.86 -30.28 -30.64
CA ALA J 18 -7.65 -31.55 -31.35
C ALA J 18 -9.01 -32.15 -31.59
N LYS J 19 -9.05 -33.24 -32.36
CA LYS J 19 -10.31 -33.95 -32.59
C LYS J 19 -10.59 -34.92 -31.46
N GLU J 20 -11.87 -35.11 -31.16
CA GLU J 20 -12.31 -36.12 -30.22
C GLU J 20 -11.73 -37.50 -30.58
N SER J 21 -11.62 -37.77 -31.88
CA SER J 21 -11.12 -39.04 -32.37
C SER J 21 -9.60 -39.15 -32.45
N SER J 22 -8.89 -38.03 -32.29
CA SER J 22 -7.42 -38.05 -32.31
C SER J 22 -6.91 -38.68 -31.01
N THR J 23 -5.64 -39.05 -30.99
CA THR J 23 -5.08 -39.89 -29.93
C THR J 23 -4.17 -39.09 -29.01
N VAL J 24 -3.90 -39.69 -27.85
CA VAL J 24 -3.00 -39.14 -26.85
C VAL J 24 -1.63 -38.90 -27.48
N PHE J 25 -1.15 -39.89 -28.26
CA PHE J 25 0.12 -39.74 -28.93
C PHE J 25 0.20 -38.48 -29.81
N GLU J 26 -0.87 -38.20 -30.54
CA GLU J 26 -0.88 -37.04 -31.44
C GLU J 26 -0.80 -35.71 -30.65
N LEU J 27 -1.24 -35.77 -29.40
CA LEU J 27 -1.16 -34.65 -28.49
C LEU J 27 0.28 -34.48 -27.99
N LYS J 28 0.99 -35.59 -27.81
CA LYS J 28 2.40 -35.55 -27.50
C LYS J 28 3.23 -35.01 -28.66
N ARG J 29 2.85 -35.29 -29.90
CA ARG J 29 3.51 -34.68 -31.05
C ARG J 29 3.41 -33.15 -31.00
N ILE J 30 2.23 -32.63 -30.65
CA ILE J 30 2.03 -31.18 -30.55
C ILE J 30 2.94 -30.58 -29.47
N VAL J 31 3.05 -31.28 -28.34
CA VAL J 31 3.92 -30.86 -27.24
C VAL J 31 5.38 -30.89 -27.68
N GLU J 32 5.74 -31.93 -28.44
CA GLU J 32 7.11 -32.06 -28.96
C GLU J 32 7.52 -30.84 -29.79
N GLY J 33 6.66 -30.43 -30.72
CA GLY J 33 6.96 -29.31 -31.61
C GLY J 33 7.13 -28.00 -30.87
N ILE J 34 6.51 -27.89 -29.70
CA ILE J 34 6.54 -26.63 -28.94
C ILE J 34 7.63 -26.66 -27.88
N LEU J 35 7.66 -27.71 -27.06
CA LEU J 35 8.57 -27.77 -25.92
C LEU J 35 9.83 -28.59 -26.20
N LYS J 36 9.97 -29.07 -27.44
CA LYS J 36 11.18 -29.75 -27.93
C LYS J 36 11.56 -31.00 -27.12
N ARG J 37 10.57 -31.78 -26.72
CA ARG J 37 10.80 -33.05 -26.04
C ARG J 37 9.97 -34.15 -26.68
N PRO J 38 10.62 -35.26 -27.08
CA PRO J 38 9.92 -36.31 -27.83
C PRO J 38 8.82 -37.02 -27.01
N PRO J 39 7.87 -37.68 -27.69
CA PRO J 39 6.74 -38.34 -27.04
C PRO J 39 7.15 -39.31 -25.92
N ASP J 40 8.18 -40.11 -26.16
CA ASP J 40 8.67 -41.06 -25.15
C ASP J 40 9.18 -40.43 -23.86
N GLU J 41 9.45 -39.12 -23.88
CA GLU J 41 9.90 -38.43 -22.68
C GLU J 41 8.76 -37.72 -21.94
N GLN J 42 7.52 -37.92 -22.40
CA GLN J 42 6.35 -37.24 -21.84
C GLN J 42 5.37 -38.21 -21.25
N ARG J 43 4.75 -37.81 -20.14
CA ARG J 43 3.55 -38.44 -19.65
C ARG J 43 2.43 -37.40 -19.62
N LEU J 44 1.25 -37.79 -20.09
CA LEU J 44 0.06 -36.96 -20.00
C LEU J 44 -0.94 -37.57 -19.03
N TYR J 45 -1.69 -36.71 -18.37
CA TYR J 45 -2.58 -37.11 -17.31
C TYR J 45 -3.94 -36.43 -17.46
N LYS J 46 -5.00 -37.16 -17.15
CA LYS J 46 -6.27 -36.54 -16.83
C LYS J 46 -6.42 -36.64 -15.32
N ASP J 47 -6.37 -35.48 -14.66
CA ASP J 47 -6.24 -35.41 -13.22
C ASP J 47 -5.00 -36.21 -12.81
N ASP J 48 -5.18 -37.30 -12.04
CA ASP J 48 -4.06 -38.12 -11.61
C ASP J 48 -3.85 -39.36 -12.48
N GLN J 49 -4.71 -39.57 -13.47
CA GLN J 49 -4.69 -40.78 -14.28
C GLN J 49 -3.81 -40.65 -15.53
N LEU J 50 -2.85 -41.57 -15.64
CA LEU J 50 -1.94 -41.61 -16.77
C LEU J 50 -2.69 -41.97 -18.06
N LEU J 51 -2.46 -41.22 -19.13
CA LEU J 51 -3.13 -41.47 -20.40
C LEU J 51 -2.27 -42.35 -21.32
N ASP J 52 -2.86 -43.37 -21.93
CA ASP J 52 -2.13 -44.28 -22.83
C ASP J 52 -2.11 -43.72 -24.25
N ASP J 53 -0.97 -43.84 -24.91
CA ASP J 53 -0.73 -43.30 -26.24
C ASP J 53 -1.79 -43.67 -27.26
N GLY J 54 -2.24 -44.92 -27.24
CA GLY J 54 -3.21 -45.41 -28.23
C GLY J 54 -4.64 -44.94 -28.04
N LYS J 55 -4.98 -44.41 -26.87
CA LYS J 55 -6.38 -44.05 -26.58
C LYS J 55 -6.78 -42.75 -27.26
N THR J 56 -8.04 -42.68 -27.70
CA THR J 56 -8.55 -41.44 -28.25
C THR J 56 -8.90 -40.51 -27.10
N LEU J 57 -8.88 -39.21 -27.39
CA LEU J 57 -9.21 -38.19 -26.40
C LEU J 57 -10.64 -38.38 -25.89
N GLY J 58 -11.57 -38.70 -26.79
CA GLY J 58 -12.96 -39.02 -26.43
C GLY J 58 -13.10 -40.16 -25.43
N GLU J 59 -12.39 -41.26 -25.66
CA GLU J 59 -12.33 -42.39 -24.71
C GLU J 59 -11.80 -41.99 -23.34
N CAS J 60 -10.87 -41.05 -23.32
CA CAS J 60 -10.38 -40.50 -22.06
CB CAS J 60 -8.95 -39.97 -22.24
C CAS J 60 -11.22 -39.39 -21.50
O CAS J 60 -10.80 -38.68 -20.59
SG CAS J 60 -7.85 -41.31 -22.59
AS CAS J 60 -8.07 -42.80 -20.89
CE1 CAS J 60 -8.87 -44.40 -21.76
CE2 CAS J 60 -6.38 -43.37 -20.01
N GLY J 61 -12.43 -39.21 -22.00
CA GLY J 61 -13.36 -38.27 -21.37
C GLY J 61 -13.25 -36.83 -21.83
N PHE J 62 -12.46 -36.57 -22.87
CA PHE J 62 -12.42 -35.22 -23.44
C PHE J 62 -13.40 -35.12 -24.57
N THR J 63 -14.53 -34.47 -24.30
CA THR J 63 -15.61 -34.36 -25.28
C THR J 63 -15.87 -32.91 -25.67
N SER J 64 -16.49 -32.72 -26.84
CA SER J 64 -16.86 -31.40 -27.38
C SER J 64 -17.58 -30.54 -26.37
N GLN J 65 -18.45 -31.16 -25.58
CA GLN J 65 -19.33 -30.39 -24.72
C GLN J 65 -18.73 -30.09 -23.35
N THR J 66 -17.58 -30.70 -23.02
CA THR J 66 -16.90 -30.42 -21.76
C THR J 66 -15.58 -29.68 -21.95
N ALA J 67 -14.93 -29.88 -23.10
CA ALA J 67 -13.67 -29.24 -23.42
C ALA J 67 -13.95 -28.12 -24.43
N ARG J 68 -14.47 -27.03 -23.93
CA ARG J 68 -15.04 -25.98 -24.76
C ARG J 68 -13.98 -24.90 -25.02
N PRO J 69 -14.12 -24.14 -26.11
CA PRO J 69 -13.14 -23.11 -26.39
C PRO J 69 -13.04 -22.09 -25.25
N GLN J 70 -14.18 -21.64 -24.73
CA GLN J 70 -14.20 -20.70 -23.61
C GLN J 70 -13.94 -21.31 -22.22
N ALA J 71 -13.84 -22.64 -22.13
CA ALA J 71 -13.60 -23.33 -20.84
C ALA J 71 -12.90 -24.66 -21.12
N PRO J 72 -11.62 -24.60 -21.50
CA PRO J 72 -10.94 -25.77 -22.02
C PRO J 72 -10.64 -26.77 -20.91
N ALA J 73 -10.53 -28.04 -21.27
CA ALA J 73 -10.22 -29.08 -20.28
C ALA J 73 -8.70 -29.13 -20.08
N THR J 74 -8.28 -29.52 -18.88
CA THR J 74 -6.87 -29.55 -18.52
C THR J 74 -6.25 -30.93 -18.72
N VAL J 75 -5.09 -30.98 -19.37
CA VAL J 75 -4.27 -32.17 -19.50
C VAL J 75 -2.94 -31.93 -18.76
N GLY J 76 -2.58 -32.81 -17.84
CA GLY J 76 -1.33 -32.65 -17.09
C GLY J 76 -0.18 -33.22 -17.87
N LEU J 77 1.00 -32.62 -17.73
CA LEU J 77 2.19 -33.05 -18.45
C LEU J 77 3.36 -33.16 -17.46
N ALA J 78 4.09 -34.27 -17.58
CA ALA J 78 5.31 -34.52 -16.80
C ALA J 78 6.37 -35.04 -17.76
N PHE J 79 7.58 -34.49 -17.66
CA PHE J 79 8.72 -34.88 -18.48
C PHE J 79 9.62 -35.89 -17.77
N ARG J 80 10.41 -36.59 -18.57
CA ARG J 80 11.47 -37.41 -18.02
C ARG J 80 12.70 -36.54 -17.76
N ALA J 81 13.31 -36.73 -16.60
CA ALA J 81 14.53 -36.00 -16.23
C ALA J 81 15.59 -36.98 -15.75
N ASP J 82 16.57 -37.27 -16.60
CA ASP J 82 17.65 -38.22 -16.30
C ASP J 82 17.14 -39.63 -15.96
N ASP J 83 16.50 -40.27 -16.94
CA ASP J 83 16.09 -41.68 -16.85
C ASP J 83 14.76 -41.91 -16.12
N THR J 84 14.46 -41.05 -15.14
CA THR J 84 13.24 -41.13 -14.32
C THR J 84 12.28 -39.98 -14.66
N PHE J 85 10.98 -40.24 -14.55
CA PHE J 85 9.98 -39.19 -14.76
C PHE J 85 9.80 -38.39 -13.48
N GLU J 86 9.72 -37.07 -13.63
CA GLU J 86 9.28 -36.20 -12.53
C GLU J 86 7.80 -36.48 -12.22
N ALA J 87 7.39 -36.08 -11.03
CA ALA J 87 6.00 -36.16 -10.61
C ALA J 87 5.18 -35.09 -11.35
N LEU J 88 3.89 -35.33 -11.45
CA LEU J 88 2.97 -34.39 -12.06
C LEU J 88 2.86 -33.17 -11.12
N CAS J 89 3.20 -31.99 -11.64
CA CAS J 89 3.11 -30.77 -10.85
CB CAS J 89 4.49 -30.44 -10.23
C CAS J 89 2.57 -29.67 -11.73
O CAS J 89 3.17 -29.34 -12.76
SG CAS J 89 4.57 -28.75 -9.72
AS CAS J 89 3.43 -28.74 -7.79
CE1 CAS J 89 2.70 -30.54 -7.29
CE2 CAS J 89 4.65 -28.10 -6.33
N ILE J 90 1.42 -29.11 -11.33
CA ILE J 90 0.80 -27.98 -12.01
C ILE J 90 0.65 -26.81 -11.03
N GLU J 91 1.38 -25.72 -11.29
CA GLU J 91 1.30 -24.55 -10.42
C GLU J 91 -0.04 -23.88 -10.66
N PRO J 92 -0.81 -23.60 -9.58
CA PRO J 92 -2.07 -22.91 -9.77
C PRO J 92 -1.85 -21.46 -10.24
N PHE J 93 -2.81 -20.94 -11.00
CA PHE J 93 -2.84 -19.52 -11.33
C PHE J 93 -3.02 -18.70 -10.05
N SER J 94 -2.68 -17.42 -10.11
CA SER J 94 -2.83 -16.51 -8.97
C SER J 94 -4.30 -16.38 -8.53
N SER J 95 -4.52 -16.05 -7.26
CA SER J 95 -5.85 -15.85 -6.73
C SER J 95 -6.28 -14.41 -7.00
N PRO J 96 -7.55 -14.23 -7.39
CA PRO J 96 -8.04 -12.87 -7.52
C PRO J 96 -8.19 -12.18 -6.16
N PRO J 97 -8.21 -10.83 -6.16
CA PRO J 97 -8.41 -10.12 -4.90
C PRO J 97 -9.85 -10.24 -4.45
N GLU J 98 -10.13 -9.74 -3.25
CA GLU J 98 -11.49 -9.71 -2.73
C GLU J 98 -12.38 -8.82 -3.63
N LEU J 99 -13.65 -9.19 -3.73
CA LEU J 99 -14.65 -8.33 -4.37
C LEU J 99 -14.73 -7.00 -3.61
N PRO J 100 -14.46 -5.87 -4.31
CA PRO J 100 -14.67 -4.58 -3.64
C PRO J 100 -16.12 -4.43 -3.14
N ASP J 101 -16.30 -3.57 -2.14
CA ASP J 101 -17.63 -3.33 -1.56
C ASP J 101 -18.70 -3.12 -2.64
N VAL J 102 -18.42 -2.24 -3.60
CA VAL J 102 -19.39 -1.89 -4.65
C VAL J 102 -19.82 -3.04 -5.58
N MET J 103 -19.10 -4.16 -5.55
CA MET J 103 -19.45 -5.35 -6.35
C MET J 103 -20.04 -6.45 -5.47
N MET K 1 2.60 -25.48 -37.30
CA MET K 1 1.73 -24.53 -36.54
C MET K 1 2.59 -23.61 -35.68
N MET K 2 2.57 -22.31 -35.97
CA MET K 2 3.40 -21.37 -35.25
C MET K 2 2.69 -20.96 -33.96
N TYR K 3 3.44 -20.98 -32.87
CA TYR K 3 2.94 -20.59 -31.57
C TYR K 3 3.68 -19.37 -31.02
N VAL K 4 3.10 -18.72 -30.03
CA VAL K 4 3.76 -17.60 -29.34
C VAL K 4 3.62 -17.73 -27.83
N LYS K 5 4.54 -17.13 -27.09
CA LYS K 5 4.49 -17.22 -25.65
C LYS K 5 4.09 -15.89 -25.04
N LEU K 6 3.06 -15.92 -24.20
CA LEU K 6 2.63 -14.78 -23.40
C LEU K 6 2.90 -15.04 -21.92
N ILE K 7 3.66 -14.17 -21.26
CA ILE K 7 4.08 -14.42 -19.88
C ILE K 7 3.37 -13.44 -18.93
N SER K 8 2.74 -13.98 -17.89
CA SER K 8 2.01 -13.15 -16.92
C SER K 8 2.95 -12.51 -15.90
N SER K 9 2.41 -11.63 -15.07
CA SER K 9 3.18 -10.89 -14.07
C SER K 9 3.75 -11.82 -12.99
N ASP K 10 3.00 -12.88 -12.68
CA ASP K 10 3.45 -13.90 -11.72
C ASP K 10 4.27 -15.03 -12.38
N GLY K 11 4.69 -14.82 -13.64
CA GLY K 11 5.62 -15.73 -14.32
C GLY K 11 5.01 -16.98 -14.95
N HIS K 12 3.69 -17.03 -15.15
CA HIS K 12 3.10 -18.14 -15.90
C HIS K 12 3.29 -17.89 -17.39
N GLU K 13 3.60 -18.96 -18.11
CA GLU K 13 3.93 -18.89 -19.51
C GLU K 13 2.78 -19.54 -20.26
N PHE K 14 2.11 -18.77 -21.11
CA PHE K 14 0.99 -19.26 -21.88
C PHE K 14 1.39 -19.36 -23.33
N ILE K 15 1.25 -20.54 -23.91
CA ILE K 15 1.62 -20.75 -25.30
C ILE K 15 0.40 -20.96 -26.16
N VAL K 16 0.17 -20.04 -27.10
CA VAL K 16 -1.03 -20.04 -27.94
C VAL K 16 -0.66 -19.95 -29.41
N LYS K 17 -1.53 -20.42 -30.30
CA LYS K 17 -1.27 -20.28 -31.72
C LYS K 17 -1.16 -18.81 -32.11
N ARG K 18 -0.23 -18.54 -33.02
CA ARG K 18 0.05 -17.19 -33.49
C ARG K 18 -1.22 -16.55 -33.99
N GLU K 19 -1.92 -17.25 -34.88
CA GLU K 19 -3.19 -16.77 -35.44
C GLU K 19 -4.16 -16.30 -34.36
N HIS K 20 -4.23 -17.03 -33.26
CA HIS K 20 -5.15 -16.68 -32.17
C HIS K 20 -4.70 -15.43 -31.44
N ALA K 21 -3.40 -15.36 -31.13
CA ALA K 21 -2.84 -14.18 -30.44
C ALA K 21 -3.04 -12.90 -31.25
N LEU K 22 -2.95 -13.01 -32.58
CA LEU K 22 -3.19 -11.88 -33.48
C LEU K 22 -4.64 -11.35 -33.48
N THR K 23 -5.52 -11.96 -32.70
CA THR K 23 -6.78 -11.35 -32.31
C THR K 23 -6.56 -9.98 -31.62
N SER K 24 -5.47 -9.88 -30.86
CA SER K 24 -5.08 -8.64 -30.20
C SER K 24 -4.25 -7.79 -31.14
N GLY K 25 -4.80 -6.64 -31.53
CA GLY K 25 -4.05 -5.65 -32.30
C GLY K 25 -2.75 -5.26 -31.61
N THR K 26 -2.79 -5.16 -30.29
CA THR K 26 -1.61 -4.83 -29.51
C THR K 26 -0.53 -5.91 -29.65
N ILE K 27 -0.91 -7.17 -29.42
CA ILE K 27 0.03 -8.27 -29.54
C ILE K 27 0.63 -8.33 -30.94
N LYS K 28 -0.20 -8.13 -31.96
CA LYS K 28 0.31 -8.10 -33.34
C LYS K 28 1.46 -7.10 -33.52
N ALA K 29 1.38 -5.96 -32.84
CA ALA K 29 2.42 -4.94 -32.93
C ALA K 29 3.65 -5.32 -32.11
N MET K 30 3.45 -6.00 -30.98
CA MET K 30 4.56 -6.48 -30.14
C MET K 30 5.40 -7.55 -30.84
N LEU K 31 4.82 -8.24 -31.80
CA LEU K 31 5.53 -9.30 -32.53
C LEU K 31 6.17 -8.76 -33.81
N SER K 32 5.42 -7.94 -34.55
CA SER K 32 5.96 -7.26 -35.73
C SER K 32 6.58 -5.92 -35.36
N ASN K 43 9.10 -14.08 -30.46
CA ASN K 43 7.85 -14.77 -30.22
C ASN K 43 7.45 -14.84 -28.75
N GLU K 44 7.96 -13.92 -27.94
CA GLU K 44 7.64 -13.86 -26.51
C GLU K 44 7.19 -12.46 -26.13
N VAL K 45 6.21 -12.37 -25.23
CA VAL K 45 5.69 -11.10 -24.77
C VAL K 45 5.49 -11.17 -23.27
N ASN K 46 6.14 -10.28 -22.52
CA ASN K 46 5.93 -10.16 -21.07
C ASN K 46 4.85 -9.11 -20.77
N PHE K 47 3.98 -9.42 -19.81
CA PHE K 47 2.93 -8.50 -19.36
C PHE K 47 3.03 -8.31 -17.86
N ARG K 48 3.76 -7.30 -17.41
CA ARG K 48 4.09 -7.16 -15.99
C ARG K 48 2.93 -6.73 -15.10
N GLU K 49 1.78 -6.35 -15.65
CA GLU K 49 0.62 -6.09 -14.79
C GLU K 49 -0.62 -6.89 -15.15
N ILE K 50 -0.44 -7.99 -15.90
CA ILE K 50 -1.52 -8.95 -16.12
C ILE K 50 -1.17 -10.24 -15.40
N PRO K 51 -1.88 -10.52 -14.30
CA PRO K 51 -1.68 -11.76 -13.56
C PRO K 51 -2.31 -12.95 -14.29
N SER K 52 -1.90 -14.15 -13.89
CA SER K 52 -2.21 -15.38 -14.63
C SER K 52 -3.68 -15.74 -14.62
N HIS K 53 -4.41 -15.40 -13.55
CA HIS K 53 -5.85 -15.66 -13.53
C HIS K 53 -6.60 -14.80 -14.52
N VAL K 54 -5.98 -13.71 -14.97
CA VAL K 54 -6.53 -12.86 -16.03
C VAL K 54 -6.03 -13.30 -17.42
N LEU K 55 -4.72 -13.45 -17.57
CA LEU K 55 -4.16 -13.81 -18.87
C LEU K 55 -4.64 -15.18 -19.36
N SER K 56 -4.88 -16.10 -18.44
CA SER K 56 -5.46 -17.40 -18.82
C SER K 56 -6.78 -17.18 -19.54
N LYS K 57 -7.63 -16.32 -18.97
CA LYS K 57 -8.93 -15.95 -19.57
C LYS K 57 -8.82 -15.23 -20.90
N VAL K 58 -7.79 -14.42 -21.07
CA VAL K 58 -7.55 -13.77 -22.34
C VAL K 58 -7.31 -14.81 -23.42
N CYS K 59 -6.48 -15.80 -23.12
CA CYS K 59 -6.15 -16.86 -24.06
C CYS K 59 -7.41 -17.65 -24.40
N MET K 60 -8.25 -17.87 -23.41
CA MET K 60 -9.51 -18.51 -23.64
C MET K 60 -10.37 -17.68 -24.62
N TYR K 61 -10.36 -16.37 -24.45
CA TYR K 61 -11.11 -15.47 -25.33
C TYR K 61 -10.63 -15.61 -26.77
N PHE K 62 -9.32 -15.59 -26.99
CA PHE K 62 -8.78 -15.80 -28.33
C PHE K 62 -9.37 -17.05 -28.97
N THR K 63 -9.41 -18.15 -28.22
CA THR K 63 -9.90 -19.42 -28.74
C THR K 63 -11.38 -19.31 -29.11
N TYR K 64 -12.16 -18.78 -28.17
CA TYR K 64 -13.57 -18.51 -28.37
C TYR K 64 -13.83 -17.64 -29.60
N LYS K 65 -13.09 -16.54 -29.71
CA LYS K 65 -13.32 -15.64 -30.81
C LYS K 65 -13.05 -16.30 -32.16
N VAL K 66 -11.93 -16.99 -32.27
CA VAL K 66 -11.60 -17.61 -33.54
C VAL K 66 -12.58 -18.74 -33.88
N ARG K 67 -12.95 -19.54 -32.89
CA ARG K 67 -13.90 -20.61 -33.12
C ARG K 67 -15.28 -20.07 -33.55
N TYR K 68 -15.73 -18.98 -32.97
CA TYR K 68 -17.13 -18.54 -33.20
C TYR K 68 -17.32 -17.42 -34.20
N THR K 69 -16.23 -16.78 -34.61
CA THR K 69 -16.31 -15.76 -35.66
C THR K 69 -16.66 -16.38 -37.01
N ASN K 70 -17.56 -15.74 -37.73
CA ASN K 70 -18.22 -16.29 -38.94
C ASN K 70 -18.41 -17.81 -38.90
N SER K 71 -19.28 -18.24 -38.00
CA SER K 71 -19.61 -19.65 -37.81
C SER K 71 -21.10 -19.90 -38.00
N SER K 72 -21.44 -21.16 -38.25
CA SER K 72 -22.83 -21.61 -38.41
C SER K 72 -23.49 -21.94 -37.07
N THR K 73 -22.75 -22.57 -36.16
CA THR K 73 -23.33 -23.05 -34.89
C THR K 73 -23.68 -21.89 -33.94
N GLU K 74 -24.56 -22.18 -32.98
CA GLU K 74 -25.09 -21.17 -32.07
C GLU K 74 -23.99 -20.68 -31.12
N ILE K 75 -23.91 -19.38 -30.96
CA ILE K 75 -22.84 -18.77 -30.21
C ILE K 75 -23.27 -18.73 -28.74
N PRO K 76 -22.48 -19.35 -27.86
CA PRO K 76 -22.74 -19.26 -26.43
C PRO K 76 -22.08 -18.02 -25.79
N GLU K 77 -22.45 -17.75 -24.54
CA GLU K 77 -21.94 -16.62 -23.81
C GLU K 77 -20.47 -16.87 -23.46
N PHE K 78 -19.64 -15.84 -23.59
CA PHE K 78 -18.31 -15.89 -23.03
C PHE K 78 -18.39 -15.58 -21.51
N PRO K 79 -18.02 -16.54 -20.64
CA PRO K 79 -18.27 -16.37 -19.21
C PRO K 79 -17.11 -15.62 -18.55
N ILE K 80 -17.47 -14.79 -17.59
CA ILE K 80 -16.49 -13.99 -16.86
C ILE K 80 -16.93 -13.94 -15.38
N ALA K 81 -16.17 -14.59 -14.50
CA ALA K 81 -16.48 -14.59 -13.08
C ALA K 81 -16.38 -13.17 -12.53
N PRO K 82 -17.32 -12.79 -11.66
CA PRO K 82 -17.29 -11.46 -11.04
C PRO K 82 -15.93 -11.00 -10.52
N GLU K 83 -15.15 -11.91 -9.94
CA GLU K 83 -13.91 -11.55 -9.22
C GLU K 83 -12.77 -11.09 -10.13
N ILE K 84 -12.81 -11.46 -11.40
CA ILE K 84 -11.73 -11.10 -12.32
C ILE K 84 -12.16 -10.08 -13.35
N ALA K 85 -13.43 -9.69 -13.33
CA ALA K 85 -14.01 -8.82 -14.35
C ALA K 85 -13.29 -7.49 -14.48
N LEU K 86 -12.97 -6.87 -13.35
CA LEU K 86 -12.28 -5.57 -13.35
C LEU K 86 -10.90 -5.66 -14.00
N GLU K 87 -10.12 -6.64 -13.55
CA GLU K 87 -8.78 -6.83 -14.07
C GLU K 87 -8.81 -7.25 -15.52
N LEU K 88 -9.81 -8.03 -15.90
CA LEU K 88 -9.89 -8.47 -17.27
C LEU K 88 -10.20 -7.27 -18.17
N LEU K 89 -11.02 -6.36 -17.67
CA LEU K 89 -11.37 -5.13 -18.40
C LEU K 89 -10.10 -4.34 -18.75
N MET K 90 -9.24 -4.12 -17.74
CA MET K 90 -7.96 -3.42 -17.94
C MET K 90 -7.10 -4.15 -18.97
N ALA K 91 -7.01 -5.47 -18.86
CA ALA K 91 -6.25 -6.24 -19.82
C ALA K 91 -6.85 -6.08 -21.23
N ALA K 92 -8.17 -6.18 -21.32
CA ALA K 92 -8.83 -6.08 -22.61
C ALA K 92 -8.58 -4.73 -23.23
N ASN K 93 -8.69 -3.67 -22.43
CA ASN K 93 -8.40 -2.32 -22.91
C ASN K 93 -6.97 -2.20 -23.47
N PHE K 94 -5.99 -2.75 -22.77
CA PHE K 94 -4.60 -2.67 -23.23
C PHE K 94 -4.38 -3.45 -24.52
N LEU K 95 -4.97 -4.65 -24.59
CA LEU K 95 -4.75 -5.56 -25.72
C LEU K 95 -5.60 -5.27 -26.97
N ASP K 96 -6.58 -4.37 -26.87
CA ASP K 96 -7.43 -4.00 -28.02
C ASP K 96 -8.04 -5.25 -28.64
N CYS K 97 -8.75 -6.01 -27.82
CA CYS K 97 -9.43 -7.21 -28.28
C CYS K 97 -10.79 -7.36 -27.62
N VAL L 11 -33.24 8.65 -42.86
CA VAL L 11 -33.96 8.26 -41.63
C VAL L 11 -34.39 6.79 -41.71
N LEU L 12 -33.93 6.01 -40.75
CA LEU L 12 -34.34 4.62 -40.59
C LEU L 12 -35.76 4.57 -40.05
N ARG L 13 -36.69 4.15 -40.88
CA ARG L 13 -38.08 4.09 -40.48
C ARG L 13 -38.75 2.96 -41.24
N SER L 14 -39.85 2.47 -40.69
CA SER L 14 -40.68 1.53 -41.40
C SER L 14 -41.46 2.26 -42.47
N VAL L 15 -41.79 1.54 -43.53
CA VAL L 15 -42.63 2.07 -44.60
C VAL L 15 -44.01 1.47 -44.43
N ASN L 16 -45.04 2.29 -44.64
CA ASN L 16 -46.40 1.85 -44.51
C ASN L 16 -46.92 1.15 -45.77
N SER L 17 -46.48 -0.08 -45.96
CA SER L 17 -46.82 -0.84 -47.16
C SER L 17 -48.24 -1.42 -47.06
N ARG L 18 -48.69 -1.73 -45.85
CA ARG L 18 -49.93 -2.46 -45.63
C ARG L 18 -49.90 -3.89 -46.19
N GLU L 19 -48.75 -4.38 -46.62
CA GLU L 19 -48.67 -5.74 -47.18
C GLU L 19 -48.17 -6.71 -46.09
N PRO L 20 -49.06 -7.57 -45.55
CA PRO L 20 -48.66 -8.46 -44.46
C PRO L 20 -47.47 -9.38 -44.75
N SER L 21 -46.68 -9.65 -43.73
CA SER L 21 -45.56 -10.57 -43.84
C SER L 21 -45.49 -11.31 -42.52
N GLN L 22 -45.59 -12.64 -42.61
CA GLN L 22 -45.47 -13.50 -41.45
C GLN L 22 -44.01 -13.84 -41.15
N VAL L 23 -43.62 -13.67 -39.90
CA VAL L 23 -42.25 -13.85 -39.47
C VAL L 23 -42.18 -14.77 -38.26
N ILE L 24 -41.10 -15.54 -38.16
CA ILE L 24 -40.78 -16.23 -36.91
C ILE L 24 -39.63 -15.50 -36.26
N PHE L 25 -39.88 -14.91 -35.08
CA PHE L 25 -38.82 -14.38 -34.25
C PHE L 25 -38.29 -15.59 -33.47
N CAS L 26 -37.04 -16.00 -33.74
CA CAS L 26 -36.43 -17.21 -33.13
CB CAS L 26 -36.03 -18.15 -34.24
C CAS L 26 -35.22 -16.77 -32.32
O CAS L 26 -34.21 -16.30 -32.88
SG CAS L 26 -35.16 -19.59 -33.63
AS CAS L 26 -36.66 -20.53 -32.32
CE1 CAS L 26 -37.92 -21.57 -33.40
CE2 CAS L 26 -35.75 -21.92 -31.22
N ASN L 27 -35.33 -16.88 -31.00
CA ASN L 27 -34.27 -16.42 -30.13
C ASN L 27 -33.30 -17.56 -29.89
N ARG L 28 -32.20 -17.53 -30.64
CA ARG L 28 -31.11 -18.48 -30.48
C ARG L 28 -29.95 -17.83 -29.71
N SER L 29 -30.27 -17.02 -28.71
CA SER L 29 -29.26 -16.46 -27.85
C SER L 29 -29.60 -16.92 -26.46
N PRO L 30 -28.68 -16.72 -25.49
CA PRO L 30 -28.98 -17.03 -24.11
C PRO L 30 -29.56 -15.85 -23.33
N ARG L 31 -29.92 -14.76 -24.00
CA ARG L 31 -30.49 -13.57 -23.35
C ARG L 31 -32.00 -13.50 -23.56
N VAL L 32 -32.69 -12.80 -22.67
CA VAL L 32 -34.08 -12.40 -22.87
C VAL L 32 -34.04 -11.31 -23.94
N VAL L 33 -34.78 -11.48 -25.02
CA VAL L 33 -34.71 -10.56 -26.16
C VAL L 33 -35.88 -9.56 -26.18
N LEU L 34 -35.54 -8.30 -26.44
CA LEU L 34 -36.48 -7.23 -26.66
C LEU L 34 -36.51 -6.91 -28.15
N PRO L 35 -37.61 -7.25 -28.84
CA PRO L 35 -37.81 -6.86 -30.22
C PRO L 35 -38.19 -5.39 -30.26
N VAL L 36 -37.60 -4.64 -31.18
CA VAL L 36 -37.88 -3.19 -31.28
C VAL L 36 -38.27 -2.88 -32.72
N TRP L 37 -39.49 -2.38 -32.92
CA TRP L 37 -39.97 -1.94 -34.22
C TRP L 37 -39.72 -0.45 -34.41
N LEU L 38 -39.10 -0.07 -35.51
CA LEU L 38 -38.99 1.33 -35.84
C LEU L 38 -40.28 1.80 -36.51
N ASN L 39 -40.99 2.74 -35.88
CA ASN L 39 -42.29 3.14 -36.39
C ASN L 39 -42.12 4.06 -37.60
N PHE L 40 -43.21 4.62 -38.10
CA PHE L 40 -43.14 5.39 -39.34
C PHE L 40 -42.42 6.72 -39.21
N ASP L 41 -42.16 7.15 -37.96
CA ASP L 41 -41.31 8.33 -37.69
C ASP L 41 -39.87 7.97 -37.40
N GLY L 42 -39.56 6.68 -37.29
CA GLY L 42 -38.22 6.26 -36.89
C GLY L 42 -38.04 6.08 -35.39
N GLU L 43 -39.13 6.19 -34.63
CA GLU L 43 -39.07 6.03 -33.19
C GLU L 43 -39.12 4.54 -32.83
N PRO L 44 -38.22 4.06 -31.95
CA PRO L 44 -38.23 2.67 -31.52
C PRO L 44 -39.43 2.36 -30.64
N GLN L 45 -40.17 1.33 -31.00
CA GLN L 45 -41.30 0.85 -30.24
C GLN L 45 -41.01 -0.56 -29.75
N PRO L 46 -40.91 -0.76 -28.43
CA PRO L 46 -40.66 -2.07 -27.87
C PRO L 46 -41.86 -2.99 -27.96
N TYR L 47 -41.62 -4.30 -28.06
CA TYR L 47 -42.62 -5.34 -28.23
C TYR L 47 -42.32 -6.39 -27.15
N PRO L 48 -43.27 -7.33 -26.90
CA PRO L 48 -43.07 -8.30 -25.82
C PRO L 48 -41.76 -9.10 -25.95
N THR L 49 -41.16 -9.40 -24.82
CA THR L 49 -39.88 -10.06 -24.77
C THR L 49 -40.00 -11.56 -25.08
N LEU L 50 -38.88 -12.15 -25.53
CA LEU L 50 -38.75 -13.57 -25.82
C LEU L 50 -37.69 -14.19 -24.90
N PRO L 51 -38.08 -15.14 -24.05
CA PRO L 51 -37.05 -15.82 -23.26
C PRO L 51 -36.04 -16.58 -24.15
N PRO L 52 -34.82 -16.83 -23.62
CA PRO L 52 -33.78 -17.61 -24.34
C PRO L 52 -34.35 -18.89 -24.92
N GLY L 53 -33.97 -19.23 -26.15
CA GLY L 53 -34.41 -20.48 -26.78
C GLY L 53 -35.86 -20.62 -27.23
N THR L 54 -36.66 -19.54 -27.18
CA THR L 54 -38.03 -19.60 -27.63
C THR L 54 -38.23 -18.91 -28.96
N GLY L 55 -39.33 -19.22 -29.65
CA GLY L 55 -39.72 -18.52 -30.85
C GLY L 55 -41.20 -18.20 -30.87
N ARG L 56 -41.59 -17.22 -31.66
CA ARG L 56 -42.98 -16.85 -31.82
C ARG L 56 -43.22 -16.48 -33.26
N ARG L 57 -44.36 -16.90 -33.76
CA ARG L 57 -44.80 -16.51 -35.08
C ARG L 57 -45.53 -15.21 -34.91
N ILE L 58 -45.12 -14.18 -35.63
CA ILE L 58 -45.72 -12.87 -35.49
C ILE L 58 -46.10 -12.24 -36.83
N HIS L 59 -47.02 -11.28 -36.74
CA HIS L 59 -47.56 -10.57 -37.90
C HIS L 59 -46.91 -9.22 -38.04
N SER L 60 -46.28 -9.00 -39.19
CA SER L 60 -45.63 -7.72 -39.48
C SER L 60 -45.95 -7.35 -40.93
N TYR L 61 -45.12 -6.53 -41.56
CA TYR L 61 -45.45 -5.97 -42.89
C TYR L 61 -44.18 -5.80 -43.67
N ARG L 62 -44.27 -5.90 -44.98
CA ARG L 62 -43.15 -5.68 -45.87
C ARG L 62 -42.64 -4.27 -45.68
N GLY L 63 -41.32 -4.13 -45.65
CA GLY L 63 -40.67 -2.86 -45.46
C GLY L 63 -40.67 -2.33 -44.03
N HIS L 64 -41.12 -3.12 -43.05
CA HIS L 64 -41.05 -2.70 -41.66
C HIS L 64 -39.69 -3.05 -41.09
N LEU L 65 -39.16 -2.20 -40.21
CA LEU L 65 -37.80 -2.38 -39.71
C LEU L 65 -37.81 -2.80 -38.25
N TRP L 66 -37.01 -3.80 -37.96
CA TRP L 66 -36.87 -4.35 -36.62
C TRP L 66 -35.42 -4.48 -36.20
N LEU L 67 -35.18 -4.35 -34.90
CA LEU L 67 -33.90 -4.71 -34.33
C LEU L 67 -34.12 -5.39 -33.01
N PHE L 68 -33.06 -5.94 -32.44
CA PHE L 68 -33.18 -6.80 -31.28
C PHE L 68 -32.10 -6.53 -30.24
N ARG L 69 -32.52 -6.40 -28.97
CA ARG L 69 -31.63 -6.08 -27.87
C ARG L 69 -31.87 -7.00 -26.70
N ASP L 70 -30.89 -7.04 -25.80
CA ASP L 70 -31.09 -7.68 -24.52
C ASP L 70 -32.10 -6.81 -23.76
N ALA L 71 -33.19 -7.43 -23.30
CA ALA L 71 -34.28 -6.69 -22.67
C ALA L 71 -33.90 -6.02 -21.35
N GLY L 72 -32.93 -6.59 -20.62
CA GLY L 72 -32.49 -5.99 -19.36
C GLY L 72 -31.41 -4.91 -19.44
N THR L 73 -30.42 -5.12 -20.32
CA THR L 73 -29.24 -4.26 -20.42
C THR L 73 -29.17 -3.42 -21.70
N HIS L 74 -29.98 -3.79 -22.70
CA HIS L 74 -29.98 -3.19 -24.04
C HIS L 74 -28.75 -3.49 -24.91
N ASP L 75 -27.96 -4.49 -24.53
CA ASP L 75 -26.84 -4.92 -25.39
C ASP L 75 -27.40 -5.29 -26.76
N GLY L 76 -26.66 -4.94 -27.80
CA GLY L 76 -27.06 -5.21 -29.17
C GLY L 76 -26.98 -6.69 -29.46
N LEU L 77 -27.89 -7.18 -30.29
CA LEU L 77 -27.92 -8.59 -30.71
C LEU L 77 -27.99 -8.60 -32.22
N LEU L 78 -27.70 -9.73 -32.84
CA LEU L 78 -27.78 -9.85 -34.30
C LEU L 78 -29.06 -10.56 -34.71
N VAL L 79 -29.54 -10.24 -35.92
CA VAL L 79 -30.68 -10.92 -36.53
C VAL L 79 -30.30 -11.26 -37.98
N ASN L 80 -30.40 -12.55 -38.31
CA ASN L 80 -29.77 -13.11 -39.51
C ASN L 80 -28.38 -12.51 -39.77
N GLN L 81 -27.56 -12.47 -38.73
CA GLN L 81 -26.15 -12.02 -38.84
C GLN L 81 -25.99 -10.53 -39.13
N THR L 82 -27.02 -9.73 -38.92
CA THR L 82 -26.86 -8.29 -39.09
C THR L 82 -27.66 -7.49 -38.08
N GLU L 83 -27.68 -6.18 -38.24
CA GLU L 83 -28.25 -5.28 -37.27
C GLU L 83 -29.75 -5.19 -37.42
N LEU L 84 -30.21 -4.99 -38.66
CA LEU L 84 -31.60 -4.76 -38.95
C LEU L 84 -32.24 -5.94 -39.67
N PHE L 85 -33.53 -6.15 -39.39
CA PHE L 85 -34.35 -7.15 -40.05
C PHE L 85 -35.57 -6.47 -40.68
N VAL L 86 -35.78 -6.75 -41.96
CA VAL L 86 -36.90 -6.22 -42.72
C VAL L 86 -37.72 -7.37 -43.30
N PRO L 87 -38.97 -7.57 -42.85
CA PRO L 87 -39.81 -8.63 -43.45
C PRO L 87 -39.98 -8.49 -44.96
N SER L 88 -39.96 -9.62 -45.65
CA SER L 88 -40.05 -9.65 -47.07
C SER L 88 -41.34 -10.40 -47.49
N LEU L 89 -41.54 -10.53 -48.79
CA LEU L 89 -42.69 -11.25 -49.33
C LEU L 89 -42.60 -12.73 -48.97
N ASN L 90 -43.65 -13.27 -48.37
CA ASN L 90 -43.73 -14.71 -48.12
C ASN L 90 -43.95 -15.44 -49.43
N VAL L 91 -43.03 -16.33 -49.77
CA VAL L 91 -43.05 -16.95 -51.09
C VAL L 91 -44.09 -18.09 -51.20
N ASP L 92 -43.99 -19.13 -50.37
CA ASP L 92 -44.81 -20.34 -50.53
C ASP L 92 -45.51 -20.69 -49.22
N GLY L 93 -46.18 -19.70 -48.64
CA GLY L 93 -46.76 -19.83 -47.31
C GLY L 93 -45.73 -20.01 -46.20
N GLN L 94 -44.43 -19.91 -46.54
CA GLN L 94 -43.35 -20.00 -45.58
C GLN L 94 -43.25 -18.67 -44.86
N PRO L 95 -43.24 -18.69 -43.52
CA PRO L 95 -42.83 -17.49 -42.83
C PRO L 95 -41.33 -17.27 -42.97
N ILE L 96 -40.92 -16.02 -42.78
CA ILE L 96 -39.55 -15.61 -42.82
C ILE L 96 -38.95 -15.76 -41.43
N PHE L 97 -37.85 -16.49 -41.32
CA PHE L 97 -37.15 -16.61 -40.04
C PHE L 97 -36.26 -15.41 -39.74
N ALA L 98 -36.47 -14.81 -38.56
CA ALA L 98 -35.56 -13.84 -38.00
C ALA L 98 -34.83 -14.55 -36.86
N ASN L 99 -33.62 -15.01 -37.16
CA ASN L 99 -32.80 -15.76 -36.22
C ASN L 99 -31.95 -14.79 -35.43
N ILE L 100 -32.27 -14.67 -34.16
CA ILE L 100 -31.67 -13.72 -33.27
C ILE L 100 -30.59 -14.46 -32.50
N THR L 101 -29.36 -13.92 -32.55
CA THR L 101 -28.20 -14.56 -31.95
C THR L 101 -27.32 -13.53 -31.22
N LEU L 102 -26.49 -14.04 -30.30
CA LEU L 102 -25.41 -13.22 -29.72
C LEU L 102 -24.36 -12.90 -30.75
N PRO L 103 -23.92 -11.64 -30.81
CA PRO L 103 -22.66 -11.45 -31.53
C PRO L 103 -21.48 -11.99 -30.73
N VAL L 104 -20.35 -12.14 -31.42
CA VAL L 104 -19.07 -12.29 -30.77
C VAL L 104 -18.62 -10.90 -30.34
N TYR L 105 -18.94 -10.54 -29.10
CA TYR L 105 -18.50 -9.26 -28.57
C TYR L 105 -16.97 -9.24 -28.45
N THR L 106 -16.38 -8.07 -28.58
CA THR L 106 -14.99 -7.90 -28.18
C THR L 106 -14.89 -8.23 -26.69
N LEU L 107 -13.72 -8.65 -26.25
CA LEU L 107 -13.50 -8.93 -24.83
C LEU L 107 -13.76 -7.69 -23.98
N LYS L 108 -13.34 -6.54 -24.48
CA LYS L 108 -13.57 -5.28 -23.80
C LYS L 108 -15.06 -5.04 -23.60
N GLU L 109 -15.86 -5.22 -24.63
CA GLU L 109 -17.29 -4.96 -24.47
C GLU L 109 -17.96 -5.94 -23.52
N ARG L 110 -17.58 -7.19 -23.60
CA ARG L 110 -18.09 -8.20 -22.69
C ARG L 110 -17.70 -7.93 -21.21
N CYS L 111 -16.46 -7.52 -20.95
CA CYS L 111 -16.06 -7.11 -19.60
C CYS L 111 -16.90 -5.92 -19.11
N LEU L 112 -17.11 -4.93 -19.95
CA LEU L 112 -17.95 -3.81 -19.56
C LEU L 112 -19.36 -4.28 -19.18
N GLN L 113 -19.90 -5.28 -19.88
CA GLN L 113 -21.23 -5.81 -19.54
C GLN L 113 -21.26 -6.45 -18.18
N VAL L 114 -20.24 -7.25 -17.85
CA VAL L 114 -20.25 -7.91 -16.56
C VAL L 114 -20.13 -6.89 -15.41
N VAL L 115 -19.24 -5.92 -15.58
CA VAL L 115 -19.00 -4.93 -14.55
C VAL L 115 -20.26 -4.08 -14.31
N ARG L 116 -20.95 -3.70 -15.38
CA ARG L 116 -22.21 -2.97 -15.25
C ARG L 116 -23.28 -3.81 -14.56
N SER L 117 -23.27 -5.12 -14.78
CA SER L 117 -24.24 -6.01 -14.14
C SER L 117 -24.02 -6.17 -12.62
N LEU L 118 -22.86 -5.73 -12.11
CA LEU L 118 -22.51 -5.93 -10.70
C LEU L 118 -22.46 -4.64 -9.90
N VAL L 119 -22.13 -3.54 -10.58
CA VAL L 119 -21.91 -2.25 -9.94
C VAL L 119 -23.08 -1.32 -10.25
N LYS L 120 -23.76 -0.85 -9.21
CA LYS L 120 -24.82 0.14 -9.37
C LYS L 120 -24.21 1.41 -9.99
N PRO L 121 -24.92 2.05 -10.95
CA PRO L 121 -24.41 3.21 -11.71
C PRO L 121 -23.86 4.37 -10.86
N GLU L 122 -24.37 4.53 -9.64
CA GLU L 122 -23.89 5.57 -8.74
C GLU L 122 -22.54 5.22 -8.10
N ASN L 123 -21.82 4.23 -8.66
CA ASN L 123 -20.53 3.79 -8.10
C ASN L 123 -19.38 3.59 -9.10
N TYR L 124 -19.61 3.74 -10.40
CA TYR L 124 -18.57 3.51 -11.41
C TYR L 124 -17.30 4.32 -11.14
N ARG L 125 -17.45 5.58 -10.76
CA ARG L 125 -16.31 6.48 -10.52
C ARG L 125 -15.46 6.05 -9.32
N ARG L 126 -16.06 5.32 -8.39
CA ARG L 126 -15.33 4.76 -7.26
C ARG L 126 -14.23 3.77 -7.69
N LEU L 127 -14.52 2.93 -8.68
CA LEU L 127 -13.59 1.88 -9.17
C LEU L 127 -12.19 2.38 -9.48
N ASP L 128 -11.18 1.54 -9.25
CA ASP L 128 -9.79 1.91 -9.47
C ASP L 128 -9.36 1.54 -10.88
N ILE L 129 -9.67 2.42 -11.84
CA ILE L 129 -9.28 2.21 -13.24
C ILE L 129 -8.96 3.52 -13.95
N VAL L 130 -8.29 3.42 -15.09
CA VAL L 130 -7.97 4.57 -15.94
C VAL L 130 -9.25 5.35 -16.33
N ARG L 131 -9.12 6.68 -16.36
CA ARG L 131 -10.25 7.60 -16.57
C ARG L 131 -11.13 7.20 -17.76
N SER L 132 -10.45 6.97 -18.88
CA SER L 132 -11.00 6.44 -20.11
C SER L 132 -12.07 5.35 -19.91
N LEU L 133 -11.81 4.38 -19.02
CA LEU L 133 -12.73 3.26 -18.78
C LEU L 133 -14.00 3.66 -18.01
N TYR L 134 -13.95 4.76 -17.27
CA TYR L 134 -15.14 5.33 -16.64
C TYR L 134 -16.11 5.75 -17.72
N GLU L 135 -15.57 6.46 -18.71
CA GLU L 135 -16.30 6.91 -19.89
C GLU L 135 -16.94 5.74 -20.64
N ASP L 136 -16.20 4.65 -20.79
CA ASP L 136 -16.70 3.47 -21.50
C ASP L 136 -17.86 2.82 -20.73
N LEU L 137 -17.74 2.72 -19.42
CA LEU L 137 -18.82 2.15 -18.61
C LEU L 137 -20.09 2.99 -18.66
N GLU L 138 -19.95 4.33 -18.58
CA GLU L 138 -21.09 5.26 -18.60
C GLU L 138 -21.79 5.27 -19.95
N ASP L 139 -21.05 5.00 -21.01
CA ASP L 139 -21.61 4.97 -22.36
C ASP L 139 -22.44 3.68 -22.57
N HIS L 140 -23.52 3.52 -21.81
CA HIS L 140 -24.43 2.38 -21.87
C HIS L 140 -24.96 2.11 -23.27
N PRO L 141 -25.14 0.82 -23.63
CA PRO L 141 -25.82 0.49 -24.88
C PRO L 141 -27.22 1.11 -24.91
N ASN L 142 -27.61 1.59 -26.07
CA ASN L 142 -28.73 2.53 -26.17
C ASN L 142 -29.19 2.41 -27.61
N VAL L 143 -30.45 2.03 -27.81
CA VAL L 143 -30.99 1.91 -29.15
C VAL L 143 -30.86 3.23 -29.91
N GLN L 144 -31.25 4.33 -29.28
CA GLN L 144 -31.24 5.64 -29.93
C GLN L 144 -29.84 6.01 -30.43
N LYS L 145 -28.80 5.79 -29.62
CA LYS L 145 -27.43 6.06 -30.07
C LYS L 145 -27.01 5.12 -31.19
N ASP L 146 -27.44 3.86 -31.15
CA ASP L 146 -27.16 2.92 -32.26
C ASP L 146 -27.86 3.32 -33.56
N LEU L 147 -29.10 3.78 -33.47
CA LEU L 147 -29.82 4.31 -34.62
C LEU L 147 -29.13 5.54 -35.18
N GLU L 148 -28.57 6.35 -34.29
CA GLU L 148 -27.74 7.48 -34.74
C GLU L 148 -26.54 6.96 -35.56
N ARG L 149 -25.80 5.98 -35.02
CA ARG L 149 -24.64 5.43 -35.71
C ARG L 149 -25.00 4.74 -37.04
N LEU L 150 -26.05 3.91 -37.04
CA LEU L 150 -26.48 3.25 -38.28
C LEU L 150 -26.78 4.27 -39.38
N THR L 151 -27.43 5.37 -39.02
CA THR L 151 -27.72 6.44 -39.97
C THR L 151 -26.47 7.13 -40.50
N GLN L 152 -25.41 7.21 -39.69
CA GLN L 152 -24.10 7.68 -40.16
C GLN L 152 -23.44 6.62 -41.06
N GLU L 153 -24.13 6.26 -42.15
CA GLU L 153 -23.76 5.12 -42.99
C GLU L 153 -24.81 4.92 -44.08
CAD 3JJ M . -8.44 20.34 -28.88
CAA 3JJ M . -7.76 20.19 -30.25
OAC 3JJ M . -7.36 21.20 -30.84
N 3JJ M . -7.66 18.96 -30.79
CA 3JJ M . -8.09 17.72 -30.10
CB 3JJ M . -8.78 16.76 -31.08
CG1 3JJ M . -7.83 16.22 -32.14
CBO 3JJ M . -9.91 17.53 -31.77
CG2 3JJ M . -9.43 15.61 -30.28
C 3JJ M . -6.83 17.19 -29.36
O 3JJ M . -5.71 17.22 -29.86
NAH 3JJ M . -7.05 16.88 -28.09
CAI 3JJ M . -5.99 16.58 -27.15
CAJ 3JJ M . -6.32 17.40 -25.88
CAL 3JJ M . -5.33 17.10 -24.73
CAM 3JJ M . -7.77 17.13 -25.36
CAK 3JJ M . -6.20 18.91 -26.22
CAO 3JJ M . -5.87 15.07 -26.93
OAP 3JJ M . -6.88 14.40 -26.85
NAQ 3JJ M . -4.63 14.54 -26.79
CAU 3JJ M . -3.30 15.17 -26.91
CAT 3JJ M . -2.33 14.01 -27.17
OAX 3JJ M . -2.24 13.73 -28.57
CAS 3JJ M . -2.92 12.83 -26.53
CAR 3JJ M . -4.45 13.07 -26.56
CAV 3JJ M . -5.03 12.65 -25.35
OAW 3JJ M . -5.03 13.40 -24.38
NAY 3JJ M . -5.52 11.37 -25.29
CAZ 3JJ M . -6.06 10.84 -24.04
CBA 3JJ M . -5.04 10.15 -23.33
CBF 3JJ M . -3.77 9.83 -23.87
CBE 3JJ M . -2.80 9.17 -23.08
CBB 3JJ M . -5.29 9.76 -22.00
CBC 3JJ M . -4.32 9.09 -21.23
CBD 3JJ M . -3.05 8.78 -21.77
CBG 3JJ M . -2.10 8.14 -21.05
SBK 3JJ M . -0.38 8.46 -21.12
CBJ 3JJ M . 0.02 7.34 -19.98
NBI 3JJ M . -1.09 6.73 -19.57
CBH 3JJ M . -2.25 7.16 -20.14
CBL 3JJ M . -3.59 6.53 -19.72
CAD 3JJ N . -18.20 34.14 14.73
CAA 3JJ N . -17.86 33.92 13.26
OAC 3JJ N . -17.49 34.87 12.58
N 3JJ N . -17.96 32.67 12.75
CA 3JJ N . -18.41 31.48 13.51
CB 3JJ N . -19.04 30.41 12.59
CG1 3JJ N . -18.03 29.84 11.58
CBO 3JJ N . -20.20 31.03 11.80
CG2 3JJ N . -19.62 29.27 13.46
C 3JJ N . -17.21 30.94 14.35
O 3JJ N . -16.08 30.87 13.87
NAH 3JJ N . -17.50 30.65 15.63
CAI 3JJ N . -16.49 30.25 16.62
CAJ 3JJ N . -16.83 30.96 17.96
CAL 3JJ N . -15.75 30.71 19.01
CAM 3JJ N . -18.19 30.51 18.53
CAK 3JJ N . -16.87 32.47 17.72
CAO 3JJ N . -16.42 28.72 16.78
OAP 3JJ N . -17.46 28.07 16.82
NAQ 3JJ N . -15.20 28.16 16.98
CAU 3JJ N . -13.83 28.73 16.95
CAT 3JJ N . -12.90 27.54 16.69
OAX 3JJ N . -12.67 27.32 15.28
CAS 3JJ N . -13.59 26.32 17.14
CAR 3JJ N . -15.09 26.67 17.18
CAV 3JJ N . -15.64 26.27 18.40
OAW 3JJ N . -15.69 27.07 19.33
NAY 3JJ N . -16.09 24.98 18.49
CAZ 3JJ N . -16.62 24.46 19.75
CBA 3JJ N . -15.59 23.82 20.50
CBF 3JJ N . -14.34 23.44 19.97
CBE 3JJ N . -13.38 22.83 20.79
CBB 3JJ N . -15.83 23.53 21.85
CBC 3JJ N . -14.87 22.90 22.65
CBD 3JJ N . -13.62 22.52 22.14
CBG 3JJ N . -12.68 21.92 22.90
SBK 3JJ N . -10.99 22.22 22.82
CBJ 3JJ N . -10.58 21.14 24.02
NBI 3JJ N . -11.68 20.56 24.46
CBH 3JJ N . -12.83 20.97 23.86
CBL 3JJ N . -14.16 20.34 24.32
CAD 3JJ O . -61.81 15.69 5.26
CAA 3JJ O . -61.16 15.62 3.88
OAC 3JJ O . -60.81 16.66 3.33
N 3JJ O . -61.03 14.41 3.29
CA 3JJ O . -61.39 13.15 3.94
CB 3JJ O . -61.95 12.10 2.95
CG1 3JJ O . -60.91 11.68 1.90
CBO 3JJ O . -63.17 12.70 2.23
CG2 3JJ O . -62.43 10.88 3.76
C 3JJ O . -60.12 12.70 4.72
O 3JJ O . -59.01 12.73 4.21
NAH 3JJ O . -60.34 12.43 5.99
CAI 3JJ O . -59.29 12.12 6.95
CAJ 3JJ O . -59.69 12.89 8.25
CAL 3JJ O . -58.66 12.63 9.37
CAM 3JJ O . -61.10 12.47 8.76
CAK 3JJ O . -59.71 14.40 8.00
CAO 3JJ O . -59.15 10.60 7.09
OAP 3JJ O . -60.12 9.85 7.11
NAQ 3JJ O . -57.91 10.10 7.20
CAU 3JJ O . -56.58 10.73 7.18
CAT 3JJ O . -55.61 9.59 6.95
OAX 3JJ O . -55.41 9.37 5.52
CAS 3JJ O . -56.24 8.36 7.44
CAR 3JJ O . -57.76 8.62 7.39
CAV 3JJ O . -58.36 8.18 8.60
OAW 3JJ O . -58.43 8.95 9.54
NAY 3JJ O . -58.73 6.89 8.69
CAZ 3JJ O . -59.29 6.32 9.93
CBA 3JJ O . -58.22 5.71 10.68
CBF 3JJ O . -56.95 5.38 10.16
CBE 3JJ O . -55.97 4.78 10.97
CBB 3JJ O . -58.43 5.42 12.04
CBC 3JJ O . -57.46 4.82 12.83
CBD 3JJ O . -56.19 4.49 12.32
CBG 3JJ O . -55.22 3.91 13.10
SBK 3JJ O . -53.60 4.31 13.10
CBJ 3JJ O . -53.14 3.19 14.27
NBI 3JJ O . -54.22 2.52 14.63
CBH 3JJ O . -55.36 2.91 14.00
CBL 3JJ O . -56.70 2.20 14.32
CAD 3JJ P . -51.71 1.64 -38.47
CAA 3JJ P . -50.95 1.69 -39.81
OAC 3JJ P . -50.60 2.77 -40.29
N 3JJ P . -50.74 0.54 -40.45
CA 3JJ P . -51.08 -0.76 -39.87
CB 3JJ P . -51.64 -1.71 -40.94
CG1 3JJ P . -50.60 -2.15 -41.98
CBO 3JJ P . -52.75 -0.99 -41.69
CG2 3JJ P . -52.26 -2.92 -40.23
C 3JJ P . -49.76 -1.16 -39.14
O 3JJ P . -48.69 -1.14 -39.72
NAH 3JJ P . -49.91 -1.33 -37.83
CAI 3JJ P . -48.82 -1.57 -36.88
CAJ 3JJ P . -49.21 -0.82 -35.56
CAL 3JJ P . -48.15 -1.00 -34.47
CAM 3JJ P . -50.58 -1.29 -34.95
CAK 3JJ P . -49.32 0.71 -35.84
CAO 3JJ P . -48.67 -3.08 -36.70
OAP 3JJ P . -49.65 -3.80 -36.67
NAQ 3JJ P . -47.43 -3.59 -36.56
CAU 3JJ P . -46.07 -2.97 -36.64
CAT 3JJ P . -45.12 -4.13 -36.84
OAX 3JJ P . -45.00 -4.45 -38.25
CAS 3JJ P . -45.75 -5.31 -36.20
CAR 3JJ P . -47.27 -5.07 -36.32
CAV 3JJ P . -47.92 -5.51 -35.13
OAW 3JJ P . -48.07 -4.74 -34.18
NAY 3JJ P . -48.27 -6.82 -35.05
CAZ 3JJ P . -48.82 -7.38 -33.82
CBA 3JJ P . -47.77 -8.00 -33.06
CBF 3JJ P . -46.47 -8.22 -33.55
CBE 3JJ P . -45.50 -8.84 -32.74
CBB 3JJ P . -48.03 -8.40 -31.74
CBC 3JJ P . -47.06 -9.01 -30.96
CBD 3JJ P . -45.75 -9.24 -31.44
CBG 3JJ P . -44.78 -9.84 -30.70
SBK 3JJ P . -43.12 -9.52 -30.76
CBJ 3JJ P . -42.65 -10.60 -29.64
NBI 3JJ P . -43.73 -11.22 -29.21
CBH 3JJ P . -44.90 -10.82 -29.77
CBL 3JJ P . -46.23 -11.50 -29.35
#